data_4PZU
#
_entry.id   4PZU
#
_cell.length_a   89.080
_cell.length_b   136.450
_cell.length_c   99.970
_cell.angle_alpha   90.000
_cell.angle_beta   103.740
_cell.angle_gamma   90.000
#
_symmetry.space_group_name_H-M   'P 1 21 1'
#
loop_
_entity.id
_entity.type
_entity.pdbx_description
1 polymer 'Uncharacterized protein Rv3404c/MT3512'
2 non-polymer 1,2-ETHANEDIOL
3 water water
#
_entity_poly.entity_id   1
_entity_poly.type   'polypeptide(L)'
_entity_poly.pdbx_seq_one_letter_code
;MAHHHHHHMGTLEAQTQGPGSMVTILILTDNVHAHALAVDLQARHGDMDVYQSPIGQLPGVPRCDVAERVAEIVERYDLV
LSFHCKQRFPAALIDGVRCVNVHPGFNPYNRGWFPQVFSIIDGQKVGVTIHEIDDQLDHGPIIAQRECAIESWDSSGSVY
ARLMDIERELVLEHFDAIRDGSYTAKSPATEGNLNLKKDFEQLRRLDLNERGTFGHFLNRLRALTHDDFRNAWFVDASGR
KVFVRVVLEPEKPAEA
;
_entity_poly.pdbx_strand_id   A,B,C,D,E,F,G,H
#
loop_
_chem_comp.id
_chem_comp.type
_chem_comp.name
_chem_comp.formula
EDO non-polymer 1,2-ETHANEDIOL 'C2 H6 O2'
#
# COMPACT_ATOMS: atom_id res chain seq x y z
N MET A 22 -5.37 -43.79 22.39
CA MET A 22 -5.19 -44.06 23.85
C MET A 22 -3.82 -43.57 24.35
N VAL A 23 -2.98 -43.08 23.43
CA VAL A 23 -1.66 -42.59 23.81
C VAL A 23 -1.76 -41.11 24.20
N THR A 24 -1.55 -40.78 25.46
CA THR A 24 -1.71 -39.39 25.88
C THR A 24 -0.35 -38.69 25.83
N ILE A 25 -0.27 -37.64 25.01
CA ILE A 25 1.01 -36.98 24.70
C ILE A 25 1.16 -35.58 25.28
N LEU A 26 2.34 -35.34 25.84
CA LEU A 26 2.73 -33.98 26.20
C LEU A 26 3.79 -33.49 25.24
N ILE A 27 3.47 -32.42 24.52
CA ILE A 27 4.47 -31.70 23.73
C ILE A 27 5.00 -30.52 24.55
N LEU A 28 6.33 -30.36 24.54
CA LEU A 28 6.99 -29.17 25.09
C LEU A 28 7.82 -28.51 24.01
N THR A 29 7.63 -27.22 23.83
CA THR A 29 8.57 -26.46 23.00
C THR A 29 8.48 -24.99 23.29
N ASP A 30 9.59 -24.30 23.09
CA ASP A 30 9.64 -22.86 23.26
C ASP A 30 9.70 -22.19 21.91
N ASN A 31 9.80 -23.01 20.87
CA ASN A 31 9.99 -22.50 19.54
C ASN A 31 8.67 -22.21 18.80
N VAL A 32 8.63 -21.10 18.10
CA VAL A 32 7.40 -20.61 17.48
C VAL A 32 6.97 -21.51 16.30
N HIS A 33 7.92 -22.02 15.51
CA HIS A 33 7.54 -22.88 14.39
C HIS A 33 7.16 -24.28 14.90
N ALA A 34 7.90 -24.80 15.86
CA ALA A 34 7.60 -26.12 16.43
C ALA A 34 6.25 -26.05 17.12
N HIS A 35 5.95 -24.91 17.71
CA HIS A 35 4.64 -24.79 18.37
C HIS A 35 3.49 -24.85 17.35
N ALA A 36 3.60 -24.13 16.21
CA ALA A 36 2.55 -24.24 15.17
C ALA A 36 2.42 -25.70 14.70
N LEU A 37 3.55 -26.41 14.55
CA LEU A 37 3.48 -27.82 14.21
C LEU A 37 2.71 -28.66 15.26
N ALA A 38 3.04 -28.42 16.54
CA ALA A 38 2.38 -29.10 17.64
C ALA A 38 0.87 -28.88 17.63
N VAL A 39 0.47 -27.67 17.28
CA VAL A 39 -0.96 -27.35 17.33
C VAL A 39 -1.65 -28.14 16.21
N ASP A 40 -0.97 -28.29 15.08
CA ASP A 40 -1.52 -29.09 13.98
C ASP A 40 -1.56 -30.56 14.35
N LEU A 41 -0.54 -31.04 15.05
CA LEU A 41 -0.53 -32.44 15.49
C LEU A 41 -1.68 -32.68 16.45
N GLN A 42 -1.91 -31.73 17.36
CA GLN A 42 -2.95 -31.82 18.37
C GLN A 42 -4.34 -31.88 17.71
N ALA A 43 -4.56 -31.05 16.70
CA ALA A 43 -5.81 -31.12 15.92
C ALA A 43 -6.07 -32.50 15.29
N ARG A 44 -5.02 -33.17 14.84
CA ARG A 44 -5.12 -34.52 14.27
C ARG A 44 -5.16 -35.62 15.34
N HIS A 45 -4.43 -35.46 16.45
CA HIS A 45 -4.33 -36.51 17.46
C HIS A 45 -5.41 -36.45 18.53
N GLY A 46 -5.71 -35.28 19.05
CA GLY A 46 -6.70 -35.16 20.11
C GLY A 46 -6.13 -35.16 21.53
N ASP A 47 -5.75 -36.34 22.03
CA ASP A 47 -5.27 -36.53 23.39
C ASP A 47 -3.80 -36.06 23.55
N MET A 48 -3.62 -34.74 23.56
CA MET A 48 -2.31 -34.11 23.51
C MET A 48 -2.40 -32.69 24.12
N ASP A 49 -1.50 -32.39 25.06
CA ASP A 49 -1.38 -31.04 25.57
C ASP A 49 -0.12 -30.41 25.01
N VAL A 50 -0.19 -29.10 24.74
CA VAL A 50 0.95 -28.32 24.21
C VAL A 50 1.42 -27.25 25.25
N TYR A 51 2.64 -27.41 25.77
CA TYR A 51 3.18 -26.47 26.74
C TYR A 51 4.50 -25.89 26.28
N GLN A 52 4.83 -24.74 26.86
CA GLN A 52 6.16 -24.13 26.74
C GLN A 52 6.80 -24.18 28.13
N SER A 53 8.07 -23.75 28.22
CA SER A 53 8.81 -23.81 29.50
C SER A 53 8.53 -22.54 30.32
N PRO A 54 9.04 -22.45 31.58
CA PRO A 54 8.77 -21.18 32.30
C PRO A 54 9.47 -19.99 31.66
N ILE A 55 10.41 -20.23 30.75
CA ILE A 55 11.12 -19.13 30.09
C ILE A 55 10.66 -18.93 28.63
N GLY A 56 9.67 -19.71 28.17
CA GLY A 56 9.19 -19.53 26.82
C GLY A 56 8.56 -18.15 26.68
N GLN A 57 8.63 -17.61 25.49
CA GLN A 57 8.05 -16.34 25.20
C GLN A 57 6.87 -16.51 24.21
N LEU A 58 6.24 -17.68 24.16
CA LEU A 58 5.09 -17.84 23.26
C LEU A 58 3.79 -17.33 23.92
N PRO A 59 3.21 -16.25 23.40
CA PRO A 59 2.04 -15.71 24.11
C PRO A 59 0.85 -16.67 24.10
N GLY A 60 0.22 -16.85 25.24
CA GLY A 60 -1.02 -17.64 25.29
C GLY A 60 -0.73 -19.14 25.35
N VAL A 61 0.55 -19.52 25.42
CA VAL A 61 0.87 -20.94 25.51
C VAL A 61 1.09 -21.27 26.98
N PRO A 62 0.34 -22.27 27.53
CA PRO A 62 0.52 -22.58 28.94
C PRO A 62 1.93 -23.07 29.28
N ARG A 63 2.32 -22.91 30.54
CA ARG A 63 3.72 -23.12 30.91
C ARG A 63 3.86 -24.30 31.85
N CYS A 64 4.91 -25.06 31.65
CA CYS A 64 5.19 -26.27 32.47
C CYS A 64 6.65 -26.20 32.92
N ASP A 65 6.84 -26.25 34.25
CA ASP A 65 8.16 -26.24 34.86
C ASP A 65 8.54 -27.71 35.01
N VAL A 66 9.21 -28.24 34.00
CA VAL A 66 9.38 -29.69 33.89
C VAL A 66 10.07 -30.32 35.12
N ALA A 67 11.12 -29.70 35.63
CA ALA A 67 11.82 -30.22 36.82
C ALA A 67 10.87 -30.37 38.03
N GLU A 68 9.92 -29.44 38.16
CA GLU A 68 9.02 -29.42 39.33
C GLU A 68 7.81 -30.34 39.17
N ARG A 69 7.69 -30.99 38.01
CA ARG A 69 6.44 -31.57 37.61
C ARG A 69 6.53 -33.03 37.16
N VAL A 70 7.63 -33.68 37.56
CA VAL A 70 8.00 -34.99 37.02
C VAL A 70 6.95 -36.01 37.38
N ALA A 71 6.63 -36.12 38.67
CA ALA A 71 5.63 -37.07 39.11
C ALA A 71 4.28 -36.85 38.39
N GLU A 72 3.91 -35.59 38.21
CA GLU A 72 2.64 -35.23 37.54
C GLU A 72 2.63 -35.64 36.07
N ILE A 73 3.72 -35.36 35.38
CA ILE A 73 3.86 -35.71 33.96
C ILE A 73 3.80 -37.23 33.81
N VAL A 74 4.60 -37.93 34.61
CA VAL A 74 4.71 -39.39 34.56
C VAL A 74 3.36 -40.01 34.77
N GLU A 75 2.55 -39.48 35.67
CA GLU A 75 1.26 -40.17 35.89
C GLU A 75 0.25 -39.84 34.79
N ARG A 76 0.25 -38.60 34.31
CA ARG A 76 -0.74 -38.14 33.34
C ARG A 76 -0.49 -38.47 31.85
N TYR A 77 0.75 -38.72 31.43
CA TYR A 77 1.07 -38.85 29.98
C TYR A 77 1.76 -40.15 29.66
N ASP A 78 1.71 -40.58 28.40
CA ASP A 78 2.33 -41.83 27.93
C ASP A 78 3.56 -41.54 27.12
N LEU A 79 3.65 -40.31 26.64
CA LEU A 79 4.79 -39.91 25.82
C LEU A 79 5.02 -38.43 26.03
N VAL A 80 6.29 -38.07 26.14
CA VAL A 80 6.71 -36.67 26.16
C VAL A 80 7.52 -36.44 24.89
N LEU A 81 7.03 -35.50 24.08
CA LEU A 81 7.65 -35.21 22.80
C LEU A 81 8.07 -33.73 22.80
N SER A 82 9.37 -33.45 22.83
CA SER A 82 9.83 -32.06 22.86
C SER A 82 10.37 -31.65 21.51
N PHE A 83 10.38 -30.34 21.25
CA PHE A 83 10.94 -29.83 20.00
C PHE A 83 11.99 -28.77 20.34
N HIS A 84 13.21 -28.91 19.80
CA HIS A 84 14.29 -27.92 19.99
C HIS A 84 14.66 -27.76 21.48
N CYS A 85 14.55 -28.83 22.24
CA CYS A 85 14.70 -28.73 23.67
C CYS A 85 16.17 -28.43 23.98
N LYS A 86 16.39 -27.45 24.85
CA LYS A 86 17.77 -27.02 25.18
C LYS A 86 18.19 -27.35 26.60
N GLN A 87 17.24 -27.64 27.47
CA GLN A 87 17.55 -27.99 28.86
C GLN A 87 17.47 -29.49 28.98
N ARG A 88 18.47 -30.13 29.57
CA ARG A 88 18.41 -31.57 29.78
C ARG A 88 17.24 -31.96 30.67
N PHE A 89 16.66 -33.11 30.37
CA PHE A 89 15.48 -33.57 31.07
C PHE A 89 15.93 -34.17 32.37
N PRO A 90 15.10 -34.02 33.42
CA PRO A 90 15.33 -34.72 34.67
C PRO A 90 15.45 -36.19 34.43
N ALA A 91 16.45 -36.81 35.05
CA ALA A 91 16.67 -38.24 34.98
C ALA A 91 15.43 -39.07 35.33
N ALA A 92 14.71 -38.72 36.40
CA ALA A 92 13.47 -39.46 36.78
C ALA A 92 12.35 -39.41 35.69
N LEU A 93 12.31 -38.30 34.96
CA LEU A 93 11.36 -38.14 33.86
C LEU A 93 11.67 -39.13 32.71
N ILE A 94 12.94 -39.14 32.25
CA ILE A 94 13.41 -40.04 31.18
C ILE A 94 13.10 -41.47 31.53
N ASP A 95 13.36 -41.82 32.81
CA ASP A 95 13.13 -43.15 33.32
C ASP A 95 11.65 -43.46 33.50
N GLY A 96 10.86 -42.44 33.84
CA GLY A 96 9.42 -42.67 34.15
C GLY A 96 8.47 -42.74 32.95
N VAL A 97 8.82 -42.10 31.86
CA VAL A 97 7.90 -42.04 30.73
C VAL A 97 8.75 -41.97 29.46
N ARG A 98 8.23 -42.49 28.35
CA ARG A 98 8.97 -42.42 27.09
C ARG A 98 9.10 -40.96 26.62
N CYS A 99 10.34 -40.53 26.39
CA CYS A 99 10.67 -39.15 26.00
C CYS A 99 11.39 -39.14 24.68
N VAL A 100 10.93 -38.25 23.80
CA VAL A 100 11.49 -38.12 22.45
C VAL A 100 11.67 -36.65 22.17
N ASN A 101 12.78 -36.32 21.50
CA ASN A 101 13.04 -34.91 21.14
C ASN A 101 13.14 -34.75 19.63
N VAL A 102 12.77 -33.57 19.15
CA VAL A 102 12.97 -33.23 17.76
C VAL A 102 13.99 -32.07 17.73
N HIS A 103 15.18 -32.36 17.18
CA HIS A 103 16.26 -31.41 17.12
C HIS A 103 16.57 -31.00 15.67
N PRO A 104 16.63 -29.68 15.40
CA PRO A 104 16.89 -29.19 14.04
C PRO A 104 18.40 -29.12 13.72
N GLY A 105 19.08 -30.23 13.97
CA GLY A 105 20.43 -30.52 13.40
C GLY A 105 20.49 -31.98 12.96
N PHE A 106 21.53 -32.34 12.20
CA PHE A 106 21.77 -33.76 11.87
C PHE A 106 22.70 -34.44 12.89
N ASN A 107 22.15 -35.06 13.93
CA ASN A 107 22.96 -35.78 14.94
C ASN A 107 23.87 -36.81 14.25
N PRO A 108 25.13 -36.97 14.74
CA PRO A 108 25.63 -36.29 15.91
C PRO A 108 26.34 -34.97 15.61
N TYR A 109 26.18 -34.40 14.42
CA TYR A 109 27.02 -33.24 14.06
C TYR A 109 26.40 -31.92 14.44
N ASN A 110 27.21 -31.05 15.02
CA ASN A 110 26.74 -29.77 15.55
C ASN A 110 25.46 -29.89 16.33
N ARG A 111 25.50 -30.78 17.32
CA ARG A 111 24.44 -30.89 18.32
C ARG A 111 24.36 -29.58 19.07
N GLY A 112 23.23 -29.34 19.73
CA GLY A 112 23.04 -28.16 20.56
C GLY A 112 22.51 -26.97 19.79
N TRP A 113 23.11 -25.82 20.09
CA TRP A 113 22.51 -24.53 19.66
C TRP A 113 22.76 -24.21 18.19
N PHE A 114 21.71 -23.80 17.50
CA PHE A 114 21.79 -23.25 16.14
C PHE A 114 22.67 -24.08 15.19
N PRO A 115 22.36 -25.37 15.00
CA PRO A 115 23.24 -26.19 14.14
C PRO A 115 23.60 -25.61 12.77
N GLN A 116 22.64 -25.03 12.05
CA GLN A 116 22.93 -24.44 10.71
C GLN A 116 24.03 -23.34 10.75
N VAL A 117 24.05 -22.54 11.82
CA VAL A 117 25.15 -21.57 12.01
C VAL A 117 26.50 -22.27 11.97
N PHE A 118 26.64 -23.28 12.80
CA PHE A 118 27.90 -23.99 12.93
C PHE A 118 28.23 -24.84 11.70
N SER A 119 27.23 -25.39 11.03
CA SER A 119 27.47 -26.18 9.84
C SER A 119 27.82 -25.30 8.64
N ILE A 120 27.19 -24.13 8.54
CA ILE A 120 27.59 -23.20 7.49
C ILE A 120 29.10 -22.93 7.63
N ILE A 121 29.60 -22.80 8.86
CA ILE A 121 31.01 -22.58 9.08
C ILE A 121 31.87 -23.85 8.87
N ASP A 122 31.45 -25.01 9.36
CA ASP A 122 32.38 -26.12 9.35
C ASP A 122 32.16 -27.15 8.24
N GLY A 123 31.12 -26.97 7.43
CA GLY A 123 30.86 -27.90 6.33
C GLY A 123 30.21 -29.21 6.78
N GLN A 124 29.92 -29.36 8.06
CA GLN A 124 29.24 -30.61 8.48
C GLN A 124 27.76 -30.64 8.03
N LYS A 125 27.15 -31.83 8.00
CA LYS A 125 25.75 -31.97 7.64
C LYS A 125 24.86 -31.17 8.61
N VAL A 126 23.78 -30.60 8.09
CA VAL A 126 22.70 -30.11 8.93
C VAL A 126 21.41 -30.79 8.48
N GLY A 127 20.38 -30.74 9.31
CA GLY A 127 19.15 -31.47 9.02
C GLY A 127 18.29 -31.48 10.26
N VAL A 128 17.37 -32.43 10.33
CA VAL A 128 16.47 -32.56 11.49
C VAL A 128 16.58 -34.02 11.97
N THR A 129 16.60 -34.22 13.30
CA THR A 129 16.77 -35.55 13.89
C THR A 129 15.74 -35.74 14.99
N ILE A 130 15.04 -36.85 14.91
CA ILE A 130 14.05 -37.20 15.95
C ILE A 130 14.74 -38.29 16.71
N HIS A 131 14.93 -38.11 18.01
CA HIS A 131 15.70 -39.09 18.76
C HIS A 131 15.14 -39.31 20.16
N GLU A 132 15.45 -40.48 20.71
CA GLU A 132 15.15 -40.74 22.11
C GLU A 132 16.03 -39.86 22.98
N ILE A 133 15.45 -39.34 24.06
CA ILE A 133 16.16 -38.47 25.00
C ILE A 133 16.93 -39.34 25.99
N ASP A 134 18.21 -39.07 26.13
CA ASP A 134 19.06 -39.62 27.21
C ASP A 134 19.60 -38.44 28.03
N ASP A 135 20.64 -38.69 28.84
CA ASP A 135 21.20 -37.69 29.77
C ASP A 135 22.19 -36.65 29.18
N GLN A 136 22.42 -36.67 27.85
CA GLN A 136 23.14 -35.58 27.19
C GLN A 136 22.27 -34.89 26.16
N LEU A 137 22.67 -33.68 25.76
CA LEU A 137 21.92 -32.89 24.82
C LEU A 137 22.01 -33.42 23.38
N ASP A 138 20.85 -33.62 22.73
CA ASP A 138 20.82 -34.02 21.31
C ASP A 138 21.70 -35.25 21.07
N HIS A 139 21.41 -36.30 21.83
CA HIS A 139 22.29 -37.44 21.93
C HIS A 139 21.29 -38.54 22.26
N GLY A 140 21.56 -39.78 21.90
CA GLY A 140 20.51 -40.76 22.15
C GLY A 140 20.00 -41.38 20.88
N PRO A 141 19.43 -42.58 20.98
CA PRO A 141 19.12 -43.32 19.77
C PRO A 141 18.20 -42.56 18.82
N ILE A 142 18.59 -42.57 17.55
CA ILE A 142 17.93 -41.80 16.51
C ILE A 142 16.77 -42.61 15.98
N ILE A 143 15.59 -42.01 16.02
CA ILE A 143 14.42 -42.63 15.44
C ILE A 143 14.35 -42.38 13.91
N ALA A 144 14.60 -41.14 13.50
CA ALA A 144 14.75 -40.81 12.10
C ALA A 144 15.49 -39.49 11.96
N GLN A 145 16.16 -39.31 10.82
CA GLN A 145 16.76 -38.02 10.48
C GLN A 145 16.74 -37.80 8.98
N ARG A 146 16.90 -36.55 8.57
CA ARG A 146 16.89 -36.16 7.17
C ARG A 146 17.80 -34.95 7.02
N GLU A 147 18.68 -34.99 6.04
CA GLU A 147 19.63 -33.92 5.76
C GLU A 147 18.98 -32.74 5.02
N CYS A 148 19.54 -31.54 5.20
CA CYS A 148 19.08 -30.37 4.48
C CYS A 148 20.32 -29.85 3.77
N ALA A 149 20.27 -29.66 2.47
CA ALA A 149 21.49 -29.21 1.77
C ALA A 149 21.76 -27.72 2.12
N ILE A 150 23.02 -27.32 2.14
CA ILE A 150 23.34 -25.93 2.39
C ILE A 150 23.96 -25.41 1.12
N GLU A 151 23.33 -24.40 0.53
CA GLU A 151 23.84 -23.86 -0.72
C GLU A 151 24.89 -22.75 -0.42
N SER A 152 25.75 -22.43 -1.39
CA SER A 152 26.77 -21.42 -1.13
C SER A 152 26.17 -20.04 -0.84
N TRP A 153 24.92 -19.83 -1.24
CA TRP A 153 24.28 -18.54 -1.08
C TRP A 153 23.38 -18.52 0.15
N ASP A 154 23.27 -19.63 0.87
CA ASP A 154 22.39 -19.66 2.03
C ASP A 154 22.96 -18.85 3.15
N SER A 155 22.05 -18.28 3.93
CA SER A 155 22.37 -17.71 5.18
C SER A 155 21.81 -18.65 6.28
N SER A 156 22.12 -18.36 7.55
CA SER A 156 21.47 -19.11 8.65
C SER A 156 19.93 -19.05 8.51
N GLY A 157 19.45 -17.87 8.18
CA GLY A 157 18.03 -17.61 8.04
C GLY A 157 17.39 -18.43 6.96
N SER A 158 18.04 -18.54 5.80
CA SER A 158 17.38 -19.25 4.70
C SER A 158 17.48 -20.77 4.97
N VAL A 159 18.57 -21.23 5.53
CA VAL A 159 18.63 -22.66 5.84
C VAL A 159 17.61 -23.03 6.93
N TYR A 160 17.51 -22.18 7.94
CA TYR A 160 16.60 -22.40 9.05
C TYR A 160 15.15 -22.54 8.54
N ALA A 161 14.74 -21.67 7.62
CA ALA A 161 13.38 -21.77 7.06
C ALA A 161 13.13 -23.14 6.41
N ARG A 162 14.11 -23.61 5.63
CA ARG A 162 14.01 -24.96 5.03
C ARG A 162 13.99 -26.09 6.11
N LEU A 163 14.76 -25.91 7.20
CA LEU A 163 14.79 -26.90 8.30
C LEU A 163 13.43 -27.02 8.94
N MET A 164 12.74 -25.89 9.07
CA MET A 164 11.36 -25.90 9.61
C MET A 164 10.40 -26.67 8.68
N ASP A 165 10.55 -26.54 7.36
CA ASP A 165 9.75 -27.35 6.40
C ASP A 165 10.09 -28.80 6.55
N ILE A 166 11.40 -29.08 6.62
CA ILE A 166 11.85 -30.47 6.74
C ILE A 166 11.39 -31.08 8.07
N GLU A 167 11.49 -30.32 9.16
CA GLU A 167 10.99 -30.80 10.43
C GLU A 167 9.52 -31.22 10.34
N ARG A 168 8.68 -30.38 9.75
CA ARG A 168 7.26 -30.72 9.63
C ARG A 168 7.08 -31.99 8.78
N GLU A 169 7.81 -32.06 7.64
CA GLU A 169 7.76 -33.24 6.78
C GLU A 169 8.12 -34.51 7.52
N LEU A 170 9.23 -34.47 8.24
CA LEU A 170 9.75 -35.68 8.91
C LEU A 170 8.84 -36.09 10.08
N VAL A 171 8.45 -35.13 10.91
CA VAL A 171 7.62 -35.45 12.06
C VAL A 171 6.25 -36.01 11.62
N LEU A 172 5.63 -35.41 10.61
CA LEU A 172 4.37 -35.95 10.09
C LEU A 172 4.59 -37.37 9.57
N GLU A 173 5.70 -37.61 8.89
CA GLU A 173 5.95 -38.93 8.33
C GLU A 173 6.05 -40.00 9.43
N HIS A 174 6.74 -39.67 10.52
CA HIS A 174 7.04 -40.67 11.54
C HIS A 174 6.13 -40.58 12.74
N PHE A 175 5.13 -39.71 12.70
CA PHE A 175 4.32 -39.46 13.88
C PHE A 175 3.66 -40.70 14.46
N ASP A 176 3.06 -41.52 13.63
CA ASP A 176 2.36 -42.74 14.10
C ASP A 176 3.33 -43.68 14.80
N ALA A 177 4.51 -43.85 14.23
CA ALA A 177 5.54 -44.69 14.81
C ALA A 177 6.03 -44.14 16.14
N ILE A 178 6.25 -42.82 16.20
CA ILE A 178 6.60 -42.16 17.46
C ILE A 178 5.52 -42.37 18.50
N ARG A 179 4.27 -42.11 18.11
CA ARG A 179 3.12 -42.27 18.98
C ARG A 179 3.03 -43.70 19.55
N ASP A 180 3.19 -44.69 18.66
CA ASP A 180 3.02 -46.12 19.01
C ASP A 180 4.26 -46.71 19.66
N GLY A 181 5.37 -46.01 19.50
CA GLY A 181 6.67 -46.52 19.92
C GLY A 181 7.12 -47.69 19.06
N SER A 182 6.67 -47.75 17.81
CA SER A 182 6.91 -48.94 17.00
C SER A 182 8.17 -48.88 16.12
N TYR A 183 9.12 -48.03 16.48
CA TYR A 183 10.36 -47.88 15.72
C TYR A 183 11.44 -48.67 16.44
N THR A 184 12.58 -48.84 15.77
CA THR A 184 13.77 -49.30 16.44
C THR A 184 14.87 -48.25 16.30
N ALA A 185 15.14 -47.51 17.38
CA ALA A 185 16.11 -46.40 17.37
C ALA A 185 17.55 -46.91 17.38
N LYS A 186 18.45 -46.19 16.69
CA LYS A 186 19.86 -46.58 16.65
C LYS A 186 20.73 -45.42 17.06
N SER A 187 21.65 -45.70 17.96
CA SER A 187 22.60 -44.70 18.40
C SER A 187 23.51 -44.33 17.27
N PRO A 188 23.94 -43.04 17.17
CA PRO A 188 24.92 -42.75 16.11
C PRO A 188 26.23 -43.49 16.42
N ALA A 189 27.01 -43.80 15.39
CA ALA A 189 28.27 -44.52 15.58
C ALA A 189 29.35 -43.67 16.28
N THR A 190 29.19 -42.34 16.28
CA THR A 190 30.15 -41.44 16.93
C THR A 190 29.51 -40.38 17.81
N GLU A 191 30.33 -39.75 18.65
CA GLU A 191 29.87 -38.69 19.57
C GLU A 191 29.60 -37.35 18.88
N GLY A 192 30.32 -37.10 17.78
CA GLY A 192 30.22 -35.86 17.04
C GLY A 192 30.65 -34.71 17.93
N ASN A 193 29.90 -33.61 17.93
CA ASN A 193 30.32 -32.41 18.66
C ASN A 193 29.11 -31.60 19.10
N LEU A 194 29.32 -30.75 20.11
CA LEU A 194 28.24 -30.02 20.75
C LEU A 194 28.58 -28.54 20.83
N ASN A 195 27.66 -27.71 20.35
CA ASN A 195 27.76 -26.26 20.52
C ASN A 195 26.78 -25.71 21.55
N LEU A 196 27.24 -24.84 22.42
CA LEU A 196 26.38 -24.22 23.41
C LEU A 196 26.20 -22.76 23.10
N LYS A 197 25.37 -22.08 23.90
CA LYS A 197 25.06 -20.69 23.65
C LYS A 197 26.34 -19.87 23.63
N LYS A 198 27.25 -20.10 24.57
CA LYS A 198 28.51 -19.34 24.60
C LYS A 198 29.31 -19.50 23.30
N ASP A 199 29.19 -20.65 22.64
CA ASP A 199 29.94 -20.85 21.39
C ASP A 199 29.34 -19.95 20.32
N PHE A 200 28.03 -19.73 20.39
CA PHE A 200 27.39 -18.85 19.43
C PHE A 200 27.77 -17.39 19.71
N GLU A 201 27.66 -16.98 20.99
CA GLU A 201 28.00 -15.63 21.39
C GLU A 201 29.43 -15.26 21.00
N GLN A 202 30.37 -16.21 21.15
CA GLN A 202 31.78 -15.97 20.79
C GLN A 202 31.97 -15.68 19.30
N LEU A 203 31.15 -16.30 18.47
CA LEU A 203 31.19 -16.07 17.02
C LEU A 203 30.77 -14.68 16.60
N ARG A 204 29.88 -14.08 17.37
CA ARG A 204 29.28 -12.80 17.04
C ARG A 204 30.26 -11.64 16.84
N ARG A 205 31.29 -11.56 17.68
CA ARG A 205 32.28 -10.49 17.59
C ARG A 205 33.23 -10.78 16.45
N LEU A 206 33.28 -9.87 15.48
CA LEU A 206 34.22 -10.02 14.41
C LEU A 206 35.44 -9.20 14.73
N ASP A 207 36.55 -9.90 14.92
CA ASP A 207 37.80 -9.24 15.14
C ASP A 207 38.33 -8.77 13.80
N LEU A 208 38.57 -7.47 13.63
CA LEU A 208 39.03 -6.95 12.33
C LEU A 208 40.44 -7.44 11.96
N ASN A 209 41.25 -7.77 12.96
CA ASN A 209 42.57 -8.30 12.70
C ASN A 209 42.63 -9.79 12.42
N GLU A 210 41.51 -10.49 12.60
CA GLU A 210 41.55 -11.93 12.38
C GLU A 210 41.86 -12.25 10.91
N ARG A 211 42.76 -13.20 10.70
CA ARG A 211 43.11 -13.63 9.35
C ARG A 211 42.40 -14.92 8.91
N GLY A 212 42.13 -15.00 7.62
CA GLY A 212 41.48 -16.18 7.05
C GLY A 212 41.30 -16.00 5.55
N THR A 213 40.65 -16.98 4.92
CA THR A 213 40.30 -16.85 3.50
C THR A 213 39.01 -16.04 3.34
N PHE A 214 38.84 -15.40 2.18
CA PHE A 214 37.60 -14.70 1.86
C PHE A 214 36.42 -15.66 2.00
N GLY A 215 36.60 -16.88 1.53
CA GLY A 215 35.55 -17.90 1.67
C GLY A 215 35.12 -18.12 3.13
N HIS A 216 36.12 -18.24 4.01
CA HIS A 216 35.92 -18.47 5.43
C HIS A 216 35.17 -17.28 6.04
N PHE A 217 35.59 -16.07 5.67
CA PHE A 217 34.94 -14.88 6.16
C PHE A 217 33.50 -14.74 5.65
N LEU A 218 33.25 -15.06 4.37
CA LEU A 218 31.89 -15.04 3.84
C LEU A 218 31.02 -16.08 4.60
N ASN A 219 31.61 -17.24 4.88
CA ASN A 219 30.87 -18.28 5.63
C ASN A 219 30.50 -17.73 7.01
N ARG A 220 31.42 -16.99 7.62
CA ARG A 220 31.17 -16.45 8.96
C ARG A 220 30.02 -15.44 8.89
N LEU A 221 30.00 -14.57 7.87
CA LEU A 221 28.97 -13.53 7.81
C LEU A 221 27.64 -14.12 7.47
N ARG A 222 27.60 -15.08 6.53
CA ARG A 222 26.32 -15.70 6.18
C ARG A 222 25.75 -16.57 7.33
N ALA A 223 26.64 -17.17 8.11
CA ALA A 223 26.23 -18.01 9.25
C ALA A 223 25.58 -17.13 10.30
N LEU A 224 25.98 -15.85 10.33
CA LEU A 224 25.52 -14.88 11.34
C LEU A 224 24.44 -13.97 10.81
N THR A 225 23.97 -14.24 9.59
CA THR A 225 22.89 -13.55 8.97
C THR A 225 21.62 -14.36 9.12
N HIS A 226 20.62 -13.80 9.78
CA HIS A 226 19.40 -14.51 9.94
C HIS A 226 18.31 -13.47 9.96
N ASP A 227 17.59 -13.35 8.85
CA ASP A 227 16.58 -12.29 8.74
C ASP A 227 17.20 -10.97 9.15
N ASP A 228 16.56 -10.19 10.01
CA ASP A 228 17.21 -8.95 10.45
C ASP A 228 17.81 -8.99 11.86
N PHE A 229 18.03 -10.17 12.44
CA PHE A 229 18.74 -10.23 13.75
C PHE A 229 20.10 -9.56 13.64
N ARG A 230 20.45 -8.79 14.66
CA ARG A 230 21.75 -8.16 14.77
C ARG A 230 22.74 -9.12 15.45
N ASN A 231 23.21 -10.14 14.72
CA ASN A 231 24.11 -11.11 15.33
C ASN A 231 25.57 -10.67 15.21
N ALA A 232 26.07 -10.43 14.00
CA ALA A 232 27.48 -10.07 13.86
C ALA A 232 27.74 -8.57 14.12
N TRP A 233 28.84 -8.25 14.78
CA TRP A 233 29.26 -6.88 14.98
C TRP A 233 30.77 -6.79 15.06
N PHE A 234 31.30 -5.64 14.62
CA PHE A 234 32.68 -5.27 14.95
C PHE A 234 32.69 -3.92 15.66
N VAL A 235 33.83 -3.58 16.27
CA VAL A 235 34.05 -2.27 16.84
C VAL A 235 35.14 -1.61 15.98
N ASP A 236 34.90 -0.38 15.55
CA ASP A 236 35.88 0.27 14.73
C ASP A 236 36.96 0.90 15.63
N ALA A 237 38.00 1.47 15.03
CA ALA A 237 39.11 2.05 15.78
C ALA A 237 38.69 3.16 16.78
N SER A 238 37.57 3.84 16.54
CA SER A 238 37.07 4.81 17.51
C SER A 238 36.16 4.22 18.58
N GLY A 239 35.98 2.89 18.60
CA GLY A 239 35.16 2.29 19.65
C GLY A 239 33.68 2.21 19.31
N ARG A 240 33.33 2.53 18.07
CA ARG A 240 31.95 2.48 17.63
C ARG A 240 31.57 1.05 17.20
N LYS A 241 30.44 0.56 17.69
CA LYS A 241 30.01 -0.79 17.36
C LYS A 241 29.21 -0.77 16.06
N VAL A 242 29.51 -1.68 15.14
CA VAL A 242 28.81 -1.73 13.84
C VAL A 242 28.28 -3.18 13.59
N PHE A 243 27.00 -3.30 13.27
CA PHE A 243 26.39 -4.58 12.97
C PHE A 243 26.48 -4.91 11.48
N VAL A 244 26.57 -6.20 11.19
CA VAL A 244 26.88 -6.68 9.85
C VAL A 244 26.00 -7.88 9.50
N ARG A 245 25.45 -7.80 8.29
CA ARG A 245 24.65 -8.80 7.61
C ARG A 245 25.14 -8.91 6.17
N VAL A 246 24.98 -10.07 5.58
CA VAL A 246 25.36 -10.24 4.18
C VAL A 246 24.12 -10.65 3.35
N VAL A 247 24.02 -10.12 2.14
CA VAL A 247 22.98 -10.53 1.21
C VAL A 247 23.67 -11.29 0.06
N LEU A 248 23.25 -12.53 -0.17
CA LEU A 248 23.80 -13.36 -1.25
C LEU A 248 22.70 -13.77 -2.18
N GLU A 249 22.97 -13.70 -3.47
CA GLU A 249 21.96 -14.03 -4.43
C GLU A 249 22.62 -14.77 -5.59
N PRO A 250 22.21 -16.02 -5.84
CA PRO A 250 22.82 -16.78 -6.96
C PRO A 250 22.36 -16.18 -8.27
N GLU A 251 23.23 -16.16 -9.27
CA GLU A 251 22.81 -15.76 -10.58
C GLU A 251 21.64 -16.65 -11.00
N LYS A 252 20.57 -16.00 -11.47
CA LYS A 252 19.34 -16.74 -11.80
C LYS A 252 19.65 -17.62 -13.00
N PRO A 253 19.19 -18.89 -12.97
CA PRO A 253 19.39 -19.75 -14.15
C PRO A 253 18.68 -19.17 -15.38
N ALA A 254 19.17 -19.52 -16.58
CA ALA A 254 18.46 -19.17 -17.84
C ALA A 254 17.06 -19.76 -17.72
N GLU A 255 16.11 -19.14 -18.44
CA GLU A 255 14.70 -19.43 -18.22
C GLU A 255 14.43 -20.89 -18.61
N ALA A 256 13.70 -21.60 -17.75
CA ALA A 256 13.53 -23.06 -17.82
C ALA A 256 12.63 -23.53 -18.94
N MET B 22 25.45 37.20 -19.34
CA MET B 22 26.16 37.37 -20.62
C MET B 22 27.19 36.25 -20.87
N VAL B 23 27.03 35.11 -20.20
CA VAL B 23 27.97 33.99 -20.41
C VAL B 23 27.22 32.77 -20.93
N THR B 24 27.57 32.28 -22.11
CA THR B 24 26.85 31.15 -22.67
C THR B 24 27.53 29.83 -22.32
N ILE B 25 26.79 28.94 -21.64
CA ILE B 25 27.39 27.75 -21.04
C ILE B 25 26.83 26.45 -21.62
N LEU B 26 27.71 25.56 -22.05
CA LEU B 26 27.32 24.20 -22.39
C LEU B 26 27.63 23.28 -21.21
N ILE B 27 26.60 22.55 -20.74
CA ILE B 27 26.84 21.50 -19.75
C ILE B 27 26.73 20.17 -20.46
N LEU B 28 27.62 19.24 -20.12
CA LEU B 28 27.63 17.90 -20.66
C LEU B 28 27.72 16.92 -19.54
N THR B 29 26.75 16.03 -19.43
CA THR B 29 26.89 14.94 -18.45
C THR B 29 25.99 13.81 -18.80
N ASP B 30 26.39 12.60 -18.42
CA ASP B 30 25.54 11.41 -18.59
C ASP B 30 25.08 10.96 -17.22
N ASN B 31 25.44 11.68 -16.17
CA ASN B 31 25.07 11.21 -14.86
C ASN B 31 23.74 11.81 -14.39
N VAL B 32 22.87 10.98 -13.80
CA VAL B 32 21.51 11.34 -13.48
C VAL B 32 21.45 12.43 -12.42
N HIS B 33 22.30 12.32 -11.41
CA HIS B 33 22.37 13.29 -10.33
C HIS B 33 22.96 14.61 -10.85
N ALA B 34 24.03 14.53 -11.66
CA ALA B 34 24.63 15.77 -12.19
C ALA B 34 23.66 16.46 -13.13
N HIS B 35 22.89 15.65 -13.87
CA HIS B 35 21.91 16.22 -14.77
C HIS B 35 20.84 17.02 -13.99
N ALA B 36 20.33 16.44 -12.90
CA ALA B 36 19.37 17.16 -12.04
C ALA B 36 19.98 18.49 -11.52
N LEU B 37 21.27 18.46 -11.19
CA LEU B 37 21.96 19.67 -10.76
C LEU B 37 22.04 20.66 -11.91
N ALA B 38 22.33 20.14 -13.09
CA ALA B 38 22.49 20.99 -14.28
C ALA B 38 21.19 21.70 -14.62
N VAL B 39 20.08 21.00 -14.49
CA VAL B 39 18.76 21.55 -14.74
C VAL B 39 18.49 22.71 -13.76
N ASP B 40 18.87 22.55 -12.50
CA ASP B 40 18.72 23.65 -11.52
C ASP B 40 19.61 24.83 -11.82
N LEU B 41 20.86 24.59 -12.19
CA LEU B 41 21.75 25.69 -12.57
C LEU B 41 21.14 26.43 -13.75
N GLN B 42 20.53 25.68 -14.68
CA GLN B 42 20.03 26.28 -15.91
C GLN B 42 18.84 27.19 -15.61
N ALA B 43 17.94 26.75 -14.72
CA ALA B 43 16.79 27.55 -14.30
C ALA B 43 17.26 28.84 -13.66
N ARG B 44 18.40 28.81 -12.98
CA ARG B 44 18.95 30.00 -12.33
C ARG B 44 19.82 30.89 -13.24
N HIS B 45 20.59 30.28 -14.13
CA HIS B 45 21.50 31.04 -14.99
C HIS B 45 20.82 31.52 -16.27
N GLY B 46 20.00 30.67 -16.88
CA GLY B 46 19.32 31.04 -18.10
C GLY B 46 19.99 30.63 -19.42
N ASP B 47 21.11 31.23 -19.75
CA ASP B 47 21.77 31.02 -21.04
C ASP B 47 22.66 29.81 -20.96
N MET B 48 22.04 28.65 -20.84
CA MET B 48 22.78 27.45 -20.63
C MET B 48 22.01 26.33 -21.33
N ASP B 49 22.72 25.48 -22.04
CA ASP B 49 22.15 24.28 -22.62
C ASP B 49 22.67 23.08 -21.88
N VAL B 50 21.84 22.06 -21.71
CA VAL B 50 22.23 20.86 -20.98
C VAL B 50 22.06 19.64 -21.89
N TYR B 51 23.18 19.00 -22.24
CA TYR B 51 23.26 17.85 -23.16
C TYR B 51 23.89 16.64 -22.49
N GLN B 52 23.62 15.47 -23.05
CA GLN B 52 24.31 14.23 -22.67
C GLN B 52 25.08 13.77 -23.92
N SER B 53 25.91 12.72 -23.83
CA SER B 53 26.65 12.18 -24.98
C SER B 53 25.79 11.20 -25.81
N PRO B 54 26.36 10.63 -26.92
CA PRO B 54 25.59 9.65 -27.69
C PRO B 54 25.30 8.35 -26.93
N ILE B 55 26.10 8.00 -25.92
CA ILE B 55 25.85 6.77 -25.14
C ILE B 55 25.10 7.04 -23.82
N GLY B 56 24.81 8.32 -23.57
CA GLY B 56 24.06 8.66 -22.37
C GLY B 56 22.71 7.97 -22.38
N GLN B 57 22.20 7.66 -21.20
CA GLN B 57 20.91 6.99 -21.06
C GLN B 57 19.88 7.82 -20.29
N LEU B 58 19.94 9.14 -20.42
CA LEU B 58 18.98 10.00 -19.74
C LEU B 58 17.80 10.28 -20.68
N PRO B 59 16.59 9.80 -20.36
CA PRO B 59 15.50 9.97 -21.34
C PRO B 59 15.15 11.44 -21.51
N GLY B 60 14.99 11.88 -22.75
CA GLY B 60 14.54 13.24 -23.00
C GLY B 60 15.64 14.29 -22.90
N VAL B 61 16.89 13.88 -22.73
CA VAL B 61 17.99 14.86 -22.68
C VAL B 61 18.68 14.90 -24.07
N PRO B 62 18.79 16.09 -24.67
CA PRO B 62 19.39 16.20 -26.00
C PRO B 62 20.85 15.73 -26.04
N ARG B 63 21.29 15.28 -27.19
CA ARG B 63 22.52 14.53 -27.32
C ARG B 63 23.54 15.33 -28.14
N CYS B 64 24.80 15.23 -27.71
CA CYS B 64 25.87 15.99 -28.32
C CYS B 64 27.07 15.06 -28.45
N ASP B 65 27.49 14.84 -29.69
CA ASP B 65 28.69 14.06 -30.03
C ASP B 65 29.84 15.05 -30.15
N VAL B 66 30.59 15.14 -29.05
CA VAL B 66 31.54 16.19 -28.84
C VAL B 66 32.61 16.24 -29.95
N ALA B 67 33.15 15.07 -30.26
CA ALA B 67 34.21 14.96 -31.26
C ALA B 67 33.76 15.56 -32.59
N GLU B 68 32.47 15.49 -32.89
CA GLU B 68 31.96 15.93 -34.18
C GLU B 68 31.41 17.34 -34.15
N ARG B 69 31.45 17.98 -32.98
CA ARG B 69 30.78 19.26 -32.81
C ARG B 69 31.70 20.38 -32.32
N VAL B 70 33.01 20.20 -32.49
CA VAL B 70 33.98 21.17 -31.94
C VAL B 70 33.77 22.62 -32.41
N ALA B 71 33.73 22.83 -33.71
CA ALA B 71 33.60 24.19 -34.22
C ALA B 71 32.27 24.83 -33.78
N GLU B 72 31.22 24.02 -33.72
CA GLU B 72 29.90 24.51 -33.29
C GLU B 72 29.89 24.93 -31.81
N ILE B 73 30.50 24.11 -30.97
CA ILE B 73 30.57 24.38 -29.56
C ILE B 73 31.41 25.63 -29.35
N VAL B 74 32.56 25.70 -30.01
CA VAL B 74 33.44 26.87 -29.92
C VAL B 74 32.78 28.16 -30.40
N GLU B 75 32.12 28.12 -31.56
CA GLU B 75 31.40 29.29 -32.04
C GLU B 75 30.26 29.74 -31.09
N ARG B 76 29.60 28.79 -30.41
CA ARG B 76 28.36 29.11 -29.69
C ARG B 76 28.53 29.40 -28.18
N TYR B 77 29.48 28.71 -27.53
CA TYR B 77 29.59 28.77 -26.07
C TYR B 77 30.83 29.50 -25.55
N ASP B 78 30.68 30.11 -24.38
CA ASP B 78 31.82 30.72 -23.69
C ASP B 78 32.53 29.76 -22.73
N LEU B 79 31.84 28.67 -22.38
CA LEU B 79 32.34 27.76 -21.32
C LEU B 79 31.66 26.45 -21.51
N VAL B 80 32.45 25.37 -21.49
CA VAL B 80 31.93 24.02 -21.39
C VAL B 80 32.16 23.47 -20.01
N LEU B 81 31.08 23.01 -19.39
CA LEU B 81 31.10 22.54 -18.02
C LEU B 81 30.63 21.10 -17.97
N SER B 82 31.55 20.16 -17.73
CA SER B 82 31.15 18.75 -17.75
C SER B 82 31.06 18.21 -16.36
N PHE B 83 30.25 17.17 -16.20
CA PHE B 83 30.16 16.53 -14.89
C PHE B 83 30.46 15.04 -15.08
N HIS B 84 31.43 14.50 -14.33
CA HIS B 84 31.69 13.08 -14.30
C HIS B 84 32.16 12.60 -15.67
N CYS B 85 32.76 13.49 -16.46
CA CYS B 85 33.25 13.09 -17.79
C CYS B 85 34.35 12.01 -17.69
N LYS B 86 34.29 11.00 -18.55
CA LYS B 86 35.27 9.91 -18.52
C LYS B 86 36.04 9.76 -19.83
N GLN B 87 35.67 10.54 -20.84
CA GLN B 87 36.32 10.44 -22.13
C GLN B 87 37.02 11.75 -22.42
N ARG B 88 38.29 11.68 -22.82
CA ARG B 88 39.07 12.90 -23.06
C ARG B 88 38.49 13.79 -24.17
N PHE B 89 38.56 15.10 -23.94
CA PHE B 89 38.05 16.07 -24.90
C PHE B 89 39.05 16.23 -26.04
N PRO B 90 38.59 16.55 -27.25
CA PRO B 90 39.53 16.87 -28.32
C PRO B 90 40.41 18.09 -27.97
N ALA B 91 41.69 18.05 -28.36
CA ALA B 91 42.63 19.13 -28.08
C ALA B 91 42.11 20.46 -28.60
N ALA B 92 41.46 20.41 -29.77
CA ALA B 92 40.87 21.59 -30.38
C ALA B 92 39.74 22.17 -29.52
N LEU B 93 39.05 21.31 -28.75
CA LEU B 93 37.96 21.83 -27.96
C LEU B 93 38.54 22.58 -26.76
N ILE B 94 39.51 21.92 -26.12
CA ILE B 94 40.18 22.41 -24.94
C ILE B 94 40.81 23.77 -25.28
N ASP B 95 41.44 23.85 -26.46
CA ASP B 95 42.04 25.12 -26.94
C ASP B 95 41.07 26.20 -27.36
N GLY B 96 39.94 25.80 -27.95
CA GLY B 96 38.98 26.73 -28.56
C GLY B 96 38.06 27.38 -27.55
N VAL B 97 37.87 26.75 -26.39
CA VAL B 97 36.95 27.28 -25.37
C VAL B 97 37.34 26.81 -23.95
N ARG B 98 37.03 27.60 -22.90
CA ARG B 98 37.38 27.21 -21.52
C ARG B 98 36.55 25.98 -21.12
N CYS B 99 37.22 24.92 -20.70
CA CYS B 99 36.56 23.63 -20.38
C CYS B 99 36.83 23.29 -18.94
N VAL B 100 35.76 23.09 -18.17
CA VAL B 100 35.83 22.74 -16.75
C VAL B 100 35.05 21.47 -16.50
N ASN B 101 35.58 20.59 -15.64
CA ASN B 101 34.94 19.32 -15.33
C ASN B 101 34.66 19.22 -13.85
N VAL B 102 33.59 18.53 -13.50
CA VAL B 102 33.28 18.32 -12.11
C VAL B 102 33.40 16.81 -11.88
N HIS B 103 34.37 16.41 -11.04
CA HIS B 103 34.67 15.01 -10.79
C HIS B 103 34.41 14.62 -9.31
N PRO B 104 33.69 13.52 -9.11
CA PRO B 104 33.38 13.10 -7.75
C PRO B 104 34.51 12.25 -7.13
N GLY B 105 35.73 12.76 -7.18
CA GLY B 105 36.87 12.18 -6.42
C GLY B 105 37.67 13.38 -5.93
N PHE B 106 38.65 13.14 -5.06
CA PHE B 106 39.48 14.23 -4.51
C PHE B 106 40.83 14.18 -5.24
N ASN B 107 40.95 14.94 -6.33
CA ASN B 107 42.17 14.90 -7.15
C ASN B 107 43.37 15.24 -6.31
N PRO B 108 44.56 14.61 -6.56
CA PRO B 108 44.85 13.62 -7.59
C PRO B 108 44.61 12.17 -7.15
N TYR B 109 43.94 11.95 -6.02
CA TYR B 109 43.75 10.57 -5.48
C TYR B 109 42.60 9.83 -6.11
N ASN B 110 42.84 8.57 -6.50
CA ASN B 110 41.78 7.76 -7.13
C ASN B 110 41.01 8.54 -8.22
N ARG B 111 41.76 9.20 -9.10
CA ARG B 111 41.20 9.78 -10.30
C ARG B 111 40.51 8.68 -11.09
N GLY B 112 39.62 9.04 -12.01
CA GLY B 112 38.95 8.05 -12.84
C GLY B 112 37.68 7.43 -12.24
N TRP B 113 37.54 6.11 -12.39
CA TRP B 113 36.27 5.41 -12.18
C TRP B 113 35.98 5.23 -10.68
N PHE B 114 34.78 5.60 -10.28
CA PHE B 114 34.21 5.23 -8.97
C PHE B 114 35.20 5.46 -7.78
N PRO B 115 35.72 6.71 -7.62
CA PRO B 115 36.72 7.04 -6.63
C PRO B 115 36.40 6.46 -5.23
N GLN B 116 35.13 6.52 -4.80
CA GLN B 116 34.80 6.07 -3.42
C GLN B 116 35.04 4.55 -3.19
N VAL B 117 34.81 3.75 -4.22
CA VAL B 117 35.06 2.33 -4.16
C VAL B 117 36.55 2.15 -3.79
N PHE B 118 37.44 2.82 -4.52
CA PHE B 118 38.87 2.62 -4.35
C PHE B 118 39.38 3.26 -3.07
N SER B 119 38.75 4.37 -2.66
CA SER B 119 39.15 5.00 -1.40
C SER B 119 38.73 4.22 -0.18
N ILE B 120 37.56 3.60 -0.24
CA ILE B 120 37.10 2.75 0.83
C ILE B 120 38.16 1.68 1.06
N ILE B 121 38.71 1.17 -0.05
CA ILE B 121 39.72 0.13 0.04
C ILE B 121 41.10 0.65 0.47
N ASP B 122 41.56 1.76 -0.09
CA ASP B 122 42.95 2.14 0.14
C ASP B 122 43.16 3.27 1.17
N GLY B 123 42.09 3.83 1.71
CA GLY B 123 42.27 4.82 2.75
C GLY B 123 42.56 6.22 2.25
N GLN B 124 42.69 6.43 0.96
CA GLN B 124 43.00 7.81 0.49
C GLN B 124 41.71 8.68 0.54
N LYS B 125 41.87 9.98 0.47
CA LYS B 125 40.75 10.93 0.49
C LYS B 125 39.78 10.74 -0.69
N VAL B 126 38.52 11.06 -0.45
CA VAL B 126 37.54 11.12 -1.52
C VAL B 126 36.78 12.41 -1.28
N GLY B 127 36.05 12.87 -2.28
CA GLY B 127 35.48 14.19 -2.23
C GLY B 127 35.04 14.56 -3.62
N VAL B 128 34.87 15.86 -3.85
CA VAL B 128 34.48 16.34 -5.17
C VAL B 128 35.48 17.39 -5.61
N THR B 129 35.86 17.35 -6.89
CA THR B 129 36.84 18.28 -7.42
C THR B 129 36.34 18.94 -8.69
N ILE B 130 36.46 20.26 -8.75
CA ILE B 130 36.13 21.05 -9.93
C ILE B 130 37.46 21.49 -10.48
N HIS B 131 37.78 21.12 -11.72
CA HIS B 131 39.08 21.42 -12.27
C HIS B 131 39.01 21.80 -13.73
N GLU B 132 40.00 22.56 -14.19
CA GLU B 132 40.17 22.83 -15.61
C GLU B 132 40.56 21.55 -16.32
N ILE B 133 40.12 21.41 -17.56
CA ILE B 133 40.31 20.14 -18.26
C ILE B 133 41.62 20.21 -19.06
N ASP B 134 42.48 19.20 -18.92
CA ASP B 134 43.63 19.06 -19.83
C ASP B 134 43.54 17.72 -20.58
N ASP B 135 44.64 17.26 -21.15
CA ASP B 135 44.58 16.10 -22.04
C ASP B 135 44.62 14.77 -21.29
N GLN B 136 44.68 14.80 -19.95
CA GLN B 136 44.62 13.60 -19.12
C GLN B 136 43.32 13.56 -18.32
N LEU B 137 42.88 12.35 -17.96
CA LEU B 137 41.62 12.18 -17.22
C LEU B 137 41.75 12.69 -15.78
N ASP B 138 40.83 13.59 -15.41
CA ASP B 138 40.68 14.05 -14.03
C ASP B 138 42.04 14.57 -13.55
N HIS B 139 42.57 15.52 -14.33
CA HIS B 139 43.93 15.98 -14.20
C HIS B 139 43.83 17.46 -14.61
N GLY B 140 44.71 18.29 -14.08
CA GLY B 140 44.59 19.69 -14.46
C GLY B 140 44.23 20.60 -13.32
N PRO B 141 44.50 21.91 -13.48
CA PRO B 141 44.38 22.88 -12.41
C PRO B 141 43.05 22.81 -11.65
N ILE B 142 43.16 22.69 -10.34
CA ILE B 142 42.01 22.57 -9.48
C ILE B 142 41.40 23.95 -9.14
N ILE B 143 40.11 24.13 -9.40
CA ILE B 143 39.43 25.37 -9.06
C ILE B 143 38.94 25.29 -7.61
N ALA B 144 38.35 24.15 -7.22
CA ALA B 144 37.95 23.96 -5.83
C ALA B 144 37.75 22.46 -5.61
N GLN B 145 37.91 22.02 -4.37
CA GLN B 145 37.59 20.62 -4.05
C GLN B 145 37.18 20.55 -2.61
N ARG B 146 36.50 19.47 -2.25
CA ARG B 146 36.04 19.31 -0.89
C ARG B 146 36.06 17.84 -0.57
N GLU B 147 36.60 17.53 0.60
CA GLU B 147 36.67 16.18 1.10
C GLU B 147 35.34 15.71 1.65
N CYS B 148 35.14 14.39 1.57
CA CYS B 148 34.01 13.67 2.14
C CYS B 148 34.56 12.59 3.05
N ALA B 149 34.17 12.60 4.33
CA ALA B 149 34.64 11.58 5.29
C ALA B 149 34.07 10.21 4.92
N ILE B 150 34.83 9.15 5.16
CA ILE B 150 34.34 7.78 4.95
C ILE B 150 34.26 7.12 6.33
N GLU B 151 33.08 6.69 6.71
CA GLU B 151 32.94 6.10 8.04
C GLU B 151 33.15 4.61 7.92
N SER B 152 33.44 3.99 9.06
CA SER B 152 33.68 2.55 9.11
C SER B 152 32.49 1.74 8.62
N TRP B 153 31.29 2.31 8.72
CA TRP B 153 30.05 1.61 8.36
C TRP B 153 29.55 2.00 6.98
N ASP B 154 30.28 2.86 6.27
CA ASP B 154 29.85 3.31 4.95
C ASP B 154 30.06 2.21 3.91
N SER B 155 29.21 2.23 2.88
CA SER B 155 29.40 1.44 1.69
C SER B 155 29.68 2.44 0.59
N SER B 156 30.06 1.96 -0.58
CA SER B 156 30.12 2.81 -1.75
C SER B 156 28.84 3.65 -1.98
N GLY B 157 27.68 3.00 -1.90
CA GLY B 157 26.40 3.67 -2.12
C GLY B 157 26.14 4.80 -1.12
N SER B 158 26.48 4.60 0.14
CA SER B 158 26.17 5.65 1.15
C SER B 158 27.17 6.81 0.98
N VAL B 159 28.41 6.51 0.62
CA VAL B 159 29.39 7.60 0.38
C VAL B 159 29.00 8.38 -0.86
N TYR B 160 28.60 7.63 -1.90
CA TYR B 160 28.20 8.24 -3.16
C TYR B 160 27.06 9.23 -2.99
N ALA B 161 26.04 8.83 -2.24
CA ALA B 161 24.94 9.71 -1.87
C ALA B 161 25.45 11.04 -1.26
N ARG B 162 26.41 11.00 -0.33
CA ARG B 162 26.90 12.21 0.33
C ARG B 162 27.72 13.02 -0.67
N LEU B 163 28.46 12.31 -1.53
CA LEU B 163 29.24 12.95 -2.57
C LEU B 163 28.34 13.74 -3.51
N MET B 164 27.16 13.22 -3.78
CA MET B 164 26.24 13.95 -4.65
C MET B 164 25.71 15.24 -3.94
N ASP B 165 25.52 15.18 -2.62
CA ASP B 165 25.17 16.40 -1.88
C ASP B 165 26.32 17.41 -1.87
N ILE B 166 27.53 16.92 -1.61
CA ILE B 166 28.71 17.78 -1.59
C ILE B 166 28.95 18.43 -2.96
N GLU B 167 28.79 17.63 -4.03
CA GLU B 167 28.92 18.12 -5.37
C GLU B 167 27.98 19.31 -5.61
N ARG B 168 26.71 19.14 -5.28
CA ARG B 168 25.73 20.21 -5.38
C ARG B 168 26.16 21.43 -4.53
N GLU B 169 26.58 21.19 -3.29
CA GLU B 169 26.99 22.26 -2.38
C GLU B 169 28.18 23.03 -2.93
N LEU B 170 29.18 22.31 -3.44
CA LEU B 170 30.43 22.91 -3.93
C LEU B 170 30.18 23.65 -5.21
N VAL B 171 29.49 23.01 -6.16
CA VAL B 171 29.24 23.67 -7.43
C VAL B 171 28.40 24.94 -7.23
N LEU B 172 27.36 24.87 -6.39
CA LEU B 172 26.52 26.07 -6.17
C LEU B 172 27.34 27.20 -5.56
N GLU B 173 28.20 26.86 -4.62
CA GLU B 173 29.03 27.87 -3.98
C GLU B 173 29.99 28.54 -4.98
N HIS B 174 30.56 27.74 -5.87
CA HIS B 174 31.56 28.24 -6.80
C HIS B 174 31.03 28.64 -8.17
N PHE B 175 29.72 28.51 -8.37
CA PHE B 175 29.19 28.73 -9.72
C PHE B 175 29.55 30.07 -10.38
N ASP B 176 29.33 31.17 -9.66
CA ASP B 176 29.69 32.51 -10.16
C ASP B 176 31.16 32.61 -10.60
N ALA B 177 32.09 32.12 -9.77
CA ALA B 177 33.51 32.17 -10.14
C ALA B 177 33.82 31.26 -11.33
N ILE B 178 33.20 30.09 -11.42
CA ILE B 178 33.35 29.25 -12.60
C ILE B 178 32.83 29.96 -13.85
N ARG B 179 31.63 30.52 -13.74
CA ARG B 179 31.01 31.20 -14.88
C ARG B 179 31.87 32.39 -15.32
N ASP B 180 32.38 33.17 -14.36
CA ASP B 180 33.16 34.38 -14.66
C ASP B 180 34.63 34.14 -15.01
N GLY B 181 35.13 32.95 -14.68
CA GLY B 181 36.56 32.70 -14.78
C GLY B 181 37.39 33.47 -13.75
N SER B 182 36.80 33.83 -12.61
CA SER B 182 37.53 34.67 -11.64
C SER B 182 38.25 33.88 -10.56
N TYR B 183 38.70 32.68 -10.86
CA TYR B 183 39.42 31.92 -9.85
C TYR B 183 40.87 31.94 -10.27
N THR B 184 41.75 31.50 -9.36
CA THR B 184 43.10 31.12 -9.73
C THR B 184 43.27 29.64 -9.41
N ALA B 185 43.36 28.83 -10.45
CA ALA B 185 43.34 27.38 -10.28
C ALA B 185 44.76 26.94 -10.04
N LYS B 186 44.92 25.82 -9.35
CA LYS B 186 46.24 25.32 -9.00
C LYS B 186 46.32 23.83 -9.26
N SER B 187 47.34 23.45 -10.01
CA SER B 187 47.62 22.02 -10.26
C SER B 187 47.94 21.30 -8.95
N PRO B 188 47.56 20.02 -8.83
CA PRO B 188 47.91 19.30 -7.58
C PRO B 188 49.41 19.08 -7.52
N ALA B 189 49.96 18.79 -6.36
CA ALA B 189 51.41 18.68 -6.26
C ALA B 189 51.98 17.36 -6.85
N THR B 190 51.14 16.33 -6.94
CA THR B 190 51.61 15.04 -7.41
C THR B 190 50.63 14.56 -8.47
N GLU B 191 51.05 13.54 -9.23
CA GLU B 191 50.21 12.89 -10.26
C GLU B 191 49.10 12.05 -9.64
N GLY B 192 49.30 11.55 -8.43
CA GLY B 192 48.36 10.65 -7.80
C GLY B 192 48.21 9.35 -8.59
N ASN B 193 46.99 8.83 -8.70
CA ASN B 193 46.78 7.52 -9.34
C ASN B 193 45.47 7.52 -10.07
N LEU B 194 45.40 6.70 -11.10
CA LEU B 194 44.24 6.68 -11.97
C LEU B 194 43.64 5.27 -12.06
N ASN B 195 42.35 5.16 -11.81
CA ASN B 195 41.62 3.90 -12.01
C ASN B 195 40.69 3.95 -13.23
N LEU B 196 40.75 2.87 -14.00
CA LEU B 196 39.96 2.71 -15.19
C LEU B 196 38.89 1.64 -14.94
N LYS B 197 38.01 1.49 -15.92
CA LYS B 197 36.88 0.63 -15.78
C LYS B 197 37.38 -0.78 -15.46
N LYS B 198 38.42 -1.22 -16.17
CA LYS B 198 38.99 -2.54 -15.97
C LYS B 198 39.44 -2.78 -14.52
N ASP B 199 39.92 -1.72 -13.86
CA ASP B 199 40.37 -1.85 -12.47
C ASP B 199 39.17 -2.13 -11.57
N PHE B 200 38.03 -1.50 -11.88
CA PHE B 200 36.81 -1.80 -11.15
C PHE B 200 36.35 -3.24 -11.40
N GLU B 201 36.28 -3.65 -12.68
CA GLU B 201 35.83 -5.01 -13.05
C GLU B 201 36.65 -6.08 -12.34
N GLN B 202 37.95 -5.86 -12.23
CA GLN B 202 38.80 -6.88 -11.60
C GLN B 202 38.54 -6.94 -10.09
N LEU B 203 38.13 -5.82 -9.48
CA LEU B 203 37.79 -5.80 -8.03
C LEU B 203 36.53 -6.59 -7.73
N ARG B 204 35.58 -6.60 -8.67
CA ARG B 204 34.27 -7.18 -8.47
C ARG B 204 34.33 -8.67 -8.10
N ARG B 205 35.30 -9.39 -8.67
CA ARG B 205 35.43 -10.81 -8.50
C ARG B 205 36.10 -11.14 -7.19
N LEU B 206 35.42 -11.89 -6.32
CA LEU B 206 35.99 -12.22 -5.02
C LEU B 206 36.64 -13.58 -5.17
N ASP B 207 37.91 -13.67 -4.77
CA ASP B 207 38.64 -14.91 -4.82
C ASP B 207 38.44 -15.57 -3.46
N LEU B 208 37.68 -16.67 -3.41
CA LEU B 208 37.41 -17.31 -2.12
C LEU B 208 38.67 -17.84 -1.44
N ASN B 209 39.73 -18.06 -2.20
CA ASN B 209 40.98 -18.53 -1.63
C ASN B 209 41.87 -17.42 -1.07
N GLU B 210 41.62 -16.17 -1.42
CA GLU B 210 42.51 -15.06 -1.01
C GLU B 210 42.56 -14.90 0.53
N ARG B 211 43.77 -14.77 1.10
CA ARG B 211 43.93 -14.59 2.55
CA ARG B 211 43.90 -14.58 2.55
C ARG B 211 44.08 -13.11 2.88
N GLY B 212 43.55 -12.68 4.04
CA GLY B 212 43.70 -11.29 4.48
C GLY B 212 43.02 -11.14 5.83
N THR B 213 42.96 -9.93 6.35
CA THR B 213 42.22 -9.66 7.59
C THR B 213 40.71 -9.49 7.32
N PHE B 214 39.92 -9.68 8.35
CA PHE B 214 38.51 -9.44 8.28
C PHE B 214 38.21 -8.00 7.94
N GLY B 215 38.97 -7.06 8.49
CA GLY B 215 38.83 -5.64 8.13
C GLY B 215 38.98 -5.41 6.63
N HIS B 216 40.03 -5.99 6.07
CA HIS B 216 40.34 -5.89 4.64
C HIS B 216 39.19 -6.45 3.82
N PHE B 217 38.68 -7.61 4.25
CA PHE B 217 37.56 -8.21 3.55
C PHE B 217 36.29 -7.38 3.67
N LEU B 218 35.99 -6.88 4.88
CA LEU B 218 34.83 -5.97 5.07
C LEU B 218 34.96 -4.72 4.20
N ASN B 219 36.17 -4.16 4.10
CA ASN B 219 36.38 -3.02 3.21
C ASN B 219 36.05 -3.38 1.77
N ARG B 220 36.51 -4.56 1.34
CA ARG B 220 36.27 -4.97 -0.02
C ARG B 220 34.77 -5.13 -0.30
N LEU B 221 34.04 -5.79 0.59
CA LEU B 221 32.60 -5.97 0.41
C LEU B 221 31.84 -4.63 0.47
N ARG B 222 32.18 -3.76 1.41
CA ARG B 222 31.41 -2.51 1.49
C ARG B 222 31.76 -1.54 0.34
N ALA B 223 33.01 -1.59 -0.13
CA ALA B 223 33.43 -0.85 -1.32
C ALA B 223 32.65 -1.29 -2.56
N LEU B 224 32.22 -2.55 -2.58
CA LEU B 224 31.47 -3.13 -3.70
C LEU B 224 29.95 -3.18 -3.50
N THR B 225 29.48 -2.58 -2.41
CA THR B 225 28.07 -2.54 -2.11
C THR B 225 27.56 -1.12 -2.46
N HIS B 226 26.59 -1.05 -3.38
CA HIS B 226 26.05 0.23 -3.80
C HIS B 226 24.58 0.01 -4.08
N ASP B 227 23.75 0.39 -3.12
CA ASP B 227 22.29 0.14 -3.18
C ASP B 227 22.09 -1.33 -3.55
N ASP B 228 21.25 -1.64 -4.53
CA ASP B 228 21.11 -3.05 -4.87
C ASP B 228 21.95 -3.52 -6.09
N PHE B 229 22.92 -2.72 -6.56
CA PHE B 229 23.79 -3.21 -7.64
C PHE B 229 24.44 -4.54 -7.30
N ARG B 230 24.47 -5.42 -8.28
CA ARG B 230 25.14 -6.70 -8.15
C ARG B 230 26.60 -6.55 -8.60
N ASN B 231 27.40 -5.87 -7.78
CA ASN B 231 28.82 -5.69 -8.07
C ASN B 231 29.71 -6.89 -7.74
N ALA B 232 29.74 -7.27 -6.46
CA ALA B 232 30.68 -8.28 -5.99
C ALA B 232 30.10 -9.64 -6.31
N TRP B 233 30.91 -10.51 -6.87
CA TRP B 233 30.49 -11.87 -7.15
C TRP B 233 31.62 -12.86 -6.90
N PHE B 234 31.22 -14.08 -6.58
CA PHE B 234 32.15 -15.20 -6.58
C PHE B 234 31.54 -16.36 -7.35
N VAL B 235 32.38 -17.35 -7.66
CA VAL B 235 31.93 -18.55 -8.31
C VAL B 235 32.04 -19.63 -7.28
N ASP B 236 30.97 -20.38 -7.06
CA ASP B 236 31.01 -21.27 -5.90
C ASP B 236 31.66 -22.62 -6.19
N ALA B 237 31.82 -23.44 -5.14
CA ALA B 237 32.46 -24.73 -5.28
C ALA B 237 31.79 -25.62 -6.36
N SER B 238 30.59 -25.28 -6.83
CA SER B 238 29.91 -26.07 -7.89
C SER B 238 29.79 -25.33 -9.24
N GLY B 239 30.49 -24.20 -9.37
CA GLY B 239 30.47 -23.48 -10.64
C GLY B 239 29.44 -22.39 -10.81
N ARG B 240 28.64 -22.10 -9.79
CA ARG B 240 27.56 -21.14 -9.93
C ARG B 240 28.08 -19.77 -9.47
N LYS B 241 27.73 -18.72 -10.22
CA LYS B 241 28.01 -17.31 -9.87
C LYS B 241 27.06 -16.84 -8.75
N VAL B 242 27.61 -16.21 -7.70
CA VAL B 242 26.80 -15.72 -6.59
C VAL B 242 27.19 -14.26 -6.32
N PHE B 243 26.21 -13.37 -6.26
CA PHE B 243 26.48 -11.94 -5.99
C PHE B 243 26.35 -11.65 -4.52
N VAL B 244 27.11 -10.68 -4.04
CA VAL B 244 27.20 -10.44 -2.61
C VAL B 244 27.12 -8.94 -2.31
N ARG B 245 26.41 -8.59 -1.26
CA ARG B 245 26.60 -7.25 -0.71
C ARG B 245 26.45 -7.29 0.79
N VAL B 246 26.92 -6.25 1.45
CA VAL B 246 26.92 -6.23 2.88
C VAL B 246 25.95 -5.15 3.35
N VAL B 247 25.34 -5.35 4.51
CA VAL B 247 24.51 -4.34 5.16
C VAL B 247 25.24 -3.98 6.45
N LEU B 248 25.57 -2.71 6.61
CA LEU B 248 26.35 -2.24 7.75
C LEU B 248 25.55 -1.19 8.54
N GLU B 249 25.50 -1.33 9.85
CA GLU B 249 24.58 -0.52 10.63
C GLU B 249 25.24 -0.09 11.93
N PRO B 250 25.64 1.18 12.04
CA PRO B 250 26.24 1.59 13.31
C PRO B 250 25.22 1.59 14.45
N GLU B 251 25.63 1.13 15.62
CA GLU B 251 24.81 1.23 16.83
C GLU B 251 24.51 2.71 17.05
N LYS B 252 23.25 3.05 17.33
CA LYS B 252 22.86 4.46 17.58
C LYS B 252 23.55 5.01 18.84
N PRO B 253 24.04 6.27 18.79
CA PRO B 253 24.75 6.87 19.94
C PRO B 253 23.81 7.40 21.03
N MET C 22 -13.55 -48.90 9.66
CA MET C 22 -13.67 -47.72 8.74
C MET C 22 -12.70 -47.97 7.59
N VAL C 23 -12.58 -47.02 6.66
CA VAL C 23 -11.67 -47.19 5.53
C VAL C 23 -10.46 -46.28 5.72
N THR C 24 -9.27 -46.88 5.67
CA THR C 24 -8.04 -46.13 5.83
C THR C 24 -7.48 -45.77 4.47
N ILE C 25 -7.17 -44.48 4.31
CA ILE C 25 -6.91 -43.96 2.98
C ILE C 25 -5.56 -43.33 2.90
N LEU C 26 -4.78 -43.76 1.91
CA LEU C 26 -3.57 -43.07 1.58
C LEU C 26 -3.81 -42.14 0.39
N ILE C 27 -3.55 -40.83 0.58
CA ILE C 27 -3.62 -39.90 -0.53
C ILE C 27 -2.20 -39.48 -0.96
N LEU C 28 -1.94 -39.54 -2.29
CA LEU C 28 -0.64 -39.17 -2.85
C LEU C 28 -0.84 -38.09 -3.88
N THR C 29 -0.25 -36.91 -3.66
CA THR C 29 -0.24 -35.89 -4.69
C THR C 29 0.95 -34.97 -4.56
N ASP C 30 1.48 -34.56 -5.70
CA ASP C 30 2.51 -33.51 -5.71
C ASP C 30 1.93 -32.16 -6.06
N ASN C 31 0.64 -32.10 -6.31
CA ASN C 31 0.07 -30.85 -6.81
C ASN C 31 -0.48 -30.01 -5.67
N VAL C 32 -0.21 -28.71 -5.75
CA VAL C 32 -0.50 -27.76 -4.66
C VAL C 32 -2.02 -27.61 -4.43
N HIS C 33 -2.82 -27.55 -5.48
CA HIS C 33 -4.30 -27.48 -5.33
C HIS C 33 -4.88 -28.81 -4.84
N ALA C 34 -4.41 -29.93 -5.37
CA ALA C 34 -4.99 -31.19 -4.94
C ALA C 34 -4.57 -31.48 -3.49
N HIS C 35 -3.38 -31.01 -3.13
CA HIS C 35 -2.92 -31.15 -1.77
C HIS C 35 -3.86 -30.37 -0.80
N ALA C 36 -4.24 -29.15 -1.15
CA ALA C 36 -5.18 -28.38 -0.31
C ALA C 36 -6.52 -29.11 -0.24
N LEU C 37 -6.95 -29.71 -1.34
CA LEU C 37 -8.17 -30.50 -1.30
C LEU C 37 -7.99 -31.75 -0.40
N ALA C 38 -6.86 -32.45 -0.53
CA ALA C 38 -6.60 -33.61 0.33
C ALA C 38 -6.64 -33.26 1.79
N VAL C 39 -6.15 -32.08 2.13
CA VAL C 39 -6.13 -31.66 3.54
C VAL C 39 -7.56 -31.48 4.06
N ASP C 40 -8.45 -30.87 3.24
CA ASP C 40 -9.86 -30.75 3.64
C ASP C 40 -10.55 -32.08 3.75
N LEU C 41 -10.25 -33.00 2.83
CA LEU C 41 -10.80 -34.36 2.92
C LEU C 41 -10.33 -35.02 4.22
N GLN C 42 -9.05 -34.85 4.57
CA GLN C 42 -8.51 -35.42 5.81
C GLN C 42 -9.19 -34.83 7.06
N ALA C 43 -9.46 -33.52 7.08
CA ALA C 43 -10.25 -32.88 8.16
C ALA C 43 -11.64 -33.50 8.36
N ARG C 44 -12.32 -33.86 7.26
CA ARG C 44 -13.65 -34.48 7.30
C ARG C 44 -13.63 -36.02 7.57
N HIS C 45 -12.71 -36.75 6.96
CA HIS C 45 -12.74 -38.21 7.02
C HIS C 45 -11.98 -38.78 8.19
N GLY C 46 -10.77 -38.29 8.45
CA GLY C 46 -10.03 -38.72 9.65
C GLY C 46 -8.96 -39.78 9.45
N ASP C 47 -9.35 -41.02 9.09
CA ASP C 47 -8.40 -42.12 8.89
C ASP C 47 -7.75 -42.01 7.50
N MET C 48 -6.90 -41.02 7.35
CA MET C 48 -6.34 -40.63 6.08
C MET C 48 -4.98 -40.00 6.30
N ASP C 49 -4.00 -40.44 5.50
CA ASP C 49 -2.70 -39.79 5.49
C ASP C 49 -2.51 -39.11 4.15
N VAL C 50 -1.80 -38.00 4.16
CA VAL C 50 -1.59 -37.23 2.97
C VAL C 50 -0.11 -37.10 2.73
N TYR C 51 0.36 -37.60 1.59
CA TYR C 51 1.77 -37.62 1.24
C TYR C 51 2.06 -37.06 -0.14
N GLN C 52 3.30 -36.64 -0.35
CA GLN C 52 3.78 -36.28 -1.68
C GLN C 52 4.89 -37.29 -2.04
N SER C 53 5.42 -37.22 -3.27
CA SER C 53 6.43 -38.19 -3.72
C SER C 53 7.80 -37.66 -3.31
N PRO C 54 8.89 -38.44 -3.54
CA PRO C 54 10.24 -37.89 -3.29
C PRO C 54 10.59 -36.62 -4.09
N ILE C 55 9.96 -36.41 -5.24
CA ILE C 55 10.27 -35.23 -6.04
C ILE C 55 9.24 -34.12 -5.89
N GLY C 56 8.26 -34.35 -5.03
CA GLY C 56 7.29 -33.31 -4.72
C GLY C 56 8.02 -32.08 -4.16
N GLN C 57 7.47 -30.91 -4.39
CA GLN C 57 8.08 -29.68 -3.90
C GLN C 57 7.11 -28.96 -2.99
N LEU C 58 6.24 -29.70 -2.29
CA LEU C 58 5.33 -29.04 -1.37
C LEU C 58 6.02 -28.88 -0.01
N PRO C 59 6.21 -27.64 0.46
CA PRO C 59 6.85 -27.48 1.79
C PRO C 59 6.03 -28.14 2.93
N GLY C 60 6.69 -28.93 3.78
CA GLY C 60 6.06 -29.47 4.99
C GLY C 60 5.13 -30.66 4.74
N VAL C 61 5.14 -31.22 3.54
CA VAL C 61 4.32 -32.39 3.21
C VAL C 61 5.17 -33.66 3.27
N PRO C 62 4.75 -34.68 4.08
CA PRO C 62 5.60 -35.85 4.25
C PRO C 62 5.76 -36.64 2.93
N ARG C 63 6.87 -37.37 2.80
CA ARG C 63 7.24 -38.01 1.53
C ARG C 63 7.05 -39.51 1.59
N CYS C 64 6.52 -40.08 0.50
CA CYS C 64 6.30 -41.51 0.33
C CYS C 64 6.89 -41.93 -1.01
N ASP C 65 7.88 -42.81 -0.97
CA ASP C 65 8.47 -43.38 -2.18
C ASP C 65 7.69 -44.66 -2.41
N VAL C 66 6.75 -44.60 -3.35
CA VAL C 66 5.77 -45.67 -3.54
C VAL C 66 6.44 -47.01 -3.89
N ALA C 67 7.36 -46.98 -4.85
CA ALA C 67 8.01 -48.21 -5.31
C ALA C 67 8.64 -49.00 -4.17
N GLU C 68 9.12 -48.30 -3.14
CA GLU C 68 9.87 -48.94 -2.05
C GLU C 68 9.00 -49.26 -0.82
N ARG C 69 7.70 -48.97 -0.94
CA ARG C 69 6.79 -48.98 0.20
C ARG C 69 5.56 -49.82 -0.03
N VAL C 70 5.59 -50.64 -1.10
CA VAL C 70 4.42 -51.39 -1.56
C VAL C 70 3.80 -52.23 -0.46
N ALA C 71 4.65 -53.04 0.15
CA ALA C 71 4.21 -53.95 1.20
C ALA C 71 3.59 -53.19 2.39
N GLU C 72 4.23 -52.12 2.83
CA GLU C 72 3.75 -51.34 3.95
C GLU C 72 2.43 -50.63 3.60
N ILE C 73 2.34 -50.09 2.38
CA ILE C 73 1.12 -49.42 1.92
C ILE C 73 -0.03 -50.42 1.89
N VAL C 74 0.22 -51.59 1.29
CA VAL C 74 -0.77 -52.66 1.22
C VAL C 74 -1.23 -53.11 2.62
N GLU C 75 -0.30 -53.26 3.58
CA GLU C 75 -0.71 -53.72 4.91
C GLU C 75 -1.54 -52.69 5.67
N ARG C 76 -1.16 -51.42 5.54
CA ARG C 76 -1.79 -50.31 6.28
C ARG C 76 -3.07 -49.75 5.65
N TYR C 77 -3.21 -49.78 4.33
CA TYR C 77 -4.30 -49.00 3.70
C TYR C 77 -5.33 -49.81 2.93
N ASP C 78 -6.56 -49.35 2.93
CA ASP C 78 -7.66 -49.96 2.16
C ASP C 78 -7.88 -49.28 0.80
N LEU C 79 -7.46 -48.02 0.69
CA LEU C 79 -7.57 -47.34 -0.61
C LEU C 79 -6.37 -46.46 -0.78
N VAL C 80 -5.79 -46.47 -1.99
CA VAL C 80 -4.79 -45.47 -2.36
C VAL C 80 -5.44 -44.51 -3.37
N LEU C 81 -5.50 -43.24 -3.01
CA LEU C 81 -6.12 -42.24 -3.85
C LEU C 81 -5.07 -41.17 -4.27
N SER C 82 -4.69 -41.16 -5.55
CA SER C 82 -3.70 -40.17 -6.02
C SER C 82 -4.37 -39.02 -6.77
N PHE C 83 -3.74 -37.84 -6.82
CA PHE C 83 -4.27 -36.75 -7.63
C PHE C 83 -3.17 -36.32 -8.60
N HIS C 84 -3.52 -36.24 -9.88
CA HIS C 84 -2.61 -35.78 -10.94
C HIS C 84 -1.36 -36.64 -11.06
N CYS C 85 -1.48 -37.92 -10.71
CA CYS C 85 -0.32 -38.79 -10.74
C CYS C 85 0.25 -38.94 -12.18
N LYS C 86 1.57 -38.90 -12.31
CA LYS C 86 2.23 -38.96 -13.66
C LYS C 86 3.21 -40.10 -13.85
N GLN C 87 3.37 -40.93 -12.82
CA GLN C 87 4.24 -42.11 -12.87
C GLN C 87 3.35 -43.35 -12.67
N ARG C 88 3.53 -44.38 -13.49
CA ARG C 88 2.79 -45.63 -13.33
C ARG C 88 3.07 -46.26 -11.96
N PHE C 89 2.06 -46.88 -11.35
CA PHE C 89 2.18 -47.56 -10.05
C PHE C 89 2.83 -48.93 -10.23
N PRO C 90 3.51 -49.46 -9.21
CA PRO C 90 3.98 -50.84 -9.38
C PRO C 90 2.79 -51.78 -9.46
N ALA C 91 2.89 -52.79 -10.31
CA ALA C 91 1.82 -53.76 -10.50
C ALA C 91 1.43 -54.41 -9.17
N ALA C 92 2.39 -54.63 -8.27
CA ALA C 92 2.06 -55.27 -6.99
C ALA C 92 1.22 -54.34 -6.11
N LEU C 93 1.37 -53.04 -6.31
CA LEU C 93 0.53 -52.07 -5.58
C LEU C 93 -0.93 -52.13 -6.11
N ILE C 94 -1.07 -51.99 -7.42
CA ILE C 94 -2.39 -52.02 -8.06
C ILE C 94 -3.15 -53.31 -7.72
N ASP C 95 -2.42 -54.43 -7.70
CA ASP C 95 -3.03 -55.72 -7.35
C ASP C 95 -3.25 -55.91 -5.86
N GLY C 96 -2.38 -55.33 -5.03
CA GLY C 96 -2.49 -55.49 -3.56
C GLY C 96 -3.53 -54.64 -2.86
N VAL C 97 -3.92 -53.51 -3.43
CA VAL C 97 -4.90 -52.61 -2.81
C VAL C 97 -5.63 -51.78 -3.89
N ARG C 98 -6.84 -51.33 -3.58
CA ARG C 98 -7.64 -50.56 -4.52
C ARG C 98 -6.95 -49.19 -4.68
N CYS C 99 -6.64 -48.88 -5.94
CA CYS C 99 -5.96 -47.63 -6.30
C CYS C 99 -6.83 -46.79 -7.24
N VAL C 100 -7.03 -45.53 -6.89
CA VAL C 100 -7.80 -44.63 -7.73
C VAL C 100 -6.98 -43.34 -7.96
N ASN C 101 -7.14 -42.72 -9.14
CA ASN C 101 -6.46 -41.48 -9.51
C ASN C 101 -7.46 -40.40 -9.91
N VAL C 102 -7.18 -39.15 -9.58
CA VAL C 102 -7.99 -38.02 -10.02
C VAL C 102 -7.13 -37.23 -11.03
N HIS C 103 -7.59 -37.13 -12.27
CA HIS C 103 -6.79 -36.52 -13.33
C HIS C 103 -7.52 -35.30 -13.91
N PRO C 104 -6.81 -34.17 -14.03
CA PRO C 104 -7.54 -33.00 -14.55
C PRO C 104 -7.54 -32.99 -16.09
N GLY C 105 -7.94 -34.11 -16.70
CA GLY C 105 -8.32 -34.10 -18.13
C GLY C 105 -9.63 -34.88 -18.24
N PHE C 106 -10.22 -34.89 -19.43
CA PHE C 106 -11.43 -35.67 -19.62
C PHE C 106 -11.03 -36.92 -20.41
N ASN C 107 -10.76 -38.02 -19.70
CA ASN C 107 -10.30 -39.27 -20.34
C ASN C 107 -11.37 -39.70 -21.33
N PRO C 108 -10.94 -40.31 -22.48
CA PRO C 108 -9.53 -40.61 -22.77
C PRO C 108 -8.84 -39.51 -23.63
N TYR C 109 -9.40 -38.32 -23.64
CA TYR C 109 -8.79 -37.24 -24.46
C TYR C 109 -7.65 -36.55 -23.74
N ASN C 110 -6.51 -36.40 -24.42
CA ASN C 110 -5.41 -35.59 -23.95
C ASN C 110 -5.02 -36.04 -22.56
N ARG C 111 -4.98 -37.38 -22.42
CA ARG C 111 -4.39 -38.00 -21.24
C ARG C 111 -2.95 -37.45 -21.04
N GLY C 112 -2.41 -37.59 -19.83
CA GLY C 112 -1.01 -37.15 -19.57
C GLY C 112 -0.92 -35.68 -19.17
N TRP C 113 0.07 -35.00 -19.72
CA TRP C 113 0.49 -33.70 -19.20
C TRP C 113 -0.39 -32.53 -19.69
N PHE C 114 -0.74 -31.63 -18.78
CA PHE C 114 -1.44 -30.38 -19.10
C PHE C 114 -2.59 -30.48 -20.14
N PRO C 115 -3.64 -31.27 -19.83
CA PRO C 115 -4.64 -31.55 -20.88
C PRO C 115 -5.26 -30.31 -21.50
N GLN C 116 -5.45 -29.24 -20.71
CA GLN C 116 -6.14 -28.05 -21.19
C GLN C 116 -5.31 -27.31 -22.26
N VAL C 117 -3.98 -27.43 -22.15
CA VAL C 117 -3.08 -26.88 -23.16
C VAL C 117 -3.41 -27.53 -24.49
N PHE C 118 -3.52 -28.86 -24.49
CA PHE C 118 -3.65 -29.60 -25.74
C PHE C 118 -5.07 -29.48 -26.32
N SER C 119 -6.05 -29.34 -25.41
CA SER C 119 -7.44 -29.24 -25.79
C SER C 119 -7.77 -27.88 -26.36
N ILE C 120 -7.15 -26.83 -25.83
CA ILE C 120 -7.31 -25.51 -26.41
C ILE C 120 -6.85 -25.58 -27.87
N ILE C 121 -5.78 -26.32 -28.10
CA ILE C 121 -5.28 -26.50 -29.49
C ILE C 121 -6.09 -27.42 -30.35
N ASP C 122 -6.51 -28.58 -29.83
CA ASP C 122 -7.11 -29.56 -30.71
C ASP C 122 -8.62 -29.66 -30.62
N GLY C 123 -9.28 -28.92 -29.71
CA GLY C 123 -10.75 -28.95 -29.70
C GLY C 123 -11.34 -30.15 -28.99
N GLN C 124 -10.51 -31.01 -28.40
CA GLN C 124 -11.08 -32.12 -27.61
C GLN C 124 -11.61 -31.60 -26.27
N LYS C 125 -12.54 -32.32 -25.65
CA LYS C 125 -13.01 -31.98 -24.30
C LYS C 125 -11.90 -31.97 -23.29
N VAL C 126 -12.06 -31.13 -22.27
CA VAL C 126 -11.19 -31.17 -21.12
C VAL C 126 -12.16 -31.19 -19.94
N GLY C 127 -11.66 -31.49 -18.75
CA GLY C 127 -12.54 -31.70 -17.61
C GLY C 127 -11.72 -32.41 -16.57
N VAL C 128 -12.41 -33.07 -15.64
CA VAL C 128 -11.76 -33.82 -14.56
C VAL C 128 -12.30 -35.26 -14.56
N THR C 129 -11.40 -36.24 -14.40
CA THR C 129 -11.75 -37.65 -14.41
C THR C 129 -11.22 -38.32 -13.16
N ILE C 130 -12.09 -39.10 -12.52
CA ILE C 130 -11.71 -39.94 -11.41
C ILE C 130 -11.78 -41.35 -11.96
N HIS C 131 -10.67 -42.08 -11.94
CA HIS C 131 -10.66 -43.41 -12.51
C HIS C 131 -9.87 -44.40 -11.66
N GLU C 132 -10.14 -45.69 -11.82
CA GLU C 132 -9.31 -46.73 -11.20
C GLU C 132 -7.99 -46.77 -11.93
N ILE C 133 -6.91 -47.09 -11.23
CA ILE C 133 -5.55 -47.08 -11.82
C ILE C 133 -5.22 -48.42 -12.46
N ASP C 134 -4.69 -48.41 -13.68
CA ASP C 134 -4.15 -49.67 -14.28
C ASP C 134 -2.69 -49.45 -14.66
N ASP C 135 -2.12 -50.29 -15.52
CA ASP C 135 -0.68 -50.19 -15.85
C ASP C 135 -0.33 -49.05 -16.85
N GLN C 136 -1.36 -48.38 -17.38
CA GLN C 136 -1.15 -47.22 -18.27
C GLN C 136 -1.48 -45.87 -17.61
N LEU C 137 -0.94 -44.81 -18.17
CA LEU C 137 -1.11 -43.48 -17.63
C LEU C 137 -2.52 -42.98 -18.00
N ASP C 138 -3.25 -42.49 -16.98
CA ASP C 138 -4.55 -41.85 -17.16
C ASP C 138 -5.50 -42.72 -17.98
N HIS C 139 -5.71 -43.91 -17.44
CA HIS C 139 -6.26 -44.99 -18.22
C HIS C 139 -6.98 -45.88 -17.23
N GLY C 140 -8.09 -46.49 -17.62
CA GLY C 140 -8.71 -47.46 -16.73
C GLY C 140 -10.12 -47.04 -16.44
N PRO C 141 -10.90 -47.93 -15.79
CA PRO C 141 -12.32 -47.73 -15.56
C PRO C 141 -12.63 -46.39 -14.92
N ILE C 142 -13.55 -45.62 -15.51
CA ILE C 142 -13.81 -44.27 -15.06
C ILE C 142 -14.91 -44.35 -14.00
N ILE C 143 -14.67 -43.70 -12.87
CA ILE C 143 -15.66 -43.65 -11.79
C ILE C 143 -16.65 -42.49 -12.02
N ALA C 144 -16.12 -41.32 -12.35
CA ALA C 144 -16.93 -40.15 -12.67
C ALA C 144 -16.02 -39.16 -13.39
N GLN C 145 -16.59 -38.37 -14.28
CA GLN C 145 -15.89 -37.24 -14.91
C GLN C 145 -16.87 -36.10 -15.20
N ARG C 146 -16.33 -34.92 -15.46
CA ARG C 146 -17.18 -33.76 -15.67
C ARG C 146 -16.40 -32.87 -16.60
N GLU C 147 -17.08 -32.30 -17.58
CA GLU C 147 -16.44 -31.50 -18.60
C GLU C 147 -16.30 -30.07 -18.07
N CYS C 148 -15.33 -29.37 -18.62
CA CYS C 148 -15.12 -27.96 -18.39
C CYS C 148 -15.13 -27.32 -19.77
N ALA C 149 -16.07 -26.41 -19.97
CA ALA C 149 -16.20 -25.64 -21.21
C ALA C 149 -14.98 -24.79 -21.41
N ILE C 150 -14.54 -24.67 -22.66
CA ILE C 150 -13.40 -23.80 -22.98
C ILE C 150 -13.94 -22.71 -23.86
N GLU C 151 -13.88 -21.46 -23.38
CA GLU C 151 -14.40 -20.30 -24.15
C GLU C 151 -13.34 -19.79 -25.09
N SER C 152 -13.78 -19.06 -26.10
CA SER C 152 -12.84 -18.51 -27.10
C SER C 152 -11.84 -17.55 -26.48
N TRP C 153 -12.14 -16.99 -25.31
CA TRP C 153 -11.22 -16.06 -24.61
C TRP C 153 -10.40 -16.72 -23.50
N ASP C 154 -10.58 -18.01 -23.34
CA ASP C 154 -9.82 -18.72 -22.31
C ASP C 154 -8.34 -18.85 -22.71
N SER C 155 -7.49 -18.88 -21.68
CA SER C 155 -6.09 -19.32 -21.81
C SER C 155 -5.95 -20.62 -21.01
N SER C 156 -4.78 -21.26 -21.09
CA SER C 156 -4.54 -22.40 -20.23
C SER C 156 -4.73 -22.06 -18.72
N GLY C 157 -4.23 -20.92 -18.28
CA GLY C 157 -4.35 -20.51 -16.88
C GLY C 157 -5.79 -20.33 -16.40
N SER C 158 -6.64 -19.68 -17.19
CA SER C 158 -8.02 -19.52 -16.79
C SER C 158 -8.83 -20.84 -16.80
N VAL C 159 -8.62 -21.70 -17.79
CA VAL C 159 -9.25 -23.04 -17.79
C VAL C 159 -8.78 -23.82 -16.60
N TYR C 160 -7.48 -23.77 -16.30
CA TYR C 160 -6.93 -24.58 -15.22
C TYR C 160 -7.55 -24.15 -13.87
N ALA C 161 -7.70 -22.86 -13.64
CA ALA C 161 -8.34 -22.43 -12.37
C ALA C 161 -9.75 -23.00 -12.26
N ARG C 162 -10.50 -23.05 -13.37
CA ARG C 162 -11.85 -23.59 -13.33
C ARG C 162 -11.76 -25.11 -13.11
N LEU C 163 -10.75 -25.74 -13.69
CA LEU C 163 -10.53 -27.19 -13.52
C LEU C 163 -10.30 -27.57 -12.07
N MET C 164 -9.55 -26.73 -11.33
CA MET C 164 -9.33 -26.99 -9.94
C MET C 164 -10.61 -26.86 -9.10
N ASP C 165 -11.45 -25.88 -9.44
CA ASP C 165 -12.78 -25.78 -8.81
C ASP C 165 -13.62 -27.03 -9.13
N ILE C 166 -13.59 -27.45 -10.40
CA ILE C 166 -14.38 -28.62 -10.82
C ILE C 166 -13.89 -29.88 -10.11
N GLU C 167 -12.56 -29.99 -9.96
CA GLU C 167 -11.98 -31.14 -9.32
C GLU C 167 -12.51 -31.21 -7.88
N ARG C 168 -12.49 -30.08 -7.21
CA ARG C 168 -12.98 -30.01 -5.83
CA ARG C 168 -12.99 -30.02 -5.84
C ARG C 168 -14.46 -30.39 -5.78
N GLU C 169 -15.25 -29.83 -6.68
CA GLU C 169 -16.71 -30.10 -6.67
C GLU C 169 -17.00 -31.57 -6.93
N LEU C 170 -16.29 -32.14 -7.90
CA LEU C 170 -16.51 -33.53 -8.30
C LEU C 170 -15.99 -34.50 -7.23
N VAL C 171 -14.77 -34.29 -6.75
CA VAL C 171 -14.24 -35.15 -5.68
C VAL C 171 -15.09 -35.10 -4.41
N LEU C 172 -15.49 -33.88 -3.99
CA LEU C 172 -16.32 -33.79 -2.77
C LEU C 172 -17.62 -34.54 -2.94
N GLU C 173 -18.17 -34.44 -4.14
CA GLU C 173 -19.43 -35.08 -4.39
C GLU C 173 -19.31 -36.61 -4.34
N HIS C 174 -18.26 -37.14 -4.94
CA HIS C 174 -18.15 -38.61 -5.11
C HIS C 174 -17.32 -39.27 -4.02
N PHE C 175 -16.92 -38.49 -3.01
CA PHE C 175 -15.98 -39.01 -2.05
C PHE C 175 -16.49 -40.25 -1.31
N ASP C 176 -17.74 -40.24 -0.86
CA ASP C 176 -18.29 -41.36 -0.08
C ASP C 176 -18.31 -42.60 -0.96
N ALA C 177 -18.68 -42.44 -2.22
CA ALA C 177 -18.73 -43.56 -3.15
C ALA C 177 -17.32 -44.14 -3.41
N ILE C 178 -16.35 -43.27 -3.61
CA ILE C 178 -14.97 -43.67 -3.79
C ILE C 178 -14.48 -44.40 -2.56
N ARG C 179 -14.76 -43.83 -1.39
CA ARG C 179 -14.35 -44.41 -0.11
C ARG C 179 -14.91 -45.83 0.06
N ASP C 180 -16.21 -46.00 -0.19
CA ASP C 180 -16.89 -47.29 0.06
C ASP C 180 -16.72 -48.30 -1.07
N GLY C 181 -16.32 -47.83 -2.25
CA GLY C 181 -16.29 -48.66 -3.45
C GLY C 181 -17.69 -48.93 -3.97
N SER C 182 -18.64 -48.04 -3.68
CA SER C 182 -20.02 -48.24 -4.16
C SER C 182 -20.27 -47.52 -5.48
N TYR C 183 -19.45 -47.83 -6.48
CA TYR C 183 -19.67 -47.30 -7.81
C TYR C 183 -19.51 -48.47 -8.75
N THR C 184 -19.96 -48.28 -9.99
CA THR C 184 -19.66 -49.23 -11.07
C THR C 184 -18.91 -48.45 -12.16
N ALA C 185 -17.61 -48.70 -12.25
CA ALA C 185 -16.76 -47.91 -13.11
C ALA C 185 -16.80 -48.50 -14.52
N LYS C 186 -16.56 -47.67 -15.54
CA LYS C 186 -16.58 -48.15 -16.92
C LYS C 186 -15.40 -47.58 -17.73
N SER C 187 -14.63 -48.47 -18.34
CA SER C 187 -13.48 -48.07 -19.13
C SER C 187 -13.98 -47.34 -20.36
N PRO C 188 -13.29 -46.27 -20.81
CA PRO C 188 -13.70 -45.64 -22.09
C PRO C 188 -13.44 -46.66 -23.18
N ALA C 189 -14.21 -46.59 -24.26
CA ALA C 189 -14.14 -47.57 -25.32
C ALA C 189 -12.94 -47.32 -26.27
N THR C 190 -12.56 -46.06 -26.44
CA THR C 190 -11.39 -45.70 -27.25
C THR C 190 -10.15 -45.42 -26.36
N GLU C 191 -8.95 -45.58 -26.94
CA GLU C 191 -7.68 -45.30 -26.26
C GLU C 191 -7.41 -43.81 -26.10
N GLY C 192 -8.00 -42.99 -26.97
CA GLY C 192 -7.76 -41.57 -27.00
C GLY C 192 -6.30 -41.32 -27.30
N ASN C 193 -5.68 -40.35 -26.61
CA ASN C 193 -4.31 -39.92 -26.95
C ASN C 193 -3.65 -39.48 -25.67
N LEU C 194 -2.32 -39.66 -25.62
CA LEU C 194 -1.49 -39.37 -24.42
C LEU C 194 -0.46 -38.30 -24.78
N ASN C 195 -0.40 -37.21 -24.03
CA ASN C 195 0.68 -36.22 -24.21
C ASN C 195 1.70 -36.31 -23.09
N LEU C 196 2.98 -36.20 -23.46
CA LEU C 196 4.07 -36.33 -22.48
C LEU C 196 4.71 -34.97 -22.27
N LYS C 197 5.54 -34.85 -21.23
CA LYS C 197 6.18 -33.56 -20.90
C LYS C 197 6.94 -33.03 -22.12
N LYS C 198 7.69 -33.91 -22.80
CA LYS C 198 8.44 -33.49 -24.01
C LYS C 198 7.53 -32.85 -25.09
N ASP C 199 6.25 -33.28 -25.17
CA ASP C 199 5.34 -32.80 -26.22
C ASP C 199 4.97 -31.38 -25.85
N PHE C 200 4.74 -31.14 -24.57
CA PHE C 200 4.56 -29.77 -24.11
C PHE C 200 5.79 -28.89 -24.41
N GLU C 201 6.97 -29.39 -24.09
CA GLU C 201 8.21 -28.64 -24.33
C GLU C 201 8.35 -28.24 -25.80
N GLN C 202 7.97 -29.15 -26.70
CA GLN C 202 8.02 -28.87 -28.16
C GLN C 202 7.03 -27.75 -28.59
N LEU C 203 5.85 -27.70 -27.99
CA LEU C 203 4.86 -26.68 -28.28
C LEU C 203 5.29 -25.28 -27.92
N ARG C 204 6.13 -25.16 -26.90
CA ARG C 204 6.51 -23.84 -26.35
C ARG C 204 7.24 -22.97 -27.39
N ARG C 205 8.02 -23.62 -28.26
CA ARG C 205 8.81 -22.94 -29.28
C ARG C 205 7.93 -22.46 -30.43
N LEU C 206 7.95 -21.16 -30.72
CA LEU C 206 7.14 -20.62 -31.82
C LEU C 206 8.04 -20.43 -33.01
N ASP C 207 7.69 -21.07 -34.12
CA ASP C 207 8.45 -20.95 -35.34
C ASP C 207 7.88 -19.75 -36.05
N LEU C 208 8.64 -18.67 -36.16
CA LEU C 208 8.13 -17.42 -36.81
C LEU C 208 7.69 -17.60 -38.27
N ASN C 209 8.32 -18.59 -38.92
CA ASN C 209 8.01 -19.00 -40.27
C ASN C 209 6.88 -20.01 -40.44
N GLU C 210 6.34 -20.53 -39.35
CA GLU C 210 5.21 -21.45 -39.52
C GLU C 210 3.99 -20.71 -40.12
N ARG C 211 3.30 -21.35 -41.05
CA ARG C 211 2.08 -20.78 -41.65
C ARG C 211 0.82 -21.41 -41.04
N GLY C 212 -0.22 -20.62 -40.82
CA GLY C 212 -1.49 -21.14 -40.32
C GLY C 212 -2.52 -20.03 -40.34
N THR C 213 -3.69 -20.26 -39.75
CA THR C 213 -4.68 -19.19 -39.66
C THR C 213 -4.45 -18.37 -38.39
N PHE C 214 -5.03 -17.17 -38.34
CA PHE C 214 -4.94 -16.35 -37.14
C PHE C 214 -5.56 -17.05 -35.95
N GLY C 215 -6.71 -17.69 -36.18
CA GLY C 215 -7.41 -18.52 -35.18
C GLY C 215 -6.48 -19.56 -34.56
N HIS C 216 -5.75 -20.27 -35.42
CA HIS C 216 -4.86 -21.36 -35.01
C HIS C 216 -3.72 -20.79 -34.18
N PHE C 217 -3.18 -19.65 -34.61
CA PHE C 217 -2.12 -19.01 -33.89
C PHE C 217 -2.57 -18.49 -32.50
N LEU C 218 -3.74 -17.87 -32.45
CA LEU C 218 -4.29 -17.38 -31.19
C LEU C 218 -4.52 -18.57 -30.25
N ASN C 219 -4.96 -19.70 -30.80
CA ASN C 219 -5.18 -20.88 -29.94
C ASN C 219 -3.84 -21.36 -29.37
N ARG C 220 -2.80 -21.36 -30.20
CA ARG C 220 -1.45 -21.69 -29.71
C ARG C 220 -0.97 -20.76 -28.60
N LEU C 221 -1.06 -19.44 -28.81
CA LEU C 221 -0.66 -18.49 -27.78
C LEU C 221 -1.50 -18.60 -26.51
N ARG C 222 -2.81 -18.75 -26.63
CA ARG C 222 -3.62 -18.80 -25.38
C ARG C 222 -3.43 -20.15 -24.65
N ALA C 223 -3.21 -21.23 -25.41
CA ALA C 223 -2.84 -22.51 -24.80
C ALA C 223 -1.52 -22.40 -24.01
N LEU C 224 -0.61 -21.51 -24.42
CA LEU C 224 0.68 -21.42 -23.73
C LEU C 224 0.70 -20.26 -22.74
N THR C 225 -0.46 -19.68 -22.49
CA THR C 225 -0.56 -18.57 -21.57
C THR C 225 -1.14 -19.13 -20.28
N HIS C 226 -0.42 -18.94 -19.20
CA HIS C 226 -0.88 -19.51 -17.94
C HIS C 226 -0.31 -18.61 -16.85
N ASP C 227 -1.19 -17.74 -16.32
CA ASP C 227 -0.79 -16.61 -15.44
C ASP C 227 0.48 -15.97 -15.95
N ASP C 228 1.53 -15.86 -15.15
CA ASP C 228 2.70 -15.20 -15.68
C ASP C 228 3.82 -16.17 -16.14
N PHE C 229 3.54 -17.46 -16.27
CA PHE C 229 4.59 -18.41 -16.69
C PHE C 229 5.14 -18.01 -18.04
N ARG C 230 6.42 -18.19 -18.19
CA ARG C 230 7.08 -17.93 -19.45
C ARG C 230 7.14 -19.20 -20.28
N ASN C 231 5.99 -19.57 -20.88
CA ASN C 231 5.92 -20.80 -21.66
C ASN C 231 6.32 -20.60 -23.13
N ALA C 232 5.56 -19.76 -23.86
CA ALA C 232 5.79 -19.55 -25.30
C ALA C 232 7.01 -18.67 -25.50
N TRP C 233 7.86 -19.04 -26.46
CA TRP C 233 9.00 -18.21 -26.83
C TRP C 233 9.30 -18.34 -28.31
N PHE C 234 9.91 -17.29 -28.84
CA PHE C 234 10.53 -17.39 -30.12
C PHE C 234 11.94 -16.86 -30.02
N VAL C 235 12.76 -17.17 -31.02
CA VAL C 235 14.07 -16.57 -31.16
C VAL C 235 14.07 -15.57 -32.32
N ASP C 236 14.58 -14.35 -32.10
CA ASP C 236 14.42 -13.32 -33.10
C ASP C 236 15.63 -13.36 -34.03
N ALA C 237 15.64 -12.43 -34.98
CA ALA C 237 16.65 -12.31 -36.04
C ALA C 237 18.08 -12.24 -35.52
N SER C 238 18.26 -11.62 -34.35
CA SER C 238 19.57 -11.48 -33.74
C SER C 238 19.91 -12.58 -32.71
N GLY C 239 19.09 -13.61 -32.60
CA GLY C 239 19.39 -14.69 -31.64
C GLY C 239 18.89 -14.46 -30.23
N ARG C 240 18.12 -13.40 -30.00
CA ARG C 240 17.53 -13.17 -28.67
C ARG C 240 16.24 -13.99 -28.46
N LYS C 241 16.13 -14.66 -27.34
CA LYS C 241 14.89 -15.34 -27.06
C LYS C 241 13.84 -14.35 -26.44
N VAL C 242 12.59 -14.44 -26.88
CA VAL C 242 11.53 -13.53 -26.43
C VAL C 242 10.38 -14.37 -25.95
N PHE C 243 9.91 -14.14 -24.72
CA PHE C 243 8.76 -14.88 -24.19
C PHE C 243 7.45 -14.16 -24.51
N VAL C 244 6.37 -14.93 -24.73
CA VAL C 244 5.12 -14.39 -25.22
C VAL C 244 3.94 -14.95 -24.46
N ARG C 245 3.01 -14.07 -24.11
CA ARG C 245 1.70 -14.53 -23.73
C ARG C 245 0.65 -13.52 -24.19
N VAL C 246 -0.58 -13.97 -24.17
CA VAL C 246 -1.66 -13.18 -24.72
C VAL C 246 -2.68 -12.84 -23.61
N VAL C 247 -3.27 -11.66 -23.69
CA VAL C 247 -4.39 -11.27 -22.80
C VAL C 247 -5.65 -11.17 -23.67
N LEU C 248 -6.67 -11.95 -23.29
CA LEU C 248 -7.97 -12.01 -23.99
C LEU C 248 -9.05 -11.52 -23.06
N GLU C 249 -9.84 -10.53 -23.45
CA GLU C 249 -10.97 -10.10 -22.62
C GLU C 249 -12.26 -10.07 -23.46
N PRO C 250 -13.25 -10.88 -23.10
CA PRO C 250 -14.50 -10.80 -23.85
C PRO C 250 -15.19 -9.47 -23.55
N GLU C 251 -15.82 -8.89 -24.57
CA GLU C 251 -16.61 -7.68 -24.34
C GLU C 251 -17.66 -7.96 -23.27
N LYS C 252 -17.73 -7.10 -22.26
CA LYS C 252 -18.64 -7.32 -21.13
C LYS C 252 -20.06 -7.14 -21.64
N PRO C 253 -20.99 -8.03 -21.25
CA PRO C 253 -22.39 -7.75 -21.67
C PRO C 253 -22.87 -6.41 -21.07
N ALA C 254 -23.82 -5.73 -21.71
CA ALA C 254 -24.36 -4.49 -21.11
C ALA C 254 -24.88 -4.86 -19.71
N GLU C 255 -24.69 -3.98 -18.72
CA GLU C 255 -25.09 -4.30 -17.32
C GLU C 255 -26.61 -4.54 -17.26
N ALA C 256 -27.01 -5.61 -16.59
CA ALA C 256 -28.40 -6.06 -16.55
C ALA C 256 -29.02 -5.90 -15.16
N MET D 22 12.26 37.72 -28.56
CA MET D 22 11.87 38.52 -29.76
C MET D 22 10.90 37.75 -30.66
N VAL D 23 11.11 36.45 -30.82
CA VAL D 23 10.26 35.63 -31.70
C VAL D 23 9.04 35.10 -30.94
N THR D 24 7.85 35.36 -31.46
CA THR D 24 6.59 35.02 -30.78
C THR D 24 5.98 33.72 -31.35
N ILE D 25 5.81 32.71 -30.49
CA ILE D 25 5.50 31.34 -30.95
C ILE D 25 4.15 30.87 -30.47
N LEU D 26 3.37 30.35 -31.40
CA LEU D 26 2.15 29.64 -31.09
C LEU D 26 2.43 28.15 -31.21
N ILE D 27 2.27 27.43 -30.10
CA ILE D 27 2.33 25.96 -30.14
C ILE D 27 0.91 25.40 -30.18
N LEU D 28 0.68 24.43 -31.06
CA LEU D 28 -0.60 23.74 -31.12
C LEU D 28 -0.39 22.26 -30.96
N THR D 29 -1.07 21.66 -29.98
CA THR D 29 -1.12 20.20 -29.88
C THR D 29 -2.28 19.68 -29.04
N ASP D 30 -2.82 18.52 -29.40
CA ASP D 30 -3.81 17.87 -28.54
C ASP D 30 -3.14 16.72 -27.78
N ASN D 31 -1.87 16.48 -28.02
CA ASN D 31 -1.20 15.32 -27.42
C ASN D 31 -0.63 15.66 -26.04
N VAL D 32 -0.93 14.82 -25.04
CA VAL D 32 -0.52 15.05 -23.63
C VAL D 32 1.00 15.15 -23.47
N HIS D 33 1.76 14.33 -24.19
CA HIS D 33 3.21 14.34 -24.05
C HIS D 33 3.83 15.53 -24.74
N ALA D 34 3.35 15.84 -25.95
CA ALA D 34 3.84 17.02 -26.64
C ALA D 34 3.42 18.26 -25.87
N HIS D 35 2.24 18.22 -25.21
CA HIS D 35 1.84 19.38 -24.41
C HIS D 35 2.84 19.61 -23.28
N ALA D 36 3.21 18.54 -22.57
CA ALA D 36 4.17 18.64 -21.46
C ALA D 36 5.49 19.22 -21.95
N LEU D 37 5.96 18.73 -23.10
CA LEU D 37 7.15 19.28 -23.73
C LEU D 37 7.00 20.78 -24.05
N ALA D 38 5.87 21.15 -24.62
CA ALA D 38 5.62 22.52 -25.02
C ALA D 38 5.60 23.44 -23.79
N VAL D 39 5.03 22.94 -22.68
CA VAL D 39 5.05 23.69 -21.43
C VAL D 39 6.50 23.94 -20.98
N ASP D 40 7.39 22.97 -21.18
CA ASP D 40 8.78 23.14 -20.75
C ASP D 40 9.49 24.12 -21.65
N LEU D 41 9.18 24.05 -22.93
CA LEU D 41 9.72 25.04 -23.88
C LEU D 41 9.25 26.44 -23.51
N GLN D 42 8.00 26.55 -23.08
CA GLN D 42 7.41 27.84 -22.77
C GLN D 42 8.10 28.46 -21.58
N ALA D 43 8.39 27.63 -20.59
CA ALA D 43 9.14 28.09 -19.42
C ALA D 43 10.54 28.59 -19.79
N ARG D 44 11.19 27.95 -20.76
CA ARG D 44 12.50 28.42 -21.27
C ARG D 44 12.45 29.56 -22.30
N HIS D 45 11.47 29.57 -23.21
CA HIS D 45 11.45 30.62 -24.22
C HIS D 45 10.64 31.86 -23.83
N GLY D 46 9.50 31.68 -23.17
CA GLY D 46 8.77 32.83 -22.67
C GLY D 46 7.69 33.37 -23.60
N ASP D 47 8.08 33.85 -24.77
CA ASP D 47 7.12 34.47 -25.68
C ASP D 47 6.45 33.46 -26.54
N MET D 48 5.58 32.68 -25.91
CA MET D 48 5.02 31.51 -26.50
C MET D 48 3.66 31.25 -25.88
N ASP D 49 2.66 30.98 -26.71
CA ASP D 49 1.37 30.49 -26.21
C ASP D 49 1.18 29.03 -26.57
N VAL D 50 0.51 28.28 -25.69
CA VAL D 50 0.30 26.87 -25.93
C VAL D 50 -1.20 26.57 -26.06
N TYR D 51 -1.63 26.20 -27.25
CA TYR D 51 -3.05 25.93 -27.49
C TYR D 51 -3.33 24.46 -27.89
N GLN D 52 -4.60 24.04 -27.76
CA GLN D 52 -5.06 22.79 -28.38
C GLN D 52 -6.19 23.12 -29.39
N SER D 53 -6.61 22.12 -30.17
CA SER D 53 -7.71 22.28 -31.15
C SER D 53 -9.06 22.17 -30.46
N PRO D 54 -10.19 22.50 -31.17
CA PRO D 54 -11.52 22.46 -30.52
C PRO D 54 -11.91 21.04 -30.07
N ILE D 55 -11.39 20.02 -30.74
CA ILE D 55 -11.66 18.66 -30.29
C ILE D 55 -10.60 18.15 -29.30
N GLY D 56 -9.64 18.99 -28.89
CA GLY D 56 -8.61 18.51 -27.94
C GLY D 56 -9.19 18.18 -26.58
N GLN D 57 -8.54 17.32 -25.81
CA GLN D 57 -9.08 16.91 -24.49
C GLN D 57 -8.16 17.19 -23.33
N LEU D 58 -7.24 18.14 -23.50
CA LEU D 58 -6.32 18.53 -22.45
C LEU D 58 -7.00 19.51 -21.47
N PRO D 59 -7.05 19.15 -20.16
CA PRO D 59 -7.76 19.97 -19.19
C PRO D 59 -7.00 21.27 -19.01
N GLY D 60 -7.67 22.42 -19.00
CA GLY D 60 -6.97 23.65 -18.66
C GLY D 60 -6.12 24.30 -19.74
N VAL D 61 -6.11 23.71 -20.93
CA VAL D 61 -5.38 24.24 -22.07
C VAL D 61 -6.34 24.98 -23.01
N PRO D 62 -6.03 26.26 -23.34
CA PRO D 62 -6.95 27.03 -24.19
C PRO D 62 -7.07 26.47 -25.60
N ARG D 63 -8.16 26.86 -26.28
CA ARG D 63 -8.56 26.23 -27.55
C ARG D 63 -8.48 27.16 -28.76
N CYS D 64 -7.95 26.65 -29.87
CA CYS D 64 -7.79 27.46 -31.06
C CYS D 64 -8.31 26.71 -32.26
N ASP D 65 -9.30 27.29 -32.93
CA ASP D 65 -9.78 26.78 -34.21
C ASP D 65 -8.97 27.48 -35.28
N VAL D 66 -8.03 26.72 -35.82
CA VAL D 66 -7.02 27.27 -36.69
C VAL D 66 -7.63 27.88 -37.96
N ALA D 67 -8.54 27.16 -38.62
CA ALA D 67 -9.10 27.63 -39.89
C ALA D 67 -9.86 28.93 -39.70
N GLU D 68 -10.51 29.11 -38.55
CA GLU D 68 -11.26 30.36 -38.28
C GLU D 68 -10.41 31.53 -37.81
N ARG D 69 -9.16 31.27 -37.45
CA ARG D 69 -8.38 32.26 -36.74
C ARG D 69 -7.13 32.66 -37.52
N VAL D 70 -7.10 32.37 -38.82
CA VAL D 70 -5.93 32.59 -39.66
C VAL D 70 -5.36 34.01 -39.51
N ALA D 71 -6.22 35.04 -39.66
CA ALA D 71 -5.78 36.46 -39.56
C ALA D 71 -5.14 36.86 -38.23
N GLU D 72 -5.82 36.59 -37.12
CA GLU D 72 -5.30 36.86 -35.77
C GLU D 72 -4.00 36.11 -35.51
N ILE D 73 -3.93 34.85 -35.95
CA ILE D 73 -2.68 34.07 -35.80
C ILE D 73 -1.53 34.73 -36.58
N VAL D 74 -1.77 35.05 -37.85
CA VAL D 74 -0.73 35.65 -38.69
C VAL D 74 -0.30 37.02 -38.13
N GLU D 75 -1.26 37.78 -37.62
CA GLU D 75 -0.99 39.05 -36.95
C GLU D 75 -0.16 38.87 -35.68
N ARG D 76 -0.48 37.89 -34.84
CA ARG D 76 0.15 37.75 -33.51
C ARG D 76 1.48 36.98 -33.45
N TYR D 77 1.70 36.04 -34.36
CA TYR D 77 2.86 35.16 -34.20
C TYR D 77 3.82 35.19 -35.35
N ASP D 78 5.08 34.93 -35.05
CA ASP D 78 6.14 34.80 -36.04
C ASP D 78 6.36 33.36 -36.45
N LEU D 79 5.76 32.44 -35.70
CA LEU D 79 5.99 31.00 -35.90
C LEU D 79 4.87 30.18 -35.28
N VAL D 80 4.38 29.19 -36.02
CA VAL D 80 3.40 28.27 -35.52
C VAL D 80 4.06 26.89 -35.51
N LEU D 81 4.14 26.31 -34.31
CA LEU D 81 4.86 25.06 -34.07
C LEU D 81 3.80 24.08 -33.60
N SER D 82 3.41 23.15 -34.48
CA SER D 82 2.40 22.15 -34.06
C SER D 82 3.08 20.82 -33.71
N PHE D 83 2.42 20.00 -32.89
CA PHE D 83 2.95 18.68 -32.57
C PHE D 83 1.88 17.60 -32.84
N HIS D 84 2.23 16.59 -33.64
CA HIS D 84 1.33 15.48 -33.96
C HIS D 84 0.07 15.95 -34.71
N CYS D 85 0.19 17.00 -35.51
CA CYS D 85 -0.99 17.58 -36.13
C CYS D 85 -1.62 16.61 -37.14
N LYS D 86 -2.94 16.48 -37.12
CA LYS D 86 -3.61 15.54 -38.02
C LYS D 86 -4.55 16.19 -39.05
N GLN D 87 -4.72 17.51 -38.98
CA GLN D 87 -5.58 18.22 -39.93
C GLN D 87 -4.73 19.22 -40.71
N ARG D 88 -4.89 19.18 -42.03
CA ARG D 88 -4.17 20.10 -42.92
C ARG D 88 -4.42 21.57 -42.58
N PHE D 89 -3.37 22.38 -42.66
CA PHE D 89 -3.45 23.82 -42.35
C PHE D 89 -4.11 24.59 -43.48
N PRO D 90 -4.84 25.68 -43.14
CA PRO D 90 -5.33 26.53 -44.23
C PRO D 90 -4.19 27.04 -45.10
N ALA D 91 -4.35 26.98 -46.42
CA ALA D 91 -3.29 27.42 -47.34
C ALA D 91 -2.87 28.87 -47.01
N ALA D 92 -3.83 29.67 -46.56
CA ALA D 92 -3.57 31.05 -46.16
C ALA D 92 -2.69 31.12 -44.91
N LEU D 93 -2.83 30.17 -44.00
CA LEU D 93 -2.01 30.17 -42.79
C LEU D 93 -0.52 29.85 -43.13
N ILE D 94 -0.30 28.77 -43.88
CA ILE D 94 1.03 28.37 -44.40
C ILE D 94 1.77 29.52 -45.07
N ASP D 95 1.05 30.27 -45.92
CA ASP D 95 1.68 31.39 -46.63
C ASP D 95 1.82 32.65 -45.79
N GLY D 96 0.94 32.84 -44.81
CA GLY D 96 0.95 34.05 -44.00
C GLY D 96 1.97 34.08 -42.89
N VAL D 97 2.47 32.90 -42.49
CA VAL D 97 3.37 32.78 -41.33
C VAL D 97 4.14 31.43 -41.39
N ARG D 98 5.38 31.39 -40.89
CA ARG D 98 6.17 30.13 -40.86
C ARG D 98 5.51 29.03 -40.00
N CYS D 99 5.21 27.88 -40.59
CA CYS D 99 4.51 26.80 -39.88
C CYS D 99 5.38 25.56 -39.90
N VAL D 100 5.63 25.04 -38.73
CA VAL D 100 6.49 23.87 -38.54
C VAL D 100 5.73 22.81 -37.73
N ASN D 101 5.82 21.53 -38.11
CA ASN D 101 5.10 20.48 -37.37
C ASN D 101 6.10 19.47 -36.83
N VAL D 102 5.77 18.89 -35.69
CA VAL D 102 6.55 17.78 -35.09
C VAL D 102 5.71 16.48 -35.15
N HIS D 103 6.15 15.57 -36.01
CA HIS D 103 5.41 14.34 -36.32
C HIS D 103 6.18 13.12 -35.84
N PRO D 104 5.54 12.28 -35.00
CA PRO D 104 6.23 11.11 -34.45
C PRO D 104 6.24 9.93 -35.43
N GLY D 105 6.75 10.18 -36.64
CA GLY D 105 7.09 9.11 -37.59
C GLY D 105 8.33 9.58 -38.33
N PHE D 106 8.92 8.67 -39.10
CA PHE D 106 10.10 8.99 -39.89
C PHE D 106 9.69 9.29 -41.37
N ASN D 107 9.36 10.56 -41.66
CA ASN D 107 8.98 10.99 -43.03
C ASN D 107 10.02 10.54 -44.09
N PRO D 108 9.55 10.12 -45.29
CA PRO D 108 8.15 10.06 -45.73
C PRO D 108 7.44 8.71 -45.44
N TYR D 109 8.01 7.88 -44.58
CA TYR D 109 7.43 6.55 -44.32
C TYR D 109 6.34 6.63 -43.26
N ASN D 110 5.22 5.95 -43.55
CA ASN D 110 4.09 5.87 -42.65
C ASN D 110 3.71 7.23 -42.07
N ARG D 111 3.62 8.21 -42.97
CA ARG D 111 3.06 9.51 -42.64
C ARG D 111 1.66 9.28 -42.03
N GLY D 112 1.18 10.23 -41.22
CA GLY D 112 -0.22 10.18 -40.78
C GLY D 112 -0.38 9.48 -39.44
N TRP D 113 -1.41 8.67 -39.33
CA TRP D 113 -1.84 8.11 -38.03
C TRP D 113 -0.94 7.01 -37.51
N PHE D 114 -0.59 7.14 -36.24
CA PHE D 114 0.15 6.12 -35.47
C PHE D 114 1.29 5.42 -36.25
N PRO D 115 2.32 6.16 -36.70
CA PRO D 115 3.37 5.54 -37.51
C PRO D 115 3.93 4.22 -36.97
N GLN D 116 4.11 4.09 -35.67
CA GLN D 116 4.75 2.90 -35.13
C GLN D 116 3.90 1.62 -35.26
N VAL D 117 2.59 1.75 -35.17
CA VAL D 117 1.70 0.60 -35.45
C VAL D 117 2.02 0.06 -36.86
N PHE D 118 2.04 0.95 -37.85
CA PHE D 118 2.25 0.55 -39.25
C PHE D 118 3.66 0.10 -39.54
N SER D 119 4.65 0.72 -38.89
CA SER D 119 6.05 0.36 -39.11
C SER D 119 6.35 -0.97 -38.45
N ILE D 120 5.74 -1.26 -37.31
CA ILE D 120 5.88 -2.59 -36.72
C ILE D 120 5.45 -3.62 -37.75
N ILE D 121 4.39 -3.33 -38.50
CA ILE D 121 3.82 -4.31 -39.43
C ILE D 121 4.64 -4.42 -40.72
N ASP D 122 5.06 -3.28 -41.27
CA ASP D 122 5.67 -3.26 -42.57
C ASP D 122 7.22 -3.13 -42.58
N GLY D 123 7.84 -2.85 -41.43
CA GLY D 123 9.30 -2.80 -41.30
C GLY D 123 9.92 -1.51 -41.84
N GLN D 124 9.13 -0.52 -42.19
CA GLN D 124 9.72 0.75 -42.63
C GLN D 124 10.21 1.49 -41.40
N LYS D 125 11.08 2.48 -41.59
CA LYS D 125 11.62 3.24 -40.48
C LYS D 125 10.48 3.95 -39.73
N VAL D 126 10.67 4.05 -38.41
CA VAL D 126 9.88 4.97 -37.60
C VAL D 126 10.84 5.89 -36.80
N GLY D 127 10.31 6.98 -36.23
CA GLY D 127 11.15 7.97 -35.57
C GLY D 127 10.35 9.24 -35.41
N VAL D 128 11.06 10.37 -35.28
CA VAL D 128 10.39 11.67 -35.16
C VAL D 128 10.93 12.62 -36.23
N THR D 129 10.06 13.41 -36.84
CA THR D 129 10.48 14.30 -37.90
C THR D 129 9.95 15.67 -37.59
N ILE D 130 10.83 16.66 -37.69
CA ILE D 130 10.40 18.04 -37.60
C ILE D 130 10.43 18.59 -39.02
N HIS D 131 9.33 19.18 -39.48
CA HIS D 131 9.26 19.57 -40.89
C HIS D 131 8.45 20.82 -41.10
N GLU D 132 8.69 21.46 -42.23
CA GLU D 132 7.89 22.59 -42.63
C GLU D 132 6.54 22.05 -43.10
N ILE D 133 5.47 22.79 -42.81
CA ILE D 133 4.11 22.41 -43.20
C ILE D 133 3.81 22.87 -44.63
N ASP D 134 3.32 21.96 -45.46
CA ASP D 134 2.80 22.31 -46.78
C ASP D 134 1.35 21.83 -46.83
N ASP D 135 0.78 21.70 -48.03
CA ASP D 135 -0.64 21.37 -48.15
C ASP D 135 -1.01 19.89 -47.95
N GLN D 136 -0.02 19.01 -47.75
CA GLN D 136 -0.30 17.61 -47.52
C GLN D 136 0.12 17.24 -46.12
N LEU D 137 -0.41 16.14 -45.61
CA LEU D 137 -0.19 15.77 -44.23
C LEU D 137 1.18 15.13 -44.10
N ASP D 138 1.94 15.56 -43.10
CA ASP D 138 3.25 14.96 -42.80
C ASP D 138 4.13 14.90 -44.04
N HIS D 139 4.31 16.06 -44.67
CA HIS D 139 4.82 16.16 -46.02
C HIS D 139 5.50 17.53 -46.05
N GLY D 140 6.54 17.68 -46.82
CA GLY D 140 7.18 18.99 -46.81
C GLY D 140 8.59 18.92 -46.30
N PRO D 141 9.41 19.94 -46.60
CA PRO D 141 10.85 19.95 -46.33
C PRO D 141 11.16 19.60 -44.86
N ILE D 142 12.08 18.66 -44.70
CA ILE D 142 12.44 18.14 -43.39
C ILE D 142 13.51 19.03 -42.79
N ILE D 143 13.26 19.46 -41.56
CA ILE D 143 14.23 20.30 -40.82
C ILE D 143 15.22 19.35 -40.10
N ALA D 144 14.71 18.35 -39.42
CA ALA D 144 15.56 17.39 -38.74
C ALA D 144 14.73 16.14 -38.53
N GLN D 145 15.37 14.98 -38.52
CA GLN D 145 14.66 13.75 -38.18
C GLN D 145 15.60 12.78 -37.49
N ARG D 146 15.03 11.83 -36.76
CA ARG D 146 15.83 10.84 -36.07
C ARG D 146 15.05 9.56 -36.00
N GLU D 147 15.73 8.48 -36.30
CA GLU D 147 15.14 7.17 -36.34
C GLU D 147 14.96 6.57 -34.94
N CYS D 148 13.96 5.71 -34.78
CA CYS D 148 13.77 4.95 -33.55
C CYS D 148 13.80 3.47 -33.92
N ALA D 149 14.73 2.72 -33.34
CA ALA D 149 14.82 1.29 -33.60
C ALA D 149 13.58 0.56 -33.06
N ILE D 150 13.11 -0.47 -33.75
CA ILE D 150 11.97 -1.25 -33.24
C ILE D 150 12.51 -2.63 -32.91
N GLU D 151 12.40 -3.08 -31.67
CA GLU D 151 12.95 -4.40 -31.31
C GLU D 151 11.89 -5.46 -31.53
N SER D 152 12.31 -6.72 -31.65
CA SER D 152 11.37 -7.85 -31.84
C SER D 152 10.34 -8.01 -30.73
N TRP D 153 10.66 -7.53 -29.54
CA TRP D 153 9.79 -7.61 -28.35
C TRP D 153 8.95 -6.33 -28.15
N ASP D 154 9.16 -5.33 -29.00
CA ASP D 154 8.41 -4.08 -28.89
C ASP D 154 6.92 -4.21 -29.23
N SER D 155 6.10 -3.43 -28.52
CA SER D 155 4.73 -3.25 -28.90
C SER D 155 4.61 -1.82 -29.42
N SER D 156 3.47 -1.46 -29.99
CA SER D 156 3.27 -0.04 -30.30
C SER D 156 3.42 0.87 -29.05
N GLY D 157 2.93 0.42 -27.90
CA GLY D 157 3.03 1.23 -26.67
C GLY D 157 4.49 1.46 -26.23
N SER D 158 5.33 0.44 -26.37
CA SER D 158 6.71 0.59 -25.89
C SER D 158 7.51 1.43 -26.88
N VAL D 159 7.30 1.25 -28.18
CA VAL D 159 7.92 2.10 -29.18
C VAL D 159 7.49 3.56 -28.99
N TYR D 160 6.20 3.76 -28.78
CA TYR D 160 5.65 5.10 -28.57
C TYR D 160 6.34 5.85 -27.41
N ALA D 161 6.53 5.15 -26.29
CA ALA D 161 7.19 5.74 -25.11
C ALA D 161 8.61 6.23 -25.51
N ARG D 162 9.30 5.45 -26.34
CA ARG D 162 10.65 5.80 -26.76
C ARG D 162 10.60 6.99 -27.74
N LEU D 163 9.60 6.99 -28.62
CA LEU D 163 9.37 8.09 -29.56
C LEU D 163 9.16 9.42 -28.82
N MET D 164 8.41 9.39 -27.73
CA MET D 164 8.17 10.57 -26.95
C MET D 164 9.49 11.08 -26.31
N ASP D 165 10.39 10.15 -25.91
CA ASP D 165 11.71 10.58 -25.42
C ASP D 165 12.54 11.19 -26.56
N ILE D 166 12.55 10.52 -27.72
CA ILE D 166 13.30 11.04 -28.88
C ILE D 166 12.74 12.37 -29.36
N GLU D 167 11.43 12.52 -29.36
CA GLU D 167 10.86 13.80 -29.75
C GLU D 167 11.36 14.91 -28.80
N ARG D 168 11.36 14.65 -27.49
CA ARG D 168 11.90 15.65 -26.53
C ARG D 168 13.39 15.95 -26.87
N GLU D 169 14.16 14.90 -27.08
CA GLU D 169 15.59 15.04 -27.39
C GLU D 169 15.80 15.84 -28.66
N LEU D 170 15.06 15.50 -29.73
CA LEU D 170 15.23 16.17 -31.03
C LEU D 170 14.77 17.62 -30.98
N VAL D 171 13.63 17.84 -30.37
CA VAL D 171 13.13 19.21 -30.29
C VAL D 171 14.02 20.10 -29.45
N LEU D 172 14.51 19.58 -28.31
CA LEU D 172 15.41 20.40 -27.46
C LEU D 172 16.68 20.77 -28.20
N GLU D 173 17.18 19.84 -28.99
CA GLU D 173 18.41 20.10 -29.72
C GLU D 173 18.24 21.19 -30.78
N HIS D 174 17.14 21.14 -31.54
CA HIS D 174 16.98 22.06 -32.66
C HIS D 174 16.09 23.24 -32.37
N PHE D 175 15.61 23.37 -31.13
CA PHE D 175 14.66 24.44 -30.81
C PHE D 175 15.19 25.79 -31.28
N ASP D 176 16.44 26.08 -30.99
CA ASP D 176 17.05 27.37 -31.39
C ASP D 176 17.00 27.64 -32.88
N ALA D 177 17.33 26.64 -33.71
CA ALA D 177 17.24 26.78 -35.17
C ALA D 177 15.79 27.01 -35.62
N ILE D 178 14.87 26.27 -35.02
CA ILE D 178 13.47 26.35 -35.34
C ILE D 178 12.95 27.75 -34.99
N ARG D 179 13.30 28.24 -33.81
CA ARG D 179 12.88 29.58 -33.39
C ARG D 179 13.41 30.65 -34.36
N ASP D 180 14.68 30.56 -34.77
CA ASP D 180 15.31 31.57 -35.67
C ASP D 180 15.04 31.37 -37.17
N GLY D 181 14.77 30.14 -37.56
CA GLY D 181 14.62 29.83 -38.98
C GLY D 181 15.96 29.70 -39.66
N SER D 182 17.00 29.37 -38.89
CA SER D 182 18.35 29.22 -39.39
C SER D 182 18.65 27.76 -39.76
N TYR D 183 17.76 27.15 -40.54
CA TYR D 183 17.96 25.81 -41.08
C TYR D 183 17.78 25.90 -42.57
N THR D 184 18.24 24.87 -43.27
CA THR D 184 17.88 24.67 -44.65
C THR D 184 17.22 23.30 -44.66
N ALA D 185 15.89 23.31 -44.71
CA ALA D 185 15.06 22.12 -44.78
C ALA D 185 15.16 21.48 -46.16
N LYS D 186 15.04 20.16 -46.22
CA LYS D 186 15.16 19.44 -47.48
C LYS D 186 13.97 18.49 -47.65
N SER D 187 13.30 18.58 -48.79
CA SER D 187 12.18 17.69 -49.10
C SER D 187 12.64 16.24 -49.23
N PRO D 188 11.82 15.25 -48.79
CA PRO D 188 12.23 13.85 -49.00
C PRO D 188 12.30 13.53 -50.49
N ALA D 189 13.07 12.51 -50.88
CA ALA D 189 13.23 12.19 -52.31
C ALA D 189 12.00 11.48 -52.90
N THR D 190 11.21 10.83 -52.04
CA THR D 190 10.01 10.12 -52.50
C THR D 190 8.78 10.56 -51.70
N GLU D 191 7.60 10.18 -52.16
CA GLU D 191 6.35 10.56 -51.51
C GLU D 191 6.08 9.73 -50.25
N GLY D 192 6.65 8.53 -50.19
CA GLY D 192 6.34 7.55 -49.15
C GLY D 192 4.87 7.15 -49.19
N ASN D 193 4.27 6.97 -48.01
CA ASN D 193 2.89 6.53 -47.92
C ASN D 193 2.20 7.19 -46.73
N LEU D 194 0.87 7.24 -46.78
CA LEU D 194 0.08 7.95 -45.78
C LEU D 194 -0.99 7.02 -45.23
N ASN D 195 -1.05 6.91 -43.90
CA ASN D 195 -2.11 6.17 -43.23
C ASN D 195 -3.07 7.11 -42.52
N LEU D 196 -4.36 6.85 -42.66
CA LEU D 196 -5.35 7.65 -41.96
C LEU D 196 -6.06 6.83 -40.89
N LYS D 197 -6.98 7.45 -40.16
CA LYS D 197 -7.61 6.77 -39.05
C LYS D 197 -8.27 5.48 -39.50
N LYS D 198 -9.04 5.57 -40.60
CA LYS D 198 -9.70 4.41 -41.19
C LYS D 198 -8.73 3.26 -41.47
N ASP D 199 -7.47 3.57 -41.81
CA ASP D 199 -6.51 2.49 -42.02
C ASP D 199 -6.19 1.74 -40.72
N PHE D 200 -6.06 2.50 -39.64
CA PHE D 200 -5.85 1.88 -38.33
C PHE D 200 -7.09 1.05 -37.95
N GLU D 201 -8.28 1.64 -38.15
CA GLU D 201 -9.57 0.98 -37.83
C GLU D 201 -9.68 -0.36 -38.52
N GLN D 202 -9.28 -0.42 -39.78
CA GLN D 202 -9.33 -1.69 -40.55
C GLN D 202 -8.38 -2.78 -39.96
N LEU D 203 -7.25 -2.36 -39.39
CA LEU D 203 -6.27 -3.29 -38.82
C LEU D 203 -6.74 -3.94 -37.56
N ARG D 204 -7.63 -3.26 -36.82
CA ARG D 204 -8.05 -3.70 -35.50
C ARG D 204 -8.75 -5.06 -35.51
N ARG D 205 -9.57 -5.30 -36.53
CA ARG D 205 -10.35 -6.52 -36.66
CA ARG D 205 -10.33 -6.55 -36.59
C ARG D 205 -9.44 -7.66 -37.09
N LEU D 206 -9.36 -8.72 -36.28
CA LEU D 206 -8.54 -9.88 -36.64
C LEU D 206 -9.47 -10.88 -37.27
N ASP D 207 -9.23 -11.20 -38.52
CA ASP D 207 -10.03 -12.22 -39.19
C ASP D 207 -9.42 -13.56 -38.80
N LEU D 208 -10.19 -14.41 -38.11
CA LEU D 208 -9.64 -15.70 -37.62
C LEU D 208 -9.22 -16.66 -38.75
N ASN D 209 -9.85 -16.54 -39.91
CA ASN D 209 -9.51 -17.35 -41.06
C ASN D 209 -8.31 -16.82 -41.87
N GLU D 210 -7.79 -15.63 -41.53
CA GLU D 210 -6.69 -15.10 -42.37
C GLU D 210 -5.47 -16.00 -42.21
N ARG D 211 -4.86 -16.40 -43.32
CA ARG D 211 -3.63 -17.19 -43.30
C ARG D 211 -2.38 -16.30 -43.36
N GLY D 212 -1.32 -16.72 -42.69
CA GLY D 212 -0.05 -15.94 -42.66
C GLY D 212 0.99 -16.68 -41.85
N THR D 213 2.17 -16.08 -41.66
CA THR D 213 3.16 -16.72 -40.77
C THR D 213 2.93 -16.29 -39.32
N PHE D 214 3.49 -17.04 -38.36
CA PHE D 214 3.42 -16.71 -36.97
C PHE D 214 4.07 -15.34 -36.72
N GLY D 215 5.22 -15.11 -37.35
CA GLY D 215 5.91 -13.79 -37.29
C GLY D 215 4.98 -12.64 -37.69
N HIS D 216 4.29 -12.82 -38.81
CA HIS D 216 3.34 -11.85 -39.32
C HIS D 216 2.20 -11.60 -38.34
N PHE D 217 1.68 -12.69 -37.77
CA PHE D 217 0.60 -12.53 -36.81
C PHE D 217 1.10 -11.87 -35.49
N LEU D 218 2.28 -12.22 -35.03
CA LEU D 218 2.85 -11.58 -33.86
C LEU D 218 3.10 -10.09 -34.10
N ASN D 219 3.52 -9.73 -35.32
CA ASN D 219 3.71 -8.30 -35.65
C ASN D 219 2.35 -7.58 -35.58
N ARG D 220 1.31 -8.25 -36.05
CA ARG D 220 -0.02 -7.68 -36.04
C ARG D 220 -0.52 -7.47 -34.59
N LEU D 221 -0.39 -8.48 -33.74
CA LEU D 221 -0.80 -8.32 -32.35
C LEU D 221 0.01 -7.27 -31.60
N ARG D 222 1.33 -7.25 -31.80
CA ARG D 222 2.13 -6.28 -31.02
C ARG D 222 1.93 -4.86 -31.54
N ALA D 223 1.69 -4.70 -32.85
CA ALA D 223 1.38 -3.40 -33.43
C ALA D 223 0.09 -2.85 -32.81
N LEU D 224 -0.86 -3.74 -32.43
CA LEU D 224 -2.15 -3.32 -31.83
C LEU D 224 -2.14 -3.36 -30.30
N THR D 225 -0.97 -3.61 -29.72
CA THR D 225 -0.79 -3.60 -28.29
C THR D 225 -0.23 -2.25 -27.85
N HIS D 226 -0.97 -1.52 -27.03
CA HIS D 226 -0.51 -0.24 -26.58
C HIS D 226 -1.07 -0.01 -25.17
N ASP D 227 -0.24 -0.26 -24.15
CA ASP D 227 -0.65 -0.19 -22.74
C ASP D 227 -1.90 -1.08 -22.68
N ASP D 228 -2.99 -0.64 -22.07
CA ASP D 228 -4.16 -1.54 -22.15
C ASP D 228 -5.32 -1.07 -23.05
N PHE D 229 -5.01 -0.22 -24.04
CA PHE D 229 -5.98 0.08 -25.08
C PHE D 229 -6.54 -1.24 -25.66
N ARG D 230 -7.86 -1.27 -25.84
CA ARG D 230 -8.53 -2.38 -26.49
C ARG D 230 -8.57 -2.20 -28.03
N ASN D 231 -7.41 -2.34 -28.68
CA ASN D 231 -7.29 -2.12 -30.12
C ASN D 231 -7.69 -3.36 -30.94
N ALA D 232 -6.99 -4.47 -30.74
CA ALA D 232 -7.29 -5.70 -31.49
C ALA D 232 -8.55 -6.39 -30.93
N TRP D 233 -9.39 -6.90 -31.83
CA TRP D 233 -10.52 -7.75 -31.48
C TRP D 233 -10.80 -8.79 -32.57
N PHE D 234 -11.36 -9.92 -32.15
CA PHE D 234 -11.99 -10.88 -33.07
C PHE D 234 -13.40 -11.15 -32.61
N VAL D 235 -14.21 -11.71 -33.50
CA VAL D 235 -15.55 -12.16 -33.15
C VAL D 235 -15.48 -13.66 -33.16
N ASP D 236 -15.96 -14.32 -32.12
CA ASP D 236 -15.87 -15.77 -32.13
C ASP D 236 -17.06 -16.39 -32.86
N ALA D 237 -17.12 -17.73 -32.87
CA ALA D 237 -18.11 -18.44 -33.68
C ALA D 237 -19.54 -18.13 -33.26
N SER D 238 -19.73 -17.65 -32.03
CA SER D 238 -21.05 -17.37 -31.51
C SER D 238 -21.38 -15.86 -31.44
N GLY D 239 -20.55 -15.02 -32.06
CA GLY D 239 -20.86 -13.61 -32.18
C GLY D 239 -20.35 -12.73 -31.06
N ARG D 240 -19.60 -13.33 -30.12
CA ARG D 240 -18.99 -12.60 -29.02
C ARG D 240 -17.70 -11.91 -29.48
N LYS D 241 -17.58 -10.63 -29.19
CA LYS D 241 -16.38 -9.89 -29.51
C LYS D 241 -15.34 -10.14 -28.37
N VAL D 242 -14.08 -10.40 -28.75
CA VAL D 242 -12.99 -10.59 -27.76
C VAL D 242 -11.82 -9.67 -28.09
N PHE D 243 -11.33 -8.94 -27.11
CA PHE D 243 -10.18 -8.01 -27.32
C PHE D 243 -8.90 -8.73 -26.98
N VAL D 244 -7.81 -8.36 -27.66
CA VAL D 244 -6.59 -9.13 -27.58
C VAL D 244 -5.42 -8.18 -27.48
N ARG D 245 -4.47 -8.52 -26.61
CA ARG D 245 -3.16 -7.90 -26.69
C ARG D 245 -2.10 -8.88 -26.29
N VAL D 246 -0.86 -8.54 -26.59
CA VAL D 246 0.22 -9.48 -26.37
C VAL D 246 1.21 -8.92 -25.35
N VAL D 247 1.82 -9.78 -24.54
CA VAL D 247 2.89 -9.38 -23.63
C VAL D 247 4.17 -10.03 -24.15
N LEU D 248 5.14 -9.21 -24.54
CA LEU D 248 6.42 -9.73 -25.03
C LEU D 248 7.51 -9.39 -24.04
N GLU D 249 8.34 -10.35 -23.67
CA GLU D 249 9.43 -10.11 -22.70
C GLU D 249 10.71 -10.76 -23.18
N PRO D 250 11.71 -9.94 -23.52
CA PRO D 250 12.99 -10.52 -23.99
C PRO D 250 13.67 -11.20 -22.83
N GLU D 251 14.34 -12.31 -23.06
CA GLU D 251 15.12 -12.96 -22.01
C GLU D 251 16.14 -11.96 -21.47
N LYS D 252 16.22 -11.85 -20.15
CA LYS D 252 17.15 -10.92 -19.51
C LYS D 252 18.57 -11.34 -19.90
N PRO D 253 19.40 -10.41 -20.39
CA PRO D 253 20.78 -10.83 -20.65
C PRO D 253 21.45 -11.31 -19.35
N ALA D 254 22.37 -12.27 -19.42
CA ALA D 254 23.14 -12.70 -18.24
C ALA D 254 23.82 -11.47 -17.59
N GLU D 255 24.02 -11.52 -16.26
CA GLU D 255 24.42 -10.33 -15.48
C GLU D 255 25.74 -9.68 -15.94
N ALA D 256 25.72 -8.36 -16.17
CA ALA D 256 26.92 -7.61 -16.56
C ALA D 256 28.08 -7.82 -15.59
N MET E 22 -25.93 -39.37 14.02
CA MET E 22 -27.26 -40.06 14.07
C MET E 22 -28.33 -39.33 13.23
N VAL E 23 -28.01 -38.08 12.92
CA VAL E 23 -28.77 -37.24 12.01
C VAL E 23 -27.77 -36.80 10.93
N THR E 24 -27.88 -37.37 9.74
CA THR E 24 -27.04 -36.92 8.62
C THR E 24 -27.76 -35.79 7.90
N ILE E 25 -27.06 -34.66 7.78
CA ILE E 25 -27.68 -33.41 7.33
C ILE E 25 -27.12 -32.99 6.00
N LEU E 26 -28.02 -32.62 5.08
CA LEU E 26 -27.65 -31.98 3.83
C LEU E 26 -27.97 -30.52 3.97
N ILE E 27 -26.94 -29.70 3.78
CA ILE E 27 -27.17 -28.28 3.72
C ILE E 27 -27.12 -27.87 2.27
N LEU E 28 -28.10 -27.05 1.86
CA LEU E 28 -28.14 -26.46 0.53
C LEU E 28 -28.17 -24.95 0.60
N THR E 29 -27.22 -24.28 -0.05
CA THR E 29 -27.26 -22.81 -0.14
C THR E 29 -26.35 -22.29 -1.24
N ASP E 30 -26.77 -21.23 -1.91
CA ASP E 30 -25.95 -20.55 -2.92
C ASP E 30 -25.36 -19.27 -2.34
N ASN E 31 -25.70 -18.97 -1.09
CA ASN E 31 -25.30 -17.70 -0.50
C ASN E 31 -23.96 -17.84 0.23
N VAL E 32 -23.07 -16.90 -0.02
CA VAL E 32 -21.67 -17.01 0.44
C VAL E 32 -21.58 -16.95 1.96
N HIS E 33 -22.44 -16.15 2.60
CA HIS E 33 -22.36 -16.04 4.06
C HIS E 33 -22.99 -17.24 4.74
N ALA E 34 -24.11 -17.71 4.24
CA ALA E 34 -24.72 -18.93 4.77
C ALA E 34 -23.78 -20.09 4.55
N HIS E 35 -23.07 -20.10 3.42
CA HIS E 35 -22.12 -21.17 3.17
C HIS E 35 -21.02 -21.15 4.25
N ALA E 36 -20.45 -19.97 4.57
CA ALA E 36 -19.45 -19.93 5.66
C ALA E 36 -20.02 -20.45 6.98
N LEU E 37 -21.24 -20.06 7.29
CA LEU E 37 -21.94 -20.56 8.49
C LEU E 37 -22.10 -22.09 8.44
N ALA E 38 -22.50 -22.60 7.27
CA ALA E 38 -22.64 -24.06 7.06
C ALA E 38 -21.32 -24.79 7.29
N VAL E 39 -20.22 -24.19 6.86
CA VAL E 39 -18.90 -24.77 7.04
C VAL E 39 -18.56 -24.88 8.52
N ASP E 40 -18.87 -23.85 9.30
CA ASP E 40 -18.65 -23.95 10.77
C ASP E 40 -19.53 -24.99 11.43
N LEU E 41 -20.77 -25.10 10.97
CA LEU E 41 -21.67 -26.12 11.50
C LEU E 41 -21.13 -27.52 11.18
N GLN E 42 -20.64 -27.74 9.96
CA GLN E 42 -20.07 -29.03 9.59
C GLN E 42 -18.81 -29.38 10.43
N ALA E 43 -17.94 -28.40 10.70
CA ALA E 43 -16.79 -28.64 11.55
C ALA E 43 -17.24 -29.04 12.97
N ARG E 44 -18.38 -28.55 13.41
CA ARG E 44 -18.89 -28.97 14.72
C ARG E 44 -19.82 -30.21 14.77
N HIS E 45 -20.70 -30.40 13.79
CA HIS E 45 -21.63 -31.54 13.80
C HIS E 45 -21.00 -32.81 13.20
N GLY E 46 -20.21 -32.67 12.14
CA GLY E 46 -19.57 -33.85 11.54
C GLY E 46 -20.34 -34.52 10.40
N ASP E 47 -21.43 -35.24 10.72
CA ASP E 47 -22.23 -35.94 9.71
C ASP E 47 -23.09 -34.98 8.85
N MET E 48 -22.45 -34.22 7.98
CA MET E 48 -23.11 -33.13 7.27
C MET E 48 -22.41 -32.85 5.95
N ASP E 49 -23.18 -32.73 4.87
CA ASP E 49 -22.59 -32.31 3.59
C ASP E 49 -23.13 -30.93 3.22
N VAL E 50 -22.28 -30.12 2.58
CA VAL E 50 -22.67 -28.77 2.21
C VAL E 50 -22.61 -28.64 0.68
N TYR E 51 -23.77 -28.41 0.06
CA TYR E 51 -23.94 -28.33 -1.42
C TYR E 51 -24.53 -27.01 -1.83
N GLN E 52 -24.33 -26.65 -3.09
CA GLN E 52 -25.01 -25.51 -3.69
C GLN E 52 -25.82 -26.06 -4.86
N SER E 53 -26.62 -25.21 -5.49
CA SER E 53 -27.42 -25.63 -6.65
C SER E 53 -26.55 -25.67 -7.95
N PRO E 54 -27.13 -26.17 -9.08
CA PRO E 54 -26.41 -26.09 -10.35
C PRO E 54 -26.15 -24.65 -10.76
N ILE E 55 -26.84 -23.66 -10.19
CA ILE E 55 -26.55 -22.28 -10.58
C ILE E 55 -25.81 -21.47 -9.53
N GLY E 56 -25.37 -22.10 -8.45
CA GLY E 56 -24.61 -21.37 -7.41
C GLY E 56 -23.30 -20.87 -7.99
N GLN E 57 -22.75 -19.81 -7.42
CA GLN E 57 -21.45 -19.30 -7.89
C GLN E 57 -20.33 -19.41 -6.82
N LEU E 58 -20.46 -20.38 -5.92
CA LEU E 58 -19.47 -20.62 -4.86
C LEU E 58 -18.39 -21.56 -5.38
N PRO E 59 -17.15 -21.06 -5.56
CA PRO E 59 -16.11 -21.94 -6.16
C PRO E 59 -15.79 -23.13 -5.26
N GLY E 60 -15.82 -24.33 -5.82
CA GLY E 60 -15.36 -25.49 -5.10
C GLY E 60 -16.42 -26.15 -4.24
N VAL E 61 -17.66 -25.72 -4.40
CA VAL E 61 -18.76 -26.28 -3.61
C VAL E 61 -19.53 -27.28 -4.47
N PRO E 62 -19.63 -28.54 -3.99
CA PRO E 62 -20.31 -29.56 -4.78
C PRO E 62 -21.76 -29.14 -5.07
N ARG E 63 -22.25 -29.56 -6.22
CA ARG E 63 -23.53 -29.09 -6.74
C ARG E 63 -24.58 -30.19 -6.69
N CYS E 64 -25.81 -29.78 -6.35
CA CYS E 64 -26.96 -30.71 -6.23
C CYS E 64 -28.21 -30.08 -6.88
N ASP E 65 -28.73 -30.75 -7.91
CA ASP E 65 -29.94 -30.32 -8.60
C ASP E 65 -31.09 -31.06 -7.89
N VAL E 66 -31.68 -30.40 -6.89
CA VAL E 66 -32.65 -31.03 -5.99
C VAL E 66 -33.74 -31.85 -6.70
N ALA E 67 -34.35 -31.24 -7.72
CA ALA E 67 -35.41 -31.89 -8.54
C ALA E 67 -35.01 -33.27 -9.08
N GLU E 68 -33.77 -33.44 -9.50
CA GLU E 68 -33.35 -34.71 -10.08
C GLU E 68 -32.74 -35.67 -9.07
N ARG E 69 -32.61 -35.22 -7.81
CA ARG E 69 -31.89 -35.99 -6.80
C ARG E 69 -32.74 -36.43 -5.62
N VAL E 70 -34.06 -36.38 -5.77
CA VAL E 70 -34.95 -36.60 -4.62
C VAL E 70 -34.71 -37.97 -3.95
N ALA E 71 -34.71 -39.03 -4.76
CA ALA E 71 -34.54 -40.39 -4.24
C ALA E 71 -33.21 -40.54 -3.50
N GLU E 72 -32.14 -39.97 -4.05
CA GLU E 72 -30.83 -40.09 -3.42
C GLU E 72 -30.74 -39.27 -2.13
N ILE E 73 -31.33 -38.09 -2.13
CA ILE E 73 -31.31 -37.20 -0.97
C ILE E 73 -32.06 -37.91 0.17
N VAL E 74 -33.25 -38.40 -0.15
CA VAL E 74 -34.10 -39.10 0.83
C VAL E 74 -33.38 -40.33 1.35
N GLU E 75 -32.70 -41.05 0.46
CA GLU E 75 -31.88 -42.19 0.86
C GLU E 75 -30.74 -41.84 1.82
N ARG E 76 -29.98 -40.79 1.49
CA ARG E 76 -28.72 -40.49 2.20
C ARG E 76 -28.85 -39.63 3.48
N TYR E 77 -29.91 -38.84 3.62
CA TYR E 77 -29.97 -37.81 4.69
C TYR E 77 -31.20 -37.94 5.56
N ASP E 78 -31.12 -37.42 6.78
CA ASP E 78 -32.25 -37.41 7.72
C ASP E 78 -32.87 -36.02 7.84
N LEU E 79 -32.16 -35.01 7.30
CA LEU E 79 -32.59 -33.60 7.37
C LEU E 79 -31.95 -32.86 6.20
N VAL E 80 -32.77 -32.07 5.50
CA VAL E 80 -32.28 -31.11 4.53
C VAL E 80 -32.45 -29.74 5.17
N LEU E 81 -31.37 -28.99 5.27
CA LEU E 81 -31.43 -27.65 5.83
C LEU E 81 -30.95 -26.69 4.76
N SER E 82 -31.86 -25.88 4.21
CA SER E 82 -31.46 -24.90 3.20
C SER E 82 -31.32 -23.50 3.79
N PHE E 83 -30.53 -22.66 3.13
CA PHE E 83 -30.43 -21.28 3.58
C PHE E 83 -30.74 -20.37 2.39
N HIS E 84 -31.69 -19.44 2.57
CA HIS E 84 -32.00 -18.42 1.54
C HIS E 84 -32.56 -19.12 0.27
N CYS E 85 -33.21 -20.26 0.44
CA CYS E 85 -33.63 -21.03 -0.72
C CYS E 85 -34.71 -20.24 -1.49
N LYS E 86 -34.58 -20.24 -2.81
CA LYS E 86 -35.51 -19.50 -3.66
C LYS E 86 -36.36 -20.35 -4.57
N GLN E 87 -36.09 -21.65 -4.61
CA GLN E 87 -36.82 -22.59 -5.44
C GLN E 87 -37.70 -23.45 -4.53
N ARG E 88 -39.00 -23.55 -4.79
CA ARG E 88 -39.85 -24.48 -4.02
C ARG E 88 -39.31 -25.91 -4.21
N PHE E 89 -39.31 -26.72 -3.16
CA PHE E 89 -38.80 -28.11 -3.25
C PHE E 89 -39.90 -29.01 -3.84
N PRO E 90 -39.53 -30.12 -4.52
CA PRO E 90 -40.54 -31.10 -4.92
C PRO E 90 -41.35 -31.69 -3.75
N ALA E 91 -42.64 -31.91 -3.96
CA ALA E 91 -43.52 -32.54 -2.97
C ALA E 91 -42.91 -33.82 -2.37
N ALA E 92 -42.24 -34.61 -3.22
CA ALA E 92 -41.77 -35.92 -2.77
C ALA E 92 -40.58 -35.77 -1.82
N LEU E 93 -39.81 -34.69 -1.97
CA LEU E 93 -38.72 -34.41 -1.10
C LEU E 93 -39.19 -34.00 0.30
N ILE E 94 -40.07 -32.99 0.35
CA ILE E 94 -40.67 -32.51 1.57
C ILE E 94 -41.34 -33.66 2.33
N ASP E 95 -42.07 -34.53 1.60
CA ASP E 95 -42.72 -35.74 2.16
C ASP E 95 -41.71 -36.82 2.60
N GLY E 96 -40.62 -36.99 1.87
CA GLY E 96 -39.71 -38.08 2.12
C GLY E 96 -38.66 -37.89 3.20
N VAL E 97 -38.32 -36.66 3.49
CA VAL E 97 -37.31 -36.34 4.51
C VAL E 97 -37.65 -34.98 5.15
N ARG E 98 -37.25 -34.75 6.42
CA ARG E 98 -37.58 -33.47 7.05
C ARG E 98 -36.77 -32.33 6.41
N CYS E 99 -37.46 -31.24 6.03
CA CYS E 99 -36.82 -30.12 5.29
C CYS E 99 -37.08 -28.81 6.02
N VAL E 100 -36.02 -28.06 6.30
CA VAL E 100 -36.09 -26.81 7.05
C VAL E 100 -35.29 -25.77 6.24
N ASN E 101 -35.82 -24.55 6.18
CA ASN E 101 -35.12 -23.42 5.49
C ASN E 101 -34.81 -22.31 6.49
N VAL E 102 -33.70 -21.64 6.28
CA VAL E 102 -33.34 -20.45 7.01
C VAL E 102 -33.49 -19.25 6.01
N HIS E 103 -34.47 -18.39 6.27
CA HIS E 103 -34.80 -17.26 5.38
C HIS E 103 -34.45 -15.93 6.04
N PRO E 104 -33.66 -15.07 5.38
CA PRO E 104 -33.32 -13.79 6.01
C PRO E 104 -34.41 -12.70 5.84
N GLY E 105 -35.65 -13.07 6.22
CA GLY E 105 -36.71 -12.09 6.46
C GLY E 105 -37.50 -12.50 7.69
N PHE E 106 -38.43 -11.62 8.12
CA PHE E 106 -39.30 -11.92 9.24
C PHE E 106 -40.64 -12.45 8.70
N ASN E 107 -40.76 -13.77 8.55
CA ASN E 107 -42.03 -14.35 8.06
C ASN E 107 -43.19 -13.90 8.95
N PRO E 108 -44.37 -13.60 8.36
CA PRO E 108 -44.65 -13.75 6.93
C PRO E 108 -44.49 -12.47 6.09
N TYR E 109 -43.78 -11.46 6.59
CA TYR E 109 -43.73 -10.18 5.89
C TYR E 109 -42.57 -10.18 4.91
N ASN E 110 -42.81 -9.72 3.69
CA ASN E 110 -41.74 -9.73 2.69
C ASN E 110 -41.02 -11.06 2.59
N ARG E 111 -41.80 -12.14 2.53
CA ARG E 111 -41.30 -13.46 2.08
C ARG E 111 -40.64 -13.30 0.69
N GLY E 112 -39.76 -14.25 0.33
CA GLY E 112 -39.10 -14.25 -0.96
C GLY E 112 -37.85 -13.40 -1.04
N TRP E 113 -37.71 -12.66 -2.14
CA TRP E 113 -36.43 -12.01 -2.49
C TRP E 113 -36.10 -10.77 -1.67
N PHE E 114 -34.85 -10.71 -1.16
CA PHE E 114 -34.24 -9.49 -0.58
C PHE E 114 -35.18 -8.77 0.40
N PRO E 115 -35.60 -9.46 1.47
CA PRO E 115 -36.64 -8.88 2.35
C PRO E 115 -36.30 -7.46 2.87
N GLN E 116 -35.03 -7.19 3.18
CA GLN E 116 -34.62 -5.88 3.71
C GLN E 116 -34.81 -4.73 2.72
N VAL E 117 -34.66 -5.02 1.43
CA VAL E 117 -34.94 -4.03 0.38
C VAL E 117 -36.41 -3.62 0.51
N PHE E 118 -37.32 -4.59 0.51
CA PHE E 118 -38.74 -4.29 0.59
C PHE E 118 -39.20 -3.72 1.93
N SER E 119 -38.58 -4.21 3.00
CA SER E 119 -38.90 -3.70 4.33
C SER E 119 -38.43 -2.26 4.57
N ILE E 120 -37.27 -1.90 4.04
CA ILE E 120 -36.86 -0.52 4.13
C ILE E 120 -37.96 0.37 3.46
N ILE E 121 -38.53 -0.09 2.36
CA ILE E 121 -39.56 0.66 1.69
C ILE E 121 -40.93 0.63 2.40
N ASP E 122 -41.35 -0.53 2.91
CA ASP E 122 -42.73 -0.59 3.36
C ASP E 122 -42.88 -0.51 4.87
N GLY E 123 -41.76 -0.47 5.58
CA GLY E 123 -41.80 -0.36 7.02
C GLY E 123 -42.17 -1.66 7.72
N GLN E 124 -42.38 -2.77 7.00
CA GLN E 124 -42.65 -4.03 7.71
C GLN E 124 -41.41 -4.58 8.41
N LYS E 125 -41.64 -5.46 9.39
CA LYS E 125 -40.52 -6.07 10.09
C LYS E 125 -39.60 -6.84 9.12
N VAL E 126 -38.31 -6.83 9.47
CA VAL E 126 -37.34 -7.70 8.83
C VAL E 126 -36.59 -8.43 9.95
N GLY E 127 -35.86 -9.49 9.57
CA GLY E 127 -35.22 -10.34 10.54
C GLY E 127 -34.87 -11.68 9.89
N VAL E 128 -34.68 -12.72 10.71
CA VAL E 128 -34.35 -14.03 10.20
C VAL E 128 -35.37 -15.03 10.70
N THR E 129 -35.84 -15.94 9.85
CA THR E 129 -36.81 -16.94 10.27
C THR E 129 -36.31 -18.32 9.85
N ILE E 130 -36.35 -19.25 10.81
CA ILE E 130 -36.10 -20.68 10.54
C ILE E 130 -37.48 -21.31 10.50
N HIS E 131 -37.78 -22.02 9.40
CA HIS E 131 -39.11 -22.60 9.25
C HIS E 131 -39.06 -23.93 8.53
N GLU E 132 -40.00 -24.83 8.85
CA GLU E 132 -40.23 -25.99 8.02
C GLU E 132 -40.65 -25.60 6.58
N ILE E 133 -40.20 -26.40 5.62
CA ILE E 133 -40.50 -26.14 4.19
C ILE E 133 -41.85 -26.75 3.81
N ASP E 134 -42.74 -25.94 3.23
CA ASP E 134 -43.96 -26.49 2.62
C ASP E 134 -43.98 -26.20 1.12
N ASP E 135 -45.15 -26.31 0.50
CA ASP E 135 -45.28 -26.16 -0.94
C ASP E 135 -45.18 -24.69 -1.43
N GLN E 136 -45.04 -23.72 -0.50
CA GLN E 136 -44.95 -22.31 -0.90
C GLN E 136 -43.63 -21.70 -0.45
N LEU E 137 -43.23 -20.61 -1.09
CA LEU E 137 -41.94 -20.00 -0.79
C LEU E 137 -41.95 -19.27 0.59
N ASP E 138 -41.01 -19.62 1.48
CA ASP E 138 -40.90 -18.90 2.76
C ASP E 138 -42.22 -18.84 3.51
N HIS E 139 -42.81 -20.02 3.67
CA HIS E 139 -44.15 -20.23 4.12
C HIS E 139 -44.01 -21.51 4.92
N GLY E 140 -44.82 -21.70 5.92
CA GLY E 140 -44.61 -22.95 6.67
C GLY E 140 -44.28 -22.69 8.12
N PRO E 141 -44.61 -23.65 9.00
CA PRO E 141 -44.50 -23.44 10.43
C PRO E 141 -43.14 -22.93 10.85
N ILE E 142 -43.17 -21.84 11.61
CA ILE E 142 -41.95 -21.20 12.12
C ILE E 142 -41.37 -21.93 13.35
N ILE E 143 -40.09 -22.28 13.27
CA ILE E 143 -39.35 -22.89 14.36
C ILE E 143 -38.83 -21.75 15.26
N ALA E 144 -38.23 -20.73 14.65
CA ALA E 144 -37.77 -19.56 15.42
C ALA E 144 -37.54 -18.41 14.51
N GLN E 145 -37.60 -17.20 15.04
CA GLN E 145 -37.30 -16.01 14.25
C GLN E 145 -36.88 -14.91 15.19
N ARG E 146 -36.16 -13.95 14.63
CA ARG E 146 -35.64 -12.83 15.38
C ARG E 146 -35.61 -11.62 14.45
N GLU E 147 -36.13 -10.52 14.99
CA GLU E 147 -36.27 -9.26 14.32
C GLU E 147 -34.92 -8.51 14.26
N CYS E 148 -34.71 -7.75 13.20
CA CYS E 148 -33.56 -6.87 13.06
C CYS E 148 -34.12 -5.45 12.86
N ALA E 149 -33.74 -4.52 13.71
CA ALA E 149 -34.21 -3.14 13.56
C ALA E 149 -33.59 -2.50 12.32
N ILE E 150 -34.35 -1.59 11.71
CA ILE E 150 -33.88 -0.82 10.58
C ILE E 150 -33.77 0.65 11.00
N GLU E 151 -32.59 1.22 10.84
CA GLU E 151 -32.39 2.60 11.28
C GLU E 151 -32.65 3.52 10.09
N SER E 152 -32.94 4.79 10.37
CA SER E 152 -33.17 5.79 9.31
C SER E 152 -31.99 5.97 8.35
N TRP E 153 -30.78 5.74 8.84
CA TRP E 153 -29.60 5.89 7.99
C TRP E 153 -29.17 4.56 7.32
N ASP E 154 -29.88 3.47 7.59
CA ASP E 154 -29.52 2.15 7.05
C ASP E 154 -29.76 2.07 5.53
N SER E 155 -28.92 1.27 4.86
CA SER E 155 -29.18 0.87 3.51
C SER E 155 -29.43 -0.63 3.50
N SER E 156 -29.73 -1.17 2.31
CA SER E 156 -29.91 -2.61 2.24
C SER E 156 -28.61 -3.34 2.63
N GLY E 157 -27.46 -2.83 2.20
CA GLY E 157 -26.21 -3.46 2.58
C GLY E 157 -25.90 -3.49 4.08
N SER E 158 -26.16 -2.38 4.78
CA SER E 158 -25.89 -2.33 6.21
C SER E 158 -26.89 -3.19 6.98
N VAL E 159 -28.16 -3.20 6.58
CA VAL E 159 -29.11 -4.12 7.25
C VAL E 159 -28.74 -5.58 6.96
N TYR E 160 -28.42 -5.88 5.72
CA TYR E 160 -28.03 -7.23 5.33
C TYR E 160 -26.87 -7.78 6.18
N ALA E 161 -25.86 -6.97 6.39
CA ALA E 161 -24.71 -7.35 7.24
C ALA E 161 -25.19 -7.70 8.66
N ARG E 162 -26.14 -6.94 9.22
CA ARG E 162 -26.68 -7.26 10.54
C ARG E 162 -27.53 -8.55 10.51
N LEU E 163 -28.29 -8.73 9.42
CA LEU E 163 -29.06 -9.95 9.22
C LEU E 163 -28.19 -11.19 9.18
N MET E 164 -27.02 -11.10 8.54
CA MET E 164 -26.10 -12.27 8.52
C MET E 164 -25.56 -12.58 9.93
N ASP E 165 -25.33 -11.55 10.73
CA ASP E 165 -24.92 -11.77 12.10
C ASP E 165 -26.06 -12.44 12.91
N ILE E 166 -27.28 -11.94 12.70
CA ILE E 166 -28.43 -12.47 13.44
C ILE E 166 -28.68 -13.92 13.03
N GLU E 167 -28.54 -14.17 11.74
CA GLU E 167 -28.73 -15.49 11.20
C GLU E 167 -27.80 -16.49 11.93
N ARG E 168 -26.54 -16.10 12.07
CA ARG E 168 -25.55 -16.95 12.76
C ARG E 168 -25.96 -17.15 14.24
N GLU E 169 -26.30 -16.04 14.92
CA GLU E 169 -26.73 -16.13 16.32
C GLU E 169 -27.90 -17.08 16.49
N LEU E 170 -28.88 -16.95 15.61
CA LEU E 170 -30.11 -17.69 15.75
C LEU E 170 -29.91 -19.17 15.43
N VAL E 171 -29.24 -19.45 14.31
CA VAL E 171 -29.02 -20.81 13.87
C VAL E 171 -28.20 -21.55 14.94
N LEU E 172 -27.18 -20.90 15.48
CA LEU E 172 -26.33 -21.56 16.50
C LEU E 172 -27.12 -21.83 17.79
N GLU E 173 -27.94 -20.87 18.22
CA GLU E 173 -28.78 -21.08 19.38
C GLU E 173 -29.75 -22.26 19.19
N HIS E 174 -30.38 -22.37 18.02
CA HIS E 174 -31.36 -23.45 17.84
C HIS E 174 -30.83 -24.70 17.15
N PHE E 175 -29.52 -24.77 16.88
CA PHE E 175 -29.02 -25.85 16.01
C PHE E 175 -29.38 -27.27 16.52
N ASP E 176 -29.18 -27.49 17.82
CA ASP E 176 -29.46 -28.82 18.37
C ASP E 176 -30.90 -29.23 18.18
N ALA E 177 -31.77 -28.25 18.42
CA ALA E 177 -33.22 -28.46 18.30
C ALA E 177 -33.57 -28.77 16.87
N ILE E 178 -32.97 -28.00 15.96
CA ILE E 178 -33.11 -28.23 14.52
C ILE E 178 -32.65 -29.64 14.13
N ARG E 179 -31.46 -30.00 14.57
CA ARG E 179 -30.89 -31.30 14.32
C ARG E 179 -31.80 -32.46 14.81
N ASP E 180 -32.32 -32.33 16.03
CA ASP E 180 -33.07 -33.40 16.67
C ASP E 180 -34.51 -33.38 16.28
N GLY E 181 -34.94 -32.26 15.73
CA GLY E 181 -36.35 -32.04 15.46
C GLY E 181 -37.19 -31.82 16.70
N SER E 182 -36.59 -31.41 17.82
CA SER E 182 -37.35 -31.32 19.07
C SER E 182 -38.06 -29.96 19.29
N TYR E 183 -38.49 -29.29 18.23
CA TYR E 183 -39.14 -27.99 18.37
C TYR E 183 -40.61 -28.23 18.17
N THR E 184 -41.43 -27.25 18.55
CA THR E 184 -42.83 -27.26 18.18
C THR E 184 -43.07 -26.04 17.30
N ALA E 185 -43.11 -26.28 15.99
CA ALA E 185 -43.21 -25.20 15.03
C ALA E 185 -44.63 -24.65 14.91
N LYS E 186 -44.78 -23.35 14.66
CA LYS E 186 -46.09 -22.71 14.57
C LYS E 186 -46.24 -21.91 13.28
N SER E 187 -47.27 -22.23 12.50
CA SER E 187 -47.70 -21.44 11.36
C SER E 187 -47.95 -19.97 11.71
N PRO E 188 -47.52 -19.03 10.85
CA PRO E 188 -47.89 -17.60 11.05
C PRO E 188 -49.40 -17.44 10.95
N ALA E 189 -49.95 -16.41 11.58
CA ALA E 189 -51.41 -16.25 11.60
C ALA E 189 -52.00 -15.72 10.30
N THR E 190 -51.18 -15.07 9.47
CA THR E 190 -51.63 -14.59 8.17
C THR E 190 -50.70 -15.06 7.03
N GLU E 191 -51.12 -14.87 5.78
CA GLU E 191 -50.30 -15.20 4.61
C GLU E 191 -49.14 -14.21 4.40
N GLY E 192 -49.25 -12.98 4.90
CA GLY E 192 -48.20 -11.97 4.66
C GLY E 192 -48.13 -11.60 3.18
N ASN E 193 -46.94 -11.37 2.66
CA ASN E 193 -46.80 -11.03 1.22
C ASN E 193 -45.50 -11.61 0.70
N LEU E 194 -45.44 -11.82 -0.61
CA LEU E 194 -44.31 -12.47 -1.25
C LEU E 194 -43.74 -11.57 -2.33
N ASN E 195 -42.42 -11.38 -2.32
CA ASN E 195 -41.77 -10.65 -3.42
C ASN E 195 -40.91 -11.59 -4.24
N LEU E 196 -41.06 -11.52 -5.55
CA LEU E 196 -40.30 -12.36 -6.47
C LEU E 196 -39.18 -11.55 -7.17
N LYS E 197 -38.29 -12.22 -7.89
CA LYS E 197 -37.17 -11.51 -8.52
C LYS E 197 -37.68 -10.33 -9.37
N LYS E 198 -38.78 -10.52 -10.08
CA LYS E 198 -39.34 -9.48 -10.95
C LYS E 198 -39.72 -8.24 -10.14
N ASP E 199 -40.14 -8.45 -8.89
CA ASP E 199 -40.57 -7.30 -8.11
C ASP E 199 -39.35 -6.49 -7.73
N PHE E 200 -38.22 -7.17 -7.59
CA PHE E 200 -36.99 -6.44 -7.32
C PHE E 200 -36.56 -5.66 -8.56
N GLU E 201 -36.55 -6.36 -9.70
CA GLU E 201 -36.19 -5.75 -11.00
C GLU E 201 -36.97 -4.50 -11.25
N GLN E 202 -38.27 -4.54 -10.93
CA GLN E 202 -39.11 -3.37 -11.09
C GLN E 202 -38.74 -2.18 -10.18
N LEU E 203 -38.34 -2.43 -8.94
CA LEU E 203 -37.82 -1.37 -8.03
C LEU E 203 -36.55 -0.67 -8.50
N ARG E 204 -35.66 -1.45 -9.13
CA ARG E 204 -34.39 -0.97 -9.62
C ARG E 204 -34.47 0.20 -10.59
N ARG E 205 -35.48 0.21 -11.45
CA ARG E 205 -35.62 1.24 -12.48
C ARG E 205 -36.18 2.54 -11.83
N LEU E 206 -35.39 3.60 -11.77
CA LEU E 206 -35.94 4.82 -11.21
C LEU E 206 -36.66 5.61 -12.29
N ASP E 207 -37.93 5.95 -12.05
CA ASP E 207 -38.66 6.81 -12.98
C ASP E 207 -38.49 8.26 -12.54
N LEU E 208 -37.79 9.04 -13.35
CA LEU E 208 -37.54 10.43 -13.06
C LEU E 208 -38.79 11.30 -12.92
N ASN E 209 -39.87 10.92 -13.61
CA ASN E 209 -41.12 11.65 -13.50
C ASN E 209 -42.03 11.20 -12.36
N GLU E 210 -41.64 10.13 -11.66
CA GLU E 210 -42.47 9.65 -10.57
C GLU E 210 -42.53 10.70 -9.45
N ARG E 211 -43.74 10.94 -8.96
CA ARG E 211 -43.92 11.88 -7.85
C ARG E 211 -43.99 11.16 -6.51
N GLY E 212 -43.52 11.82 -5.46
CA GLY E 212 -43.58 11.25 -4.10
C GLY E 212 -42.99 12.25 -3.11
N THR E 213 -42.90 11.84 -1.84
CA THR E 213 -42.19 12.66 -0.84
C THR E 213 -40.67 12.42 -0.89
N PHE E 214 -39.88 13.38 -0.40
CA PHE E 214 -38.44 13.18 -0.33
C PHE E 214 -38.11 11.99 0.57
N GLY E 215 -38.83 11.82 1.67
CA GLY E 215 -38.60 10.64 2.53
C GLY E 215 -38.75 9.32 1.79
N HIS E 216 -39.81 9.26 0.97
CA HIS E 216 -40.12 8.08 0.19
C HIS E 216 -39.01 7.80 -0.82
N PHE E 217 -38.49 8.85 -1.44
CA PHE E 217 -37.44 8.67 -2.41
C PHE E 217 -36.13 8.24 -1.76
N LEU E 218 -35.81 8.82 -0.60
CA LEU E 218 -34.67 8.37 0.20
C LEU E 218 -34.75 6.89 0.54
N ASN E 219 -35.94 6.43 0.92
CA ASN E 219 -36.08 5.03 1.30
C ASN E 219 -35.80 4.16 0.11
N ARG E 220 -36.34 4.57 -1.05
CA ARG E 220 -36.12 3.87 -2.28
C ARG E 220 -34.62 3.78 -2.61
N LEU E 221 -33.90 4.91 -2.58
CA LEU E 221 -32.48 4.85 -2.92
C LEU E 221 -31.68 4.02 -1.90
N ARG E 222 -32.00 4.14 -0.63
CA ARG E 222 -31.18 3.44 0.38
C ARG E 222 -31.51 1.94 0.38
N ALA E 223 -32.78 1.62 0.11
CA ALA E 223 -33.21 0.22 -0.09
C ALA E 223 -32.45 -0.42 -1.26
N LEU E 224 -31.99 0.39 -2.24
CA LEU E 224 -31.30 -0.15 -3.42
C LEU E 224 -29.81 0.06 -3.31
N THR E 225 -29.37 0.52 -2.15
CA THR E 225 -27.96 0.70 -1.90
C THR E 225 -27.40 -0.50 -1.16
N HIS E 226 -26.38 -1.13 -1.74
CA HIS E 226 -25.86 -2.38 -1.16
C HIS E 226 -24.41 -2.52 -1.54
N ASP E 227 -23.54 -2.07 -0.65
CA ASP E 227 -22.09 -1.99 -0.93
C ASP E 227 -21.97 -1.24 -2.25
N ASP E 228 -21.24 -1.80 -3.21
CA ASP E 228 -21.00 -1.20 -4.52
CA ASP E 228 -21.01 -1.18 -4.51
C ASP E 228 -21.91 -1.77 -5.61
N PHE E 229 -22.95 -2.50 -5.24
CA PHE E 229 -23.76 -3.12 -6.30
C PHE E 229 -24.42 -2.02 -7.10
N ARG E 230 -24.55 -2.24 -8.40
CA ARG E 230 -25.26 -1.29 -9.23
C ARG E 230 -26.71 -1.69 -9.35
N ASN E 231 -27.45 -1.44 -8.29
CA ASN E 231 -28.86 -1.78 -8.25
C ASN E 231 -29.77 -0.73 -8.91
N ALA E 232 -29.76 0.51 -8.42
CA ALA E 232 -30.74 1.52 -8.91
C ALA E 232 -30.18 2.18 -10.17
N TRP E 233 -30.99 2.39 -11.20
CA TRP E 233 -30.56 3.10 -12.37
C TRP E 233 -31.70 4.03 -12.80
N PHE E 234 -31.37 5.12 -13.48
CA PHE E 234 -32.34 5.79 -14.33
C PHE E 234 -31.73 5.92 -15.71
N VAL E 235 -32.56 6.18 -16.72
CA VAL E 235 -32.08 6.52 -18.06
C VAL E 235 -32.35 8.02 -18.21
N ASP E 236 -31.34 8.80 -18.58
CA ASP E 236 -31.55 10.25 -18.68
C ASP E 236 -32.25 10.63 -19.99
N ALA E 237 -32.51 11.92 -20.18
CA ALA E 237 -33.26 12.39 -21.37
C ALA E 237 -32.60 11.99 -22.69
N SER E 238 -31.29 11.76 -22.65
CA SER E 238 -30.55 11.47 -23.88
C SER E 238 -30.22 9.98 -24.03
N GLY E 239 -30.85 9.14 -23.24
CA GLY E 239 -30.69 7.70 -23.41
C GLY E 239 -29.61 7.05 -22.57
N ARG E 240 -28.88 7.84 -21.79
CA ARG E 240 -27.79 7.28 -20.97
C ARG E 240 -28.30 6.67 -19.65
N LYS E 241 -27.90 5.43 -19.37
CA LYS E 241 -28.21 4.77 -18.12
C LYS E 241 -27.23 5.24 -17.04
N VAL E 242 -27.77 5.61 -15.88
CA VAL E 242 -26.98 6.12 -14.79
C VAL E 242 -27.33 5.36 -13.51
N PHE E 243 -26.33 4.76 -12.88
CA PHE E 243 -26.53 4.03 -11.65
C PHE E 243 -26.38 4.98 -10.45
N VAL E 244 -27.13 4.68 -9.41
CA VAL E 244 -27.32 5.59 -8.29
C VAL E 244 -27.22 4.78 -7.02
N ARG E 245 -26.42 5.26 -6.08
CA ARG E 245 -26.56 4.79 -4.70
C ARG E 245 -26.39 6.01 -3.79
N VAL E 246 -26.74 5.82 -2.53
CA VAL E 246 -26.73 6.91 -1.60
C VAL E 246 -25.79 6.59 -0.43
N VAL E 247 -25.17 7.61 0.15
CA VAL E 247 -24.33 7.45 1.37
C VAL E 247 -25.01 8.20 2.53
N LEU E 248 -25.36 7.49 3.60
CA LEU E 248 -26.10 8.09 4.73
C LEU E 248 -25.22 7.99 5.97
N GLU E 249 -24.97 9.11 6.65
CA GLU E 249 -24.11 9.12 7.85
C GLU E 249 -24.85 9.84 8.99
N PRO E 250 -25.28 9.10 10.03
CA PRO E 250 -25.91 9.77 11.16
C PRO E 250 -24.88 10.65 11.86
N GLU E 251 -25.25 11.84 12.31
CA GLU E 251 -24.29 12.66 13.03
C GLU E 251 -23.78 11.90 14.27
N LYS E 252 -22.44 11.95 14.46
CA LYS E 252 -21.74 11.23 15.53
C LYS E 252 -22.27 11.69 16.89
N PRO E 253 -22.62 10.72 17.78
CA PRO E 253 -23.34 10.87 19.08
C PRO E 253 -22.79 11.90 20.08
N MET F 22 5.06 46.13 -18.34
CA MET F 22 5.07 47.33 -17.44
C MET F 22 3.76 47.47 -16.67
N VAL F 23 2.85 46.49 -16.83
CA VAL F 23 1.54 46.50 -16.17
C VAL F 23 1.57 45.69 -14.85
N THR F 24 1.33 46.38 -13.75
CA THR F 24 1.49 45.79 -12.43
C THR F 24 0.14 45.33 -11.88
N ILE F 25 0.04 44.04 -11.57
CA ILE F 25 -1.23 43.38 -11.23
C ILE F 25 -1.26 42.91 -9.78
N LEU F 26 -2.39 43.21 -9.13
CA LEU F 26 -2.73 42.58 -7.88
C LEU F 26 -3.83 41.53 -8.12
N ILE F 27 -3.52 40.28 -7.75
CA ILE F 27 -4.50 39.21 -7.72
C ILE F 27 -5.01 39.03 -6.30
N LEU F 28 -6.33 38.99 -6.13
CA LEU F 28 -6.93 38.66 -4.83
C LEU F 28 -7.85 37.46 -4.95
N THR F 29 -7.61 36.42 -4.18
CA THR F 29 -8.55 35.31 -4.16
C THR F 29 -8.39 34.53 -2.90
N ASP F 30 -9.49 33.95 -2.43
CA ASP F 30 -9.48 33.07 -1.26
C ASP F 30 -9.62 31.61 -1.66
N ASN F 31 -9.83 31.38 -2.96
CA ASN F 31 -10.06 30.03 -3.48
C ASN F 31 -8.75 29.29 -3.81
N VAL F 32 -8.66 28.02 -3.37
CA VAL F 32 -7.44 27.21 -3.47
C VAL F 32 -7.05 26.98 -4.94
N HIS F 33 -8.03 26.71 -5.79
CA HIS F 33 -7.80 26.51 -7.21
C HIS F 33 -7.42 27.77 -7.94
N ALA F 34 -8.10 28.87 -7.64
CA ALA F 34 -7.82 30.10 -8.36
C ALA F 34 -6.43 30.57 -7.95
N HIS F 35 -6.09 30.34 -6.68
CA HIS F 35 -4.77 30.69 -6.21
C HIS F 35 -3.69 29.94 -7.01
N ALA F 36 -3.89 28.67 -7.30
CA ALA F 36 -2.90 27.88 -8.04
C ALA F 36 -2.81 28.42 -9.46
N LEU F 37 -3.94 28.76 -10.06
CA LEU F 37 -3.91 29.44 -11.36
C LEU F 37 -3.15 30.78 -11.27
N ALA F 38 -3.37 31.53 -10.18
CA ALA F 38 -2.69 32.82 -9.97
C ALA F 38 -1.19 32.68 -9.91
N VAL F 39 -0.73 31.70 -9.15
CA VAL F 39 0.69 31.36 -9.03
C VAL F 39 1.33 31.08 -10.40
N ASP F 40 0.64 30.34 -11.28
CA ASP F 40 1.15 30.10 -12.64
C ASP F 40 1.24 31.37 -13.46
N LEU F 41 0.23 32.24 -13.30
CA LEU F 41 0.19 33.52 -14.04
C LEU F 41 1.35 34.38 -13.60
N GLN F 42 1.58 34.44 -12.29
CA GLN F 42 2.67 35.19 -11.70
C GLN F 42 4.04 34.69 -12.19
N ALA F 43 4.23 33.38 -12.21
CA ALA F 43 5.42 32.78 -12.82
C ALA F 43 5.58 33.24 -14.27
N ARG F 44 4.46 33.56 -14.91
CA ARG F 44 4.43 33.91 -16.33
C ARG F 44 4.56 35.40 -16.56
N HIS F 45 3.85 36.18 -15.75
CA HIS F 45 3.72 37.61 -15.96
C HIS F 45 4.83 38.41 -15.27
N GLY F 46 5.12 38.11 -14.01
CA GLY F 46 6.24 38.77 -13.32
C GLY F 46 5.85 39.85 -12.32
N ASP F 47 5.51 41.05 -12.81
CA ASP F 47 5.06 42.18 -11.96
C ASP F 47 3.62 41.94 -11.53
N MET F 48 3.48 41.02 -10.58
CA MET F 48 2.20 40.53 -10.11
C MET F 48 2.34 40.03 -8.67
N ASP F 49 1.54 40.59 -7.78
CA ASP F 49 1.43 40.05 -6.44
C ASP F 49 0.12 39.28 -6.26
N VAL F 50 0.18 38.23 -5.45
CA VAL F 50 -0.98 37.38 -5.13
C VAL F 50 -1.27 37.42 -3.64
N TYR F 51 -2.46 37.87 -3.28
CA TYR F 51 -2.85 37.93 -1.88
C TYR F 51 -4.20 37.23 -1.67
N GLN F 52 -4.47 36.90 -0.42
CA GLN F 52 -5.80 36.47 0.01
C GLN F 52 -6.40 37.53 0.95
N SER F 53 -7.66 37.36 1.31
CA SER F 53 -8.37 38.30 2.19
C SER F 53 -8.04 37.99 3.66
N PRO F 54 -8.44 38.88 4.60
CA PRO F 54 -8.17 38.60 6.00
C PRO F 54 -8.88 37.36 6.49
N ILE F 55 -9.92 36.93 5.79
CA ILE F 55 -10.64 35.73 6.21
C ILE F 55 -10.25 34.51 5.39
N GLY F 56 -9.38 34.69 4.41
CA GLY F 56 -8.91 33.55 3.61
C GLY F 56 -8.21 32.55 4.53
N GLN F 57 -8.31 31.28 4.18
CA GLN F 57 -7.64 30.26 4.95
C GLN F 57 -6.66 29.48 4.09
N LEU F 58 -5.99 30.18 3.19
CA LEU F 58 -4.92 29.53 2.40
C LEU F 58 -3.60 29.58 3.17
N PRO F 59 -2.98 28.42 3.43
CA PRO F 59 -1.75 28.51 4.21
C PRO F 59 -0.62 29.18 3.41
N GLY F 60 0.16 30.05 4.07
CA GLY F 60 1.34 30.69 3.47
C GLY F 60 1.10 31.81 2.45
N VAL F 61 -0.12 32.32 2.40
CA VAL F 61 -0.50 33.32 1.41
C VAL F 61 -0.68 34.65 2.14
N PRO F 62 0.03 35.71 1.71
CA PRO F 62 -0.09 36.95 2.49
C PRO F 62 -1.49 37.58 2.38
N ARG F 63 -1.85 38.41 3.35
CA ARG F 63 -3.22 38.89 3.52
C ARG F 63 -3.38 40.37 3.18
N CYS F 64 -4.44 40.69 2.45
CA CYS F 64 -4.71 42.06 2.07
C CYS F 64 -6.14 42.39 2.47
N ASP F 65 -6.25 43.35 3.38
CA ASP F 65 -7.53 43.87 3.80
C ASP F 65 -7.82 44.97 2.81
N VAL F 66 -8.70 44.73 1.86
CA VAL F 66 -8.83 45.66 0.75
C VAL F 66 -9.33 47.03 1.19
N ALA F 67 -10.33 47.04 2.07
CA ALA F 67 -10.95 48.31 2.47
C ALA F 67 -9.98 49.25 3.17
N GLU F 68 -9.07 48.71 3.99
CA GLU F 68 -8.10 49.54 4.68
C GLU F 68 -6.85 49.81 3.85
N ARG F 69 -6.87 49.42 2.57
CA ARG F 69 -5.68 49.57 1.69
C ARG F 69 -5.93 50.23 0.32
N VAL F 70 -7.13 50.78 0.13
CA VAL F 70 -7.51 51.43 -1.15
C VAL F 70 -6.43 52.35 -1.74
N ALA F 71 -5.90 53.28 -0.95
CA ALA F 71 -4.89 54.23 -1.45
C ALA F 71 -3.62 53.51 -1.86
N GLU F 72 -3.16 52.61 -1.01
CA GLU F 72 -1.93 51.85 -1.29
C GLU F 72 -2.08 50.93 -2.51
N ILE F 73 -3.24 50.30 -2.67
CA ILE F 73 -3.52 49.53 -3.88
C ILE F 73 -3.49 50.42 -5.13
N VAL F 74 -4.23 51.54 -5.09
CA VAL F 74 -4.27 52.51 -6.20
C VAL F 74 -2.89 53.07 -6.61
N GLU F 75 -2.09 53.50 -5.64
CA GLU F 75 -0.72 53.98 -5.91
C GLU F 75 0.17 52.89 -6.51
N ARG F 76 0.07 51.65 -6.02
CA ARG F 76 0.98 50.56 -6.41
C ARG F 76 0.61 49.74 -7.67
N TYR F 77 -0.68 49.60 -7.96
CA TYR F 77 -1.13 48.66 -9.04
C TYR F 77 -1.87 49.28 -10.22
N ASP F 78 -1.71 48.68 -11.41
CA ASP F 78 -2.43 49.08 -12.63
C ASP F 78 -3.74 48.31 -12.83
N LEU F 79 -3.78 47.10 -12.31
CA LEU F 79 -4.93 46.26 -12.48
C LEU F 79 -5.15 45.46 -11.20
N VAL F 80 -6.41 45.38 -10.77
CA VAL F 80 -6.79 44.41 -9.76
C VAL F 80 -7.62 43.29 -10.37
N LEU F 81 -7.15 42.05 -10.19
CA LEU F 81 -7.82 40.87 -10.71
C LEU F 81 -8.21 39.94 -9.56
N SER F 82 -9.51 39.88 -9.26
CA SER F 82 -10.03 38.98 -8.20
C SER F 82 -10.58 37.69 -8.81
N PHE F 83 -10.54 36.60 -8.05
CA PHE F 83 -11.13 35.34 -8.44
C PHE F 83 -12.14 34.93 -7.39
N HIS F 84 -13.38 34.69 -7.79
CA HIS F 84 -14.44 34.15 -6.89
C HIS F 84 -14.74 35.13 -5.73
N CYS F 85 -14.54 36.43 -5.96
CA CYS F 85 -14.75 37.40 -4.91
C CYS F 85 -16.24 37.47 -4.54
N LYS F 86 -16.53 37.63 -3.25
CA LYS F 86 -17.89 37.57 -2.73
C LYS F 86 -18.33 38.83 -1.98
N GLN F 87 -17.45 39.82 -1.89
CA GLN F 87 -17.80 41.07 -1.24
C GLN F 87 -17.61 42.23 -2.20
N ARG F 88 -18.52 43.20 -2.13
CA ARG F 88 -18.41 44.42 -2.92
C ARG F 88 -17.08 45.13 -2.61
N PHE F 89 -16.44 45.66 -3.66
CA PHE F 89 -15.23 46.49 -3.52
C PHE F 89 -15.67 47.88 -3.08
N PRO F 90 -14.76 48.64 -2.44
CA PRO F 90 -15.12 50.04 -2.20
C PRO F 90 -15.21 50.76 -3.55
N ALA F 91 -16.14 51.71 -3.65
CA ALA F 91 -16.30 52.53 -4.86
C ALA F 91 -15.01 53.23 -5.26
N ALA F 92 -14.29 53.80 -4.30
CA ALA F 92 -13.03 54.50 -4.63
C ALA F 92 -11.95 53.54 -5.15
N LEU F 93 -12.00 52.26 -4.75
CA LEU F 93 -11.11 51.27 -5.37
C LEU F 93 -11.50 51.04 -6.84
N ILE F 94 -12.79 50.78 -7.09
CA ILE F 94 -13.32 50.63 -8.45
C ILE F 94 -12.99 51.85 -9.34
N ASP F 95 -13.23 53.05 -8.82
CA ASP F 95 -12.97 54.26 -9.58
C ASP F 95 -11.48 54.59 -9.68
N GLY F 96 -10.69 54.10 -8.74
CA GLY F 96 -9.25 54.43 -8.65
C GLY F 96 -8.31 53.60 -9.53
N VAL F 97 -8.72 52.38 -9.84
CA VAL F 97 -7.91 51.45 -10.63
C VAL F 97 -8.84 50.44 -11.32
N ARG F 98 -8.45 49.93 -12.49
CA ARG F 98 -9.26 48.98 -13.25
C ARG F 98 -9.42 47.65 -12.48
N CYS F 99 -10.66 47.27 -12.24
CA CYS F 99 -10.97 46.06 -11.44
C CYS F 99 -11.75 45.03 -12.23
N VAL F 100 -11.20 43.82 -12.28
CA VAL F 100 -11.83 42.71 -12.99
C VAL F 100 -11.98 41.52 -12.06
N ASN F 101 -13.08 40.81 -12.18
CA ASN F 101 -13.31 39.60 -11.41
C ASN F 101 -13.49 38.38 -12.33
N VAL F 102 -13.15 37.22 -11.79
CA VAL F 102 -13.38 35.96 -12.49
C VAL F 102 -14.36 35.14 -11.62
N HIS F 103 -15.55 34.90 -12.13
CA HIS F 103 -16.63 34.29 -11.33
C HIS F 103 -16.95 32.95 -11.94
N PRO F 104 -16.96 31.86 -11.13
CA PRO F 104 -17.27 30.53 -11.69
C PRO F 104 -18.76 30.31 -11.85
N GLY F 105 -19.44 31.23 -12.55
CA GLY F 105 -20.85 31.09 -12.94
C GLY F 105 -20.99 31.75 -14.30
N PHE F 106 -22.12 31.55 -14.96
CA PHE F 106 -22.34 32.11 -16.27
C PHE F 106 -23.27 33.31 -16.12
N ASN F 107 -22.70 34.52 -15.98
CA ASN F 107 -23.53 35.71 -15.75
C ASN F 107 -24.51 35.89 -16.92
N PRO F 108 -25.73 36.38 -16.63
CA PRO F 108 -26.17 36.81 -15.33
C PRO F 108 -26.95 35.72 -14.56
N TYR F 109 -26.81 34.46 -14.96
CA TYR F 109 -27.59 33.37 -14.33
C TYR F 109 -26.90 32.85 -13.07
N ASN F 110 -27.66 32.74 -11.98
CA ASN F 110 -27.13 32.21 -10.72
C ASN F 110 -25.83 32.88 -10.32
N ARG F 111 -25.84 34.20 -10.36
CA ARG F 111 -24.78 35.00 -9.79
C ARG F 111 -24.65 34.67 -8.30
N GLY F 112 -23.51 35.05 -7.72
CA GLY F 112 -23.28 34.82 -6.30
C GLY F 112 -22.73 33.45 -5.93
N TRP F 113 -23.30 32.89 -4.87
CA TRP F 113 -22.73 31.71 -4.22
C TRP F 113 -22.97 30.39 -4.95
N PHE F 114 -21.91 29.62 -5.11
CA PHE F 114 -21.96 28.26 -5.66
C PHE F 114 -22.89 28.08 -6.87
N PRO F 115 -22.62 28.78 -7.98
CA PRO F 115 -23.53 28.73 -9.13
C PRO F 115 -23.89 27.31 -9.61
N GLN F 116 -22.94 26.38 -9.61
CA GLN F 116 -23.26 25.01 -10.05
C GLN F 116 -24.30 24.28 -9.18
N VAL F 117 -24.30 24.56 -7.87
CA VAL F 117 -25.38 24.03 -7.00
C VAL F 117 -26.72 24.52 -7.55
N PHE F 118 -26.85 25.81 -7.80
CA PHE F 118 -28.17 26.33 -8.17
C PHE F 118 -28.59 25.98 -9.61
N SER F 119 -27.60 25.85 -10.51
CA SER F 119 -27.84 25.44 -11.88
C SER F 119 -28.25 24.01 -12.02
N ILE F 120 -27.67 23.15 -11.20
CA ILE F 120 -28.08 21.75 -11.23
C ILE F 120 -29.59 21.65 -10.92
N ILE F 121 -30.04 22.40 -9.92
CA ILE F 121 -31.45 22.48 -9.57
C ILE F 121 -32.32 23.22 -10.62
N ASP F 122 -31.90 24.39 -11.11
CA ASP F 122 -32.84 25.16 -11.90
C ASP F 122 -32.65 25.05 -13.41
N GLY F 123 -31.64 24.32 -13.89
CA GLY F 123 -31.47 24.14 -15.32
C GLY F 123 -30.87 25.32 -16.05
N GLN F 124 -30.56 26.41 -15.34
CA GLN F 124 -29.91 27.56 -15.98
C GLN F 124 -28.46 27.22 -16.32
N LYS F 125 -27.89 27.98 -17.26
CA LYS F 125 -26.51 27.73 -17.65
C LYS F 125 -25.57 27.95 -16.46
N VAL F 126 -24.48 27.19 -16.47
CA VAL F 126 -23.35 27.48 -15.59
C VAL F 126 -22.08 27.55 -16.47
N GLY F 127 -21.05 28.18 -15.96
CA GLY F 127 -19.83 28.40 -16.73
C GLY F 127 -18.94 29.33 -15.95
N VAL F 128 -18.06 30.03 -16.65
CA VAL F 128 -17.10 30.90 -16.01
C VAL F 128 -17.20 32.23 -16.73
N THR F 129 -17.19 33.33 -15.95
CA THR F 129 -17.38 34.66 -16.49
C THR F 129 -16.27 35.58 -15.99
N ILE F 130 -15.66 36.29 -16.93
CA ILE F 130 -14.69 37.29 -16.57
C ILE F 130 -15.34 38.64 -16.84
N HIS F 131 -15.39 39.50 -15.84
CA HIS F 131 -16.12 40.77 -15.95
C HIS F 131 -15.44 41.91 -15.20
N GLU F 132 -15.70 43.13 -15.64
CA GLU F 132 -15.29 44.29 -14.88
C GLU F 132 -16.18 44.38 -13.63
N ILE F 133 -15.62 44.87 -12.53
CA ILE F 133 -16.33 44.91 -11.27
C ILE F 133 -17.07 46.22 -11.14
N ASP F 134 -18.34 46.15 -10.76
CA ASP F 134 -19.12 47.33 -10.40
C ASP F 134 -19.66 47.18 -8.96
N ASP F 135 -20.68 47.94 -8.58
CA ASP F 135 -21.10 47.95 -7.16
C ASP F 135 -22.04 46.82 -6.76
N GLN F 136 -22.44 45.98 -7.71
CA GLN F 136 -23.24 44.79 -7.42
C GLN F 136 -22.40 43.54 -7.59
N LEU F 137 -22.82 42.46 -6.95
CA LEU F 137 -22.03 41.24 -6.94
C LEU F 137 -22.16 40.48 -8.26
N ASP F 138 -21.03 40.11 -8.86
CA ASP F 138 -21.02 39.31 -10.10
C ASP F 138 -21.88 39.98 -11.17
N HIS F 139 -21.55 41.24 -11.40
CA HIS F 139 -22.39 42.11 -12.16
C HIS F 139 -21.42 43.01 -12.89
N GLY F 140 -21.79 43.47 -14.07
CA GLY F 140 -20.90 44.40 -14.71
C GLY F 140 -20.46 43.85 -16.04
N PRO F 141 -19.92 44.73 -16.90
CA PRO F 141 -19.60 44.42 -18.28
C PRO F 141 -18.75 43.16 -18.41
N ILE F 142 -19.16 42.25 -19.29
CA ILE F 142 -18.51 40.94 -19.44
C ILE F 142 -17.35 41.02 -20.42
N ILE F 143 -16.19 40.55 -20.01
CA ILE F 143 -15.05 40.51 -20.91
C ILE F 143 -15.03 39.21 -21.70
N ALA F 144 -15.24 38.09 -21.02
CA ALA F 144 -15.32 36.82 -21.69
C ALA F 144 -16.13 35.86 -20.82
N GLN F 145 -16.78 34.90 -21.44
CA GLN F 145 -17.44 33.86 -20.66
C GLN F 145 -17.48 32.59 -21.47
N ARG F 146 -17.65 31.45 -20.77
CA ARG F 146 -17.68 30.11 -21.40
C ARG F 146 -18.58 29.19 -20.59
N GLU F 147 -19.44 28.44 -21.28
CA GLU F 147 -20.42 27.61 -20.60
C GLU F 147 -19.80 26.28 -20.26
N CYS F 148 -20.34 25.65 -19.21
CA CYS F 148 -19.95 24.32 -18.82
C CYS F 148 -21.21 23.44 -18.85
N ALA F 149 -21.18 22.36 -19.61
CA ALA F 149 -22.33 21.45 -19.67
C ALA F 149 -22.54 20.74 -18.33
N ILE F 150 -23.78 20.48 -17.95
CA ILE F 150 -24.06 19.76 -16.73
C ILE F 150 -24.71 18.48 -17.18
N GLU F 151 -24.07 17.35 -16.88
CA GLU F 151 -24.59 16.05 -17.28
C GLU F 151 -25.58 15.50 -16.25
N SER F 152 -26.43 14.56 -16.67
CA SER F 152 -27.41 13.99 -15.75
C SER F 152 -26.74 13.27 -14.56
N TRP F 153 -25.49 12.86 -14.76
CA TRP F 153 -24.75 12.18 -13.71
C TRP F 153 -23.87 13.09 -12.93
N ASP F 154 -23.83 14.39 -13.24
CA ASP F 154 -22.99 15.31 -12.46
C ASP F 154 -23.51 15.57 -11.04
N SER F 155 -22.56 15.83 -10.15
CA SER F 155 -22.82 16.43 -8.87
C SER F 155 -22.21 17.82 -8.86
N SER F 156 -22.49 18.60 -7.83
CA SER F 156 -21.77 19.86 -7.65
C SER F 156 -20.25 19.68 -7.70
N GLY F 157 -19.72 18.65 -7.03
CA GLY F 157 -18.26 18.44 -7.00
C GLY F 157 -17.71 18.21 -8.43
N SER F 158 -18.42 17.38 -9.21
CA SER F 158 -17.86 17.06 -10.53
C SER F 158 -18.01 18.26 -11.48
N VAL F 159 -19.09 19.02 -11.36
CA VAL F 159 -19.21 20.20 -12.22
C VAL F 159 -18.13 21.22 -11.85
N TYR F 160 -17.96 21.40 -10.55
CA TYR F 160 -16.98 22.30 -10.04
C TYR F 160 -15.56 21.99 -10.53
N ALA F 161 -15.15 20.72 -10.52
CA ALA F 161 -13.84 20.34 -11.04
C ALA F 161 -13.68 20.80 -12.51
N ARG F 162 -14.73 20.58 -13.31
CA ARG F 162 -14.75 21.01 -14.71
C ARG F 162 -14.72 22.55 -14.85
N LEU F 163 -15.41 23.24 -13.95
CA LEU F 163 -15.36 24.69 -13.98
C LEU F 163 -13.96 25.24 -13.69
N MET F 164 -13.21 24.58 -12.82
CA MET F 164 -11.85 25.01 -12.55
C MET F 164 -10.95 24.78 -13.77
N ASP F 165 -11.19 23.70 -14.53
CA ASP F 165 -10.48 23.53 -15.81
C ASP F 165 -10.86 24.65 -16.81
N ILE F 166 -12.16 24.95 -16.89
CA ILE F 166 -12.64 25.96 -17.85
C ILE F 166 -12.07 27.34 -17.44
N GLU F 167 -12.01 27.57 -16.13
CA GLU F 167 -11.53 28.83 -15.62
C GLU F 167 -10.07 29.06 -16.06
N ARG F 168 -9.22 28.06 -15.86
CA ARG F 168 -7.86 28.10 -16.39
C ARG F 168 -7.82 28.34 -17.91
N GLU F 169 -8.57 27.53 -18.69
CA GLU F 169 -8.65 27.67 -20.15
C GLU F 169 -9.01 29.09 -20.59
N LEU F 170 -10.05 29.65 -19.98
CA LEU F 170 -10.59 30.97 -20.32
C LEU F 170 -9.61 32.07 -19.92
N VAL F 171 -9.11 32.01 -18.70
CA VAL F 171 -8.21 33.04 -18.21
C VAL F 171 -6.91 33.06 -19.03
N LEU F 172 -6.34 31.88 -19.29
CA LEU F 172 -5.11 31.82 -20.11
C LEU F 172 -5.36 32.36 -21.51
N GLU F 173 -6.52 32.02 -22.09
CA GLU F 173 -6.90 32.54 -23.40
C GLU F 173 -6.94 34.05 -23.45
N HIS F 174 -7.55 34.66 -22.43
CA HIS F 174 -7.79 36.10 -22.47
C HIS F 174 -6.80 36.90 -21.60
N PHE F 175 -5.73 36.26 -21.13
CA PHE F 175 -4.86 36.94 -20.16
C PHE F 175 -4.24 38.23 -20.71
N ASP F 176 -3.71 38.19 -21.93
CA ASP F 176 -3.07 39.38 -22.52
C ASP F 176 -4.04 40.54 -22.66
N ALA F 177 -5.26 40.24 -23.12
CA ALA F 177 -6.26 41.26 -23.31
C ALA F 177 -6.70 41.81 -21.97
N ILE F 178 -6.87 40.93 -20.97
CA ILE F 178 -7.15 41.41 -19.61
C ILE F 178 -5.98 42.29 -19.11
N ARG F 179 -4.75 41.84 -19.32
CA ARG F 179 -3.58 42.61 -18.91
C ARG F 179 -3.53 43.98 -19.60
N ASP F 180 -3.75 44.00 -20.91
CA ASP F 180 -3.61 45.20 -21.72
C ASP F 180 -4.83 46.10 -21.68
N GLY F 181 -5.96 45.53 -21.27
CA GLY F 181 -7.24 46.25 -21.26
C GLY F 181 -7.77 46.48 -22.66
N SER F 182 -7.35 45.65 -23.60
CA SER F 182 -7.66 45.84 -25.01
C SER F 182 -8.93 45.10 -25.38
N TYR F 183 -9.80 44.82 -24.42
CA TYR F 183 -11.08 44.17 -24.72
C TYR F 183 -12.16 45.21 -24.86
N THR F 184 -13.28 44.80 -25.44
CA THR F 184 -14.50 45.59 -25.45
C THR F 184 -15.57 44.78 -24.71
N ALA F 185 -15.84 45.17 -23.48
CA ALA F 185 -16.78 44.44 -22.61
C ALA F 185 -18.22 44.85 -22.91
N LYS F 186 -19.17 43.97 -22.64
CA LYS F 186 -20.59 44.31 -22.76
C LYS F 186 -21.31 43.80 -21.52
N SER F 187 -22.10 44.66 -20.90
CA SER F 187 -22.99 44.24 -19.83
C SER F 187 -24.01 43.27 -20.43
N PRO F 188 -24.44 42.25 -19.66
CA PRO F 188 -25.48 41.31 -20.15
C PRO F 188 -26.83 42.03 -20.30
N ALA F 189 -27.77 41.47 -21.05
CA ALA F 189 -29.00 42.23 -21.38
C ALA F 189 -30.00 42.29 -20.23
N THR F 190 -29.87 41.36 -19.29
CA THR F 190 -30.75 41.23 -18.12
C THR F 190 -29.96 41.14 -16.80
N GLU F 191 -30.67 41.35 -15.69
CA GLU F 191 -30.08 41.34 -14.36
C GLU F 191 -29.85 39.90 -13.89
N GLY F 192 -30.57 38.96 -14.49
CA GLY F 192 -30.53 37.56 -14.04
C GLY F 192 -30.95 37.39 -12.57
N ASN F 193 -30.25 36.57 -11.81
CA ASN F 193 -30.62 36.36 -10.40
C ASN F 193 -29.36 36.12 -9.59
N LEU F 194 -29.50 36.29 -8.28
CA LEU F 194 -28.37 36.30 -7.37
C LEU F 194 -28.69 35.36 -6.21
N ASN F 195 -27.74 34.49 -5.85
CA ASN F 195 -27.91 33.58 -4.72
C ASN F 195 -26.87 33.90 -3.66
N LEU F 196 -27.34 33.93 -2.41
CA LEU F 196 -26.49 34.26 -1.27
C LEU F 196 -26.17 33.01 -0.47
N LYS F 197 -25.21 33.12 0.42
CA LYS F 197 -24.84 32.00 1.28
C LYS F 197 -26.06 31.46 1.99
N LYS F 198 -26.91 32.34 2.51
CA LYS F 198 -28.10 31.85 3.23
C LYS F 198 -29.04 31.04 2.33
N ASP F 199 -29.03 31.35 1.03
CA ASP F 199 -29.81 30.56 0.07
C ASP F 199 -29.23 29.14 -0.06
N PHE F 200 -27.92 29.02 -0.07
CA PHE F 200 -27.34 27.68 -0.05
C PHE F 200 -27.70 26.98 1.25
N GLU F 201 -27.63 27.70 2.36
CA GLU F 201 -27.81 27.06 3.66
C GLU F 201 -29.23 26.51 3.78
N GLN F 202 -30.21 27.26 3.27
CA GLN F 202 -31.60 26.80 3.23
C GLN F 202 -31.78 25.49 2.41
N LEU F 203 -31.00 25.32 1.35
CA LEU F 203 -31.10 24.08 0.52
C LEU F 203 -30.69 22.81 1.27
N ARG F 204 -29.81 22.97 2.29
CA ARG F 204 -29.15 21.82 2.94
C ARG F 204 -30.09 20.86 3.65
N ARG F 205 -31.12 21.42 4.28
CA ARG F 205 -32.09 20.69 5.04
C ARG F 205 -33.06 20.08 4.08
N LEU F 206 -33.14 18.76 4.09
CA LEU F 206 -34.10 18.03 3.28
C LEU F 206 -35.36 17.80 4.08
N ASP F 207 -36.48 18.25 3.55
CA ASP F 207 -37.77 18.10 4.22
C ASP F 207 -38.31 16.78 3.72
N LEU F 208 -38.46 15.82 4.62
CA LEU F 208 -38.88 14.49 4.23
C LEU F 208 -40.30 14.45 3.72
N ASN F 209 -41.12 15.41 4.13
CA ASN F 209 -42.47 15.52 3.64
C ASN F 209 -42.64 16.28 2.34
N GLU F 210 -41.58 16.95 1.88
CA GLU F 210 -41.70 17.68 0.63
C GLU F 210 -41.99 16.75 -0.53
N ARG F 211 -42.91 17.18 -1.37
CA ARG F 211 -43.34 16.38 -2.49
C ARG F 211 -42.72 16.94 -3.76
N GLY F 212 -42.46 16.07 -4.73
CA GLY F 212 -41.90 16.48 -6.03
C GLY F 212 -41.62 15.25 -6.84
N THR F 213 -40.97 15.42 -7.99
CA THR F 213 -40.59 14.27 -8.83
C THR F 213 -39.28 13.61 -8.35
N PHE F 214 -39.08 12.36 -8.72
CA PHE F 214 -37.78 11.72 -8.38
C PHE F 214 -36.60 12.47 -9.03
N GLY F 215 -36.76 12.94 -10.25
CA GLY F 215 -35.71 13.74 -10.90
C GLY F 215 -35.38 15.00 -10.11
N HIS F 216 -36.40 15.72 -9.67
CA HIS F 216 -36.20 16.95 -8.87
C HIS F 216 -35.46 16.60 -7.57
N PHE F 217 -35.82 15.47 -6.96
CA PHE F 217 -35.13 15.05 -5.76
C PHE F 217 -33.68 14.67 -6.02
N LEU F 218 -33.44 13.94 -7.10
CA LEU F 218 -32.09 13.58 -7.47
C LEU F 218 -31.27 14.82 -7.76
N ASN F 219 -31.88 15.80 -8.45
CA ASN F 219 -31.21 17.09 -8.67
C ASN F 219 -30.81 17.73 -7.35
N ARG F 220 -31.71 17.73 -6.39
CA ARG F 220 -31.38 18.32 -5.10
C ARG F 220 -30.21 17.60 -4.40
N LEU F 221 -30.18 16.25 -4.45
CA LEU F 221 -29.15 15.47 -3.73
C LEU F 221 -27.83 15.67 -4.44
N ARG F 222 -27.82 15.62 -5.77
CA ARG F 222 -26.56 15.73 -6.50
C ARG F 222 -26.03 17.19 -6.42
N ALA F 223 -26.92 18.18 -6.39
CA ALA F 223 -26.47 19.56 -6.26
C ALA F 223 -25.80 19.76 -4.91
N LEU F 224 -26.22 18.94 -3.96
CA LEU F 224 -25.66 19.02 -2.59
C LEU F 224 -24.53 18.05 -2.33
N THR F 225 -24.10 17.34 -3.37
CA THR F 225 -22.99 16.39 -3.26
C THR F 225 -21.73 17.05 -3.82
N HIS F 226 -20.70 17.16 -2.98
CA HIS F 226 -19.46 17.79 -3.40
C HIS F 226 -18.33 17.09 -2.63
N ASP F 227 -17.66 16.16 -3.32
CA ASP F 227 -16.65 15.27 -2.73
C ASP F 227 -17.30 14.69 -1.49
N ASP F 228 -16.61 14.81 -0.35
CA ASP F 228 -17.04 14.30 0.93
C ASP F 228 -17.72 15.34 1.83
N PHE F 229 -17.98 16.57 1.35
CA PHE F 229 -18.65 17.56 2.23
C PHE F 229 -20.01 17.06 2.72
N ARG F 230 -20.33 17.41 3.94
CA ARG F 230 -21.59 17.03 4.55
C ARG F 230 -22.59 18.15 4.38
N ASN F 231 -23.07 18.36 3.16
CA ASN F 231 -24.00 19.44 2.87
C ASN F 231 -25.45 19.07 3.17
N ALA F 232 -25.98 18.00 2.53
CA ALA F 232 -27.40 17.63 2.72
C ALA F 232 -27.60 16.87 4.02
N TRP F 233 -28.70 17.16 4.70
CA TRP F 233 -29.05 16.44 5.90
C TRP F 233 -30.55 16.39 6.10
N PHE F 234 -31.00 15.39 6.84
CA PHE F 234 -32.38 15.37 7.33
C PHE F 234 -32.35 15.01 8.82
N VAL F 235 -33.50 15.14 9.47
CA VAL F 235 -33.64 14.80 10.88
C VAL F 235 -34.63 13.67 10.90
N ASP F 236 -34.30 12.53 11.49
CA ASP F 236 -35.21 11.38 11.42
C ASP F 236 -36.33 11.42 12.49
N ALA F 237 -37.21 10.41 12.48
CA ALA F 237 -38.31 10.29 13.43
C ALA F 237 -37.87 10.45 14.88
N SER F 238 -36.59 10.20 15.18
CA SER F 238 -36.12 10.24 16.57
C SER F 238 -35.30 11.48 16.90
N GLY F 239 -35.21 12.43 15.97
CA GLY F 239 -34.41 13.63 16.19
C GLY F 239 -32.91 13.55 15.91
N ARG F 240 -32.48 12.47 15.26
CA ARG F 240 -31.09 12.34 14.86
C ARG F 240 -30.92 13.01 13.51
N LYS F 241 -29.87 13.79 13.37
CA LYS F 241 -29.52 14.36 12.09
C LYS F 241 -28.73 13.29 11.26
N VAL F 242 -29.07 13.19 9.98
CA VAL F 242 -28.42 12.21 9.08
C VAL F 242 -28.01 12.94 7.82
N PHE F 243 -26.72 12.86 7.51
CA PHE F 243 -26.11 13.43 6.33
C PHE F 243 -26.21 12.49 5.15
N VAL F 244 -26.34 13.08 3.97
CA VAL F 244 -26.76 12.39 2.75
C VAL F 244 -25.91 12.88 1.63
N ARG F 245 -25.34 11.97 0.85
CA ARG F 245 -24.90 12.34 -0.46
C ARG F 245 -25.13 11.17 -1.43
N VAL F 246 -25.05 11.49 -2.71
CA VAL F 246 -25.44 10.56 -3.73
C VAL F 246 -24.21 10.22 -4.57
N VAL F 247 -24.13 8.99 -5.05
CA VAL F 247 -23.06 8.57 -5.94
C VAL F 247 -23.73 8.22 -7.28
N LEU F 248 -23.33 8.91 -8.34
CA LEU F 248 -23.92 8.66 -9.66
C LEU F 248 -22.83 8.20 -10.62
N GLU F 249 -23.07 7.12 -11.36
CA GLU F 249 -22.04 6.59 -12.24
C GLU F 249 -22.68 6.24 -13.57
N PRO F 250 -22.36 7.00 -14.64
CA PRO F 250 -22.96 6.68 -15.95
C PRO F 250 -22.44 5.33 -16.48
N GLU F 251 -23.29 4.52 -17.08
CA GLU F 251 -22.79 3.29 -17.69
C GLU F 251 -21.71 3.60 -18.73
N LYS F 252 -20.57 2.90 -18.64
CA LYS F 252 -19.53 2.98 -19.70
C LYS F 252 -20.15 2.62 -21.07
N PRO F 253 -19.91 3.44 -22.11
CA PRO F 253 -20.31 3.08 -23.49
C PRO F 253 -19.64 1.80 -24.00
N ALA F 254 -20.18 1.16 -25.03
CA ALA F 254 -19.51 -0.02 -25.60
C ALA F 254 -18.14 0.42 -26.12
N GLU F 255 -17.19 -0.52 -26.13
CA GLU F 255 -15.83 -0.24 -26.59
C GLU F 255 -15.88 0.35 -28.01
N ALA F 256 -15.29 1.54 -28.16
CA ALA F 256 -15.25 2.23 -29.46
C ALA F 256 -14.25 1.53 -30.38
N MET G 22 -17.02 -37.10 29.38
CA MET G 22 -17.95 -36.01 29.00
C MET G 22 -18.38 -35.25 30.25
N VAL G 23 -18.11 -33.96 30.28
CA VAL G 23 -18.62 -33.02 31.27
C VAL G 23 -19.23 -31.87 30.44
N THR G 24 -20.45 -31.44 30.72
CA THR G 24 -21.11 -30.48 29.82
C THR G 24 -20.95 -29.07 30.35
N ILE G 25 -20.36 -28.20 29.51
CA ILE G 25 -19.97 -26.86 29.96
C ILE G 25 -20.66 -25.74 29.19
N LEU G 26 -21.13 -24.74 29.94
CA LEU G 26 -21.61 -23.51 29.36
C LEU G 26 -20.57 -22.44 29.66
N ILE G 27 -20.10 -21.80 28.60
CA ILE G 27 -19.25 -20.65 28.74
C ILE G 27 -20.08 -19.41 28.48
N LEU G 28 -19.98 -18.44 29.37
CA LEU G 28 -20.62 -17.12 29.17
C LEU G 28 -19.62 -16.03 29.21
N THR G 29 -19.62 -15.20 28.15
CA THR G 29 -18.77 -14.01 28.13
C THR G 29 -19.18 -13.02 27.06
N ASP G 30 -18.96 -11.75 27.36
CA ASP G 30 -19.22 -10.68 26.42
C ASP G 30 -17.92 -10.12 25.95
N ASN G 31 -16.81 -10.67 26.41
CA ASN G 31 -15.55 -10.06 26.06
C ASN G 31 -14.98 -10.73 24.82
N VAL G 32 -14.42 -9.92 23.91
CA VAL G 32 -13.96 -10.37 22.58
C VAL G 32 -12.77 -11.36 22.70
N HIS G 33 -11.80 -11.05 23.56
CA HIS G 33 -10.64 -11.94 23.77
C HIS G 33 -11.04 -13.24 24.46
N ALA G 34 -11.86 -13.13 25.49
CA ALA G 34 -12.32 -14.29 26.24
C ALA G 34 -13.18 -15.18 25.33
N HIS G 35 -13.97 -14.56 24.48
CA HIS G 35 -14.72 -15.30 23.54
C HIS G 35 -13.84 -16.15 22.60
N ALA G 36 -12.82 -15.52 22.05
CA ALA G 36 -11.90 -16.24 21.15
C ALA G 36 -11.27 -17.43 21.90
N LEU G 37 -10.94 -17.24 23.19
CA LEU G 37 -10.37 -18.35 23.98
C LEU G 37 -11.42 -19.46 24.15
N ALA G 38 -12.66 -19.06 24.45
CA ALA G 38 -13.77 -20.02 24.62
C ALA G 38 -13.96 -20.86 23.36
N VAL G 39 -13.79 -20.23 22.21
CA VAL G 39 -13.97 -20.88 20.94
C VAL G 39 -12.90 -21.96 20.74
N ASP G 40 -11.65 -21.65 21.09
CA ASP G 40 -10.58 -22.65 21.08
C ASP G 40 -10.84 -23.76 22.10
N LEU G 41 -11.34 -23.41 23.31
CA LEU G 41 -11.60 -24.46 24.34
C LEU G 41 -12.62 -25.44 23.80
N GLN G 42 -13.63 -24.86 23.13
CA GLN G 42 -14.75 -25.59 22.57
C GLN G 42 -14.26 -26.59 21.51
N ALA G 43 -13.40 -26.12 20.61
CA ALA G 43 -12.88 -26.96 19.53
C ALA G 43 -12.11 -28.15 20.10
N ARG G 44 -11.50 -27.97 21.28
CA ARG G 44 -10.76 -29.04 21.94
C ARG G 44 -11.59 -29.92 22.88
N HIS G 45 -12.50 -29.33 23.67
CA HIS G 45 -13.31 -30.09 24.64
C HIS G 45 -14.54 -30.75 24.02
N GLY G 46 -15.28 -30.03 23.16
CA GLY G 46 -16.42 -30.63 22.48
C GLY G 46 -17.79 -30.34 23.08
N ASP G 47 -18.07 -30.93 24.23
CA ASP G 47 -19.37 -30.81 24.91
C ASP G 47 -19.48 -29.48 25.62
N MET G 48 -19.50 -28.38 24.87
CA MET G 48 -19.46 -27.05 25.46
C MET G 48 -20.27 -26.09 24.58
N ASP G 49 -21.08 -25.23 25.19
CA ASP G 49 -21.77 -24.17 24.44
C ASP G 49 -21.17 -22.83 24.83
N VAL G 50 -21.07 -21.92 23.87
CA VAL G 50 -20.46 -20.61 24.09
C VAL G 50 -21.55 -19.55 23.76
N TYR G 51 -21.97 -18.83 24.78
CA TYR G 51 -22.96 -17.77 24.65
C TYR G 51 -22.44 -16.43 25.18
N GLN G 52 -23.14 -15.35 24.84
CA GLN G 52 -22.87 -14.02 25.42
C GLN G 52 -24.21 -13.63 26.06
N SER G 53 -24.27 -12.53 26.82
CA SER G 53 -25.52 -12.02 27.40
C SER G 53 -26.40 -11.30 26.36
N PRO G 54 -27.67 -11.00 26.74
CA PRO G 54 -28.57 -10.13 25.96
C PRO G 54 -27.94 -8.79 25.60
N ILE G 55 -27.01 -8.29 26.42
CA ILE G 55 -26.36 -7.01 26.11
C ILE G 55 -24.99 -7.14 25.46
N GLY G 56 -24.54 -8.38 25.22
CA GLY G 56 -23.26 -8.60 24.55
C GLY G 56 -23.28 -7.98 23.15
N GLN G 57 -22.12 -7.55 22.70
CA GLN G 57 -22.00 -6.92 21.39
C GLN G 57 -21.08 -7.71 20.46
N LEU G 58 -20.95 -9.02 20.70
CA LEU G 58 -20.13 -9.86 19.83
C LEU G 58 -20.96 -10.33 18.61
N PRO G 59 -20.54 -9.99 17.39
CA PRO G 59 -21.31 -10.35 16.20
C PRO G 59 -21.40 -11.87 16.04
N GLY G 60 -22.60 -12.42 15.84
CA GLY G 60 -22.75 -13.83 15.51
C GLY G 60 -22.61 -14.84 16.67
N VAL G 61 -22.58 -14.34 17.90
CA VAL G 61 -22.48 -15.22 19.07
C VAL G 61 -23.86 -15.33 19.69
N PRO G 62 -24.37 -16.57 19.85
CA PRO G 62 -25.69 -16.70 20.40
C PRO G 62 -25.85 -16.12 21.81
N ARG G 63 -27.07 -15.76 22.17
CA ARG G 63 -27.34 -14.99 23.38
C ARG G 63 -28.06 -15.82 24.41
N CYS G 64 -27.70 -15.62 25.68
CA CYS G 64 -28.29 -16.36 26.80
C CYS G 64 -28.63 -15.36 27.89
N ASP G 65 -29.90 -15.29 28.24
CA ASP G 65 -30.36 -14.45 29.34
C ASP G 65 -30.37 -15.31 30.58
N VAL G 66 -29.35 -15.18 31.42
CA VAL G 66 -29.16 -16.16 32.50
C VAL G 66 -30.31 -16.19 33.50
N ALA G 67 -30.73 -15.02 33.96
CA ALA G 67 -31.80 -14.86 34.97
C ALA G 67 -33.02 -15.67 34.62
N GLU G 68 -33.29 -15.79 33.31
CA GLU G 68 -34.49 -16.44 32.76
C GLU G 68 -34.30 -17.90 32.37
N ARG G 69 -33.07 -18.41 32.54
CA ARG G 69 -32.70 -19.74 32.04
C ARG G 69 -32.15 -20.69 33.13
N VAL G 70 -32.16 -20.23 34.38
CA VAL G 70 -31.61 -20.98 35.52
C VAL G 70 -31.97 -22.47 35.47
N ALA G 71 -33.24 -22.77 35.27
CA ALA G 71 -33.69 -24.17 35.35
C ALA G 71 -33.11 -24.99 34.20
N GLU G 72 -33.09 -24.41 32.99
CA GLU G 72 -32.55 -25.13 31.82
C GLU G 72 -31.06 -25.31 31.94
N ILE G 73 -30.39 -24.29 32.43
CA ILE G 73 -28.94 -24.35 32.58
C ILE G 73 -28.56 -25.42 33.61
N VAL G 74 -29.23 -25.41 34.75
CA VAL G 74 -28.95 -26.39 35.80
C VAL G 74 -29.22 -27.79 35.27
N GLU G 75 -30.26 -27.88 34.45
CA GLU G 75 -30.66 -29.15 33.86
C GLU G 75 -29.61 -29.71 32.89
N ARG G 76 -29.01 -28.85 32.06
CA ARG G 76 -28.20 -29.34 30.93
C ARG G 76 -26.72 -29.38 31.26
N TYR G 77 -26.25 -28.46 32.12
CA TYR G 77 -24.80 -28.31 32.32
C TYR G 77 -24.25 -28.77 33.66
N ASP G 78 -23.01 -29.25 33.64
CA ASP G 78 -22.32 -29.66 34.85
C ASP G 78 -21.47 -28.51 35.37
N LEU G 79 -21.26 -27.52 34.52
CA LEU G 79 -20.36 -26.42 34.92
C LEU G 79 -20.71 -25.19 34.12
N VAL G 80 -20.75 -24.07 34.82
CA VAL G 80 -20.86 -22.82 34.15
C VAL G 80 -19.55 -22.09 34.35
N LEU G 81 -18.95 -21.71 33.23
CA LEU G 81 -17.68 -21.04 33.24
C LEU G 81 -17.82 -19.64 32.63
N SER G 82 -17.76 -18.60 33.45
CA SER G 82 -17.85 -17.27 32.88
C SER G 82 -16.51 -16.57 32.74
N PHE G 83 -16.43 -15.62 31.83
CA PHE G 83 -15.19 -14.84 31.68
C PHE G 83 -15.52 -13.35 31.80
N HIS G 84 -14.81 -12.66 32.68
CA HIS G 84 -15.03 -11.19 32.86
C HIS G 84 -16.45 -10.78 33.26
N CYS G 85 -17.16 -11.66 33.93
CA CYS G 85 -18.53 -11.39 34.29
C CYS G 85 -18.64 -10.18 35.26
N LYS G 86 -19.63 -9.32 35.04
CA LYS G 86 -19.79 -8.14 35.90
C LYS G 86 -21.18 -7.98 36.49
N GLN G 87 -22.04 -8.96 36.24
CA GLN G 87 -23.40 -8.98 36.81
C GLN G 87 -23.52 -10.23 37.69
N ARG G 88 -23.91 -10.06 38.96
CA ARG G 88 -24.15 -11.19 39.86
C ARG G 88 -25.11 -12.24 39.28
N PHE G 89 -24.77 -13.53 39.44
CA PHE G 89 -25.66 -14.64 39.05
C PHE G 89 -26.79 -14.79 40.07
N PRO G 90 -27.98 -15.27 39.63
CA PRO G 90 -29.07 -15.69 40.54
C PRO G 90 -28.58 -16.73 41.56
N ALA G 91 -29.08 -16.63 42.80
CA ALA G 91 -28.69 -17.54 43.86
C ALA G 91 -28.99 -18.99 43.46
N ALA G 92 -30.15 -19.19 42.83
CA ALA G 92 -30.54 -20.51 42.39
C ALA G 92 -29.56 -21.08 41.33
N LEU G 93 -28.84 -20.23 40.62
CA LEU G 93 -27.95 -20.76 39.61
C LEU G 93 -26.67 -21.21 40.33
N ILE G 94 -26.19 -20.33 41.23
CA ILE G 94 -24.98 -20.59 42.00
C ILE G 94 -25.11 -21.88 42.82
N ASP G 95 -26.27 -22.06 43.42
CA ASP G 95 -26.56 -23.26 44.21
C ASP G 95 -26.82 -24.50 43.36
N GLY G 96 -27.39 -24.30 42.16
CA GLY G 96 -27.84 -25.39 41.29
C GLY G 96 -26.73 -26.10 40.53
N VAL G 97 -25.62 -25.41 40.27
CA VAL G 97 -24.56 -25.93 39.40
C VAL G 97 -23.27 -25.23 39.78
N ARG G 98 -22.12 -25.94 39.64
CA ARG G 98 -20.82 -25.34 39.88
C ARG G 98 -20.56 -24.21 38.88
N CYS G 99 -20.29 -23.01 39.41
CA CYS G 99 -20.05 -21.80 38.63
C CYS G 99 -18.67 -21.24 38.95
N VAL G 100 -17.89 -21.04 37.88
CA VAL G 100 -16.53 -20.53 37.97
C VAL G 100 -16.43 -19.30 37.08
N ASN G 101 -15.73 -18.26 37.54
CA ASN G 101 -15.47 -17.05 36.75
C ASN G 101 -13.96 -16.85 36.53
N VAL G 102 -13.61 -16.26 35.39
CA VAL G 102 -12.25 -15.89 35.06
C VAL G 102 -12.22 -14.38 35.02
N HIS G 103 -11.43 -13.78 35.90
CA HIS G 103 -11.41 -12.33 36.08
C HIS G 103 -10.00 -11.79 35.87
N PRO G 104 -9.87 -10.80 34.96
CA PRO G 104 -8.54 -10.26 34.67
C PRO G 104 -8.07 -9.24 35.71
N GLY G 105 -8.16 -9.63 36.99
CA GLY G 105 -7.55 -8.89 38.09
C GLY G 105 -6.92 -9.87 39.09
N PHE G 106 -6.13 -9.38 40.02
CA PHE G 106 -5.54 -10.24 41.05
C PHE G 106 -6.30 -10.11 42.37
N ASN G 107 -7.35 -10.93 42.51
CA ASN G 107 -8.17 -10.96 43.72
C ASN G 107 -7.31 -11.11 44.97
N PRO G 108 -7.66 -10.42 46.05
CA PRO G 108 -8.86 -9.56 46.13
C PRO G 108 -8.57 -8.08 45.83
N TYR G 109 -7.48 -7.81 45.13
CA TYR G 109 -7.07 -6.41 44.97
C TYR G 109 -7.71 -5.82 43.72
N ASN G 110 -8.33 -4.65 43.85
CA ASN G 110 -8.98 -4.03 42.70
C ASN G 110 -9.91 -4.99 41.97
N ARG G 111 -10.76 -5.69 42.73
CA ARG G 111 -11.86 -6.47 42.17
C ARG G 111 -12.74 -5.53 41.33
N GLY G 112 -13.54 -6.08 40.41
CA GLY G 112 -14.43 -5.24 39.59
C GLY G 112 -13.84 -4.67 38.33
N TRP G 113 -14.13 -3.40 38.01
CA TRP G 113 -13.92 -2.84 36.66
C TRP G 113 -12.45 -2.46 36.42
N PHE G 114 -11.92 -2.88 35.28
CA PHE G 114 -10.59 -2.45 34.81
C PHE G 114 -9.48 -2.49 35.87
N PRO G 115 -9.21 -3.67 36.45
CA PRO G 115 -8.21 -3.76 37.50
C PRO G 115 -6.87 -3.08 37.19
N GLN G 116 -6.41 -3.12 35.94
CA GLN G 116 -5.10 -2.55 35.62
C GLN G 116 -5.10 -1.04 35.69
N VAL G 117 -6.21 -0.39 35.38
CA VAL G 117 -6.31 1.05 35.57
C VAL G 117 -6.00 1.39 37.03
N PHE G 118 -6.63 0.67 37.95
CA PHE G 118 -6.53 1.06 39.36
C PHE G 118 -5.22 0.60 39.97
N SER G 119 -4.67 -0.51 39.48
CA SER G 119 -3.40 -0.98 39.99
C SER G 119 -2.21 -0.13 39.53
N ILE G 120 -2.29 0.41 38.32
CA ILE G 120 -1.21 1.30 37.88
C ILE G 120 -1.13 2.51 38.82
N ILE G 121 -2.29 3.01 39.21
CA ILE G 121 -2.42 4.12 40.14
C ILE G 121 -2.05 3.75 41.58
N ASP G 122 -2.57 2.65 42.13
CA ASP G 122 -2.35 2.38 43.55
C ASP G 122 -1.20 1.44 43.86
N GLY G 123 -0.56 0.88 42.85
CA GLY G 123 0.55 -0.05 43.09
C GLY G 123 0.18 -1.45 43.62
N GLN G 124 -1.10 -1.77 43.76
CA GLN G 124 -1.48 -3.13 44.14
C GLN G 124 -1.23 -4.13 42.99
N LYS G 125 -1.14 -5.41 43.31
CA LYS G 125 -0.95 -6.45 42.27
C LYS G 125 -2.08 -6.45 41.23
N VAL G 126 -1.73 -6.72 39.97
CA VAL G 126 -2.73 -7.03 38.94
C VAL G 126 -2.34 -8.39 38.36
N GLY G 127 -3.28 -9.06 37.69
CA GLY G 127 -3.11 -10.46 37.30
C GLY G 127 -4.41 -11.01 36.80
N VAL G 128 -4.48 -12.34 36.68
CA VAL G 128 -5.70 -13.01 36.28
C VAL G 128 -6.10 -13.96 37.39
N THR G 129 -7.39 -14.01 37.73
CA THR G 129 -7.83 -14.90 38.81
C THR G 129 -8.96 -15.79 38.32
N ILE G 130 -8.84 -17.09 38.61
CA ILE G 130 -9.92 -18.04 38.34
C ILE G 130 -10.53 -18.38 39.70
N HIS G 131 -11.83 -18.22 39.84
CA HIS G 131 -12.45 -18.44 41.15
C HIS G 131 -13.86 -19.00 41.06
N GLU G 132 -14.29 -19.70 42.11
CA GLU G 132 -15.71 -20.08 42.22
C GLU G 132 -16.55 -18.83 42.49
N ILE G 133 -17.75 -18.81 41.96
CA ILE G 133 -18.61 -17.63 42.05
C ILE G 133 -19.45 -17.68 43.33
N ASP G 134 -19.54 -16.54 44.03
CA ASP G 134 -20.51 -16.34 45.14
C ASP G 134 -21.36 -15.08 44.86
N ASP G 135 -22.12 -14.61 45.83
CA ASP G 135 -23.06 -13.50 45.57
C ASP G 135 -22.43 -12.08 45.48
N GLN G 136 -21.10 -11.99 45.65
CA GLN G 136 -20.34 -10.73 45.52
C GLN G 136 -19.41 -10.73 44.33
N LEU G 137 -19.12 -9.55 43.81
CA LEU G 137 -18.42 -9.41 42.56
C LEU G 137 -16.94 -9.74 42.74
N ASP G 138 -16.47 -10.75 41.98
CA ASP G 138 -15.05 -11.09 41.92
C ASP G 138 -14.55 -11.46 43.31
N HIS G 139 -15.19 -12.49 43.86
CA HIS G 139 -15.12 -12.83 45.27
C HIS G 139 -15.36 -14.34 45.31
N GLY G 140 -14.78 -15.06 46.25
CA GLY G 140 -15.10 -16.47 46.37
C GLY G 140 -13.86 -17.29 46.18
N PRO G 141 -13.94 -18.59 46.52
CA PRO G 141 -12.76 -19.47 46.54
C PRO G 141 -11.91 -19.41 45.25
N ILE G 142 -10.61 -19.17 45.40
CA ILE G 142 -9.69 -19.04 44.28
C ILE G 142 -9.18 -20.42 43.86
N ILE G 143 -9.31 -20.73 42.58
CA ILE G 143 -8.80 -21.97 42.03
C ILE G 143 -7.33 -21.78 41.63
N ALA G 144 -7.05 -20.68 40.92
CA ALA G 144 -5.68 -20.34 40.49
C ALA G 144 -5.63 -18.86 40.17
N GLN G 145 -4.49 -18.22 40.41
CA GLN G 145 -4.29 -16.85 39.96
C GLN G 145 -2.88 -16.67 39.56
N ARG G 146 -2.63 -15.66 38.75
CA ARG G 146 -1.28 -15.39 38.30
C ARG G 146 -1.10 -13.88 38.12
N GLU G 147 0.03 -13.42 38.63
CA GLU G 147 0.36 -12.01 38.67
C GLU G 147 0.89 -11.51 37.33
N CYS G 148 0.66 -10.25 37.02
CA CYS G 148 1.21 -9.63 35.81
C CYS G 148 2.03 -8.45 36.25
N ALA G 149 3.30 -8.42 35.88
CA ALA G 149 4.18 -7.33 36.37
C ALA G 149 3.76 -6.07 35.65
N ILE G 150 3.76 -4.94 36.33
CA ILE G 150 3.47 -3.65 35.68
C ILE G 150 4.79 -2.90 35.54
N GLU G 151 5.20 -2.58 34.32
CA GLU G 151 6.43 -1.79 34.14
C GLU G 151 6.16 -0.29 34.24
N SER G 152 7.23 0.48 34.50
CA SER G 152 7.15 1.94 34.61
C SER G 152 6.69 2.58 33.32
N TRP G 153 6.97 1.93 32.19
CA TRP G 153 6.49 2.46 30.90
C TRP G 153 5.11 1.96 30.43
N ASP G 154 4.48 1.06 31.20
CA ASP G 154 3.24 0.42 30.82
C ASP G 154 2.08 1.40 30.85
N SER G 155 1.14 1.24 29.92
CA SER G 155 -0.16 1.93 29.99
C SER G 155 -1.24 0.89 30.36
N SER G 156 -2.48 1.31 30.62
CA SER G 156 -3.60 0.35 30.73
C SER G 156 -3.66 -0.61 29.53
N GLY G 157 -3.60 -0.04 28.33
CA GLY G 157 -3.58 -0.81 27.07
C GLY G 157 -2.49 -1.88 27.02
N SER G 158 -1.24 -1.54 27.38
CA SER G 158 -0.16 -2.55 27.22
C SER G 158 -0.28 -3.65 28.28
N VAL G 159 -0.67 -3.27 29.50
CA VAL G 159 -0.87 -4.24 30.57
C VAL G 159 -2.02 -5.15 30.20
N TYR G 160 -3.10 -4.58 29.65
CA TYR G 160 -4.29 -5.37 29.33
C TYR G 160 -3.96 -6.46 28.30
N ALA G 161 -3.20 -6.08 27.28
CA ALA G 161 -2.81 -7.04 26.24
C ALA G 161 -2.04 -8.22 26.87
N ARG G 162 -1.14 -7.93 27.84
CA ARG G 162 -0.42 -8.98 28.54
C ARG G 162 -1.38 -9.83 29.41
N LEU G 163 -2.32 -9.19 30.11
CA LEU G 163 -3.32 -9.91 30.89
C LEU G 163 -4.10 -10.89 30.06
N MET G 164 -4.44 -10.50 28.82
CA MET G 164 -5.13 -11.42 27.94
C MET G 164 -4.29 -12.65 27.60
N ASP G 165 -2.98 -12.47 27.43
CA ASP G 165 -2.11 -13.61 27.18
C ASP G 165 -2.05 -14.45 28.44
N ILE G 166 -1.93 -13.81 29.59
CA ILE G 166 -1.80 -14.56 30.85
C ILE G 166 -3.09 -15.35 31.11
N GLU G 167 -4.23 -14.73 30.77
CA GLU G 167 -5.51 -15.39 30.95
C GLU G 167 -5.58 -16.67 30.11
N ARG G 168 -5.26 -16.60 28.83
CA ARG G 168 -5.23 -17.80 27.99
C ARG G 168 -4.26 -18.85 28.59
N GLU G 169 -3.11 -18.39 29.03
CA GLU G 169 -2.11 -19.32 29.57
C GLU G 169 -2.61 -20.02 30.83
N LEU G 170 -3.24 -19.24 31.71
CA LEU G 170 -3.66 -19.76 32.99
C LEU G 170 -4.85 -20.70 32.83
N VAL G 171 -5.78 -20.31 31.99
CA VAL G 171 -6.99 -21.08 31.78
C VAL G 171 -6.64 -22.40 31.11
N LEU G 172 -5.78 -22.37 30.11
CA LEU G 172 -5.40 -23.60 29.42
C LEU G 172 -4.67 -24.52 30.37
N GLU G 173 -3.81 -23.95 31.21
CA GLU G 173 -3.10 -24.77 32.16
C GLU G 173 -4.06 -25.45 33.17
N HIS G 174 -5.05 -24.72 33.68
CA HIS G 174 -5.93 -25.27 34.72
C HIS G 174 -7.27 -25.84 34.19
N PHE G 175 -7.45 -25.85 32.86
CA PHE G 175 -8.70 -26.32 32.29
C PHE G 175 -9.22 -27.69 32.76
N ASP G 176 -8.39 -28.74 32.69
CA ASP G 176 -8.79 -30.08 33.11
C ASP G 176 -9.24 -30.13 34.55
N ALA G 177 -8.47 -29.49 35.43
CA ALA G 177 -8.83 -29.41 36.83
C ALA G 177 -10.14 -28.65 36.99
N ILE G 178 -10.33 -27.56 36.24
CA ILE G 178 -11.58 -26.78 36.34
C ILE G 178 -12.76 -27.67 35.92
N ARG G 179 -12.57 -28.35 34.79
CA ARG G 179 -13.58 -29.24 34.22
C ARG G 179 -13.95 -30.32 35.22
N ASP G 180 -12.95 -30.95 35.86
CA ASP G 180 -13.20 -32.12 36.73
C ASP G 180 -13.56 -31.72 38.17
N GLY G 181 -13.21 -30.48 38.53
CA GLY G 181 -13.39 -30.00 39.90
C GLY G 181 -12.38 -30.62 40.86
N SER G 182 -11.19 -30.92 40.36
CA SER G 182 -10.22 -31.69 41.11
C SER G 182 -9.19 -30.80 41.78
N TYR G 183 -9.53 -29.53 41.99
CA TYR G 183 -8.69 -28.57 42.67
C TYR G 183 -9.20 -28.42 44.10
N THR G 184 -8.45 -27.74 44.97
CA THR G 184 -9.01 -27.30 46.27
C THR G 184 -8.89 -25.79 46.23
N ALA G 185 -10.04 -25.11 46.16
CA ALA G 185 -10.03 -23.65 46.06
C ALA G 185 -9.84 -23.05 47.44
N LYS G 186 -9.26 -21.86 47.53
CA LYS G 186 -9.07 -21.16 48.82
C LYS G 186 -9.53 -19.71 48.69
N SER G 187 -10.39 -19.28 49.61
CA SER G 187 -10.80 -17.88 49.66
C SER G 187 -9.62 -17.01 50.04
N PRO G 188 -9.56 -15.76 49.52
CA PRO G 188 -8.51 -14.82 49.96
C PRO G 188 -8.67 -14.50 51.45
N ALA G 189 -7.60 -14.07 52.11
CA ALA G 189 -7.66 -13.83 53.56
C ALA G 189 -8.40 -12.55 53.92
N THR G 190 -8.43 -11.62 52.97
CA THR G 190 -9.02 -10.32 53.17
C THR G 190 -10.04 -10.04 52.06
N GLU G 191 -10.87 -9.03 52.30
CA GLU G 191 -11.90 -8.59 51.39
C GLU G 191 -11.31 -7.80 50.24
N GLY G 192 -10.16 -7.17 50.46
CA GLY G 192 -9.55 -6.28 49.47
C GLY G 192 -10.46 -5.12 49.15
N ASN G 193 -10.58 -4.75 47.88
CA ASN G 193 -11.37 -3.57 47.54
C ASN G 193 -12.03 -3.75 46.20
N LEU G 194 -13.11 -3.02 45.97
CA LEU G 194 -13.89 -3.22 44.75
C LEU G 194 -14.10 -1.91 44.02
N ASN G 195 -13.81 -1.91 42.73
CA ASN G 195 -14.01 -0.70 41.94
C ASN G 195 -15.17 -0.90 40.96
N LEU G 196 -16.06 0.10 40.88
CA LEU G 196 -17.24 0.04 40.01
C LEU G 196 -17.12 0.90 38.75
N LYS G 197 -18.06 0.75 37.81
CA LYS G 197 -18.08 1.59 36.60
C LYS G 197 -17.89 3.07 36.93
N LYS G 198 -18.62 3.54 37.95
CA LYS G 198 -18.59 4.94 38.36
C LYS G 198 -17.20 5.39 38.84
N ASP G 199 -16.47 4.49 39.50
CA ASP G 199 -15.11 4.79 39.96
C ASP G 199 -14.16 5.02 38.80
N PHE G 200 -14.28 4.24 37.73
CA PHE G 200 -13.49 4.51 36.53
C PHE G 200 -13.90 5.86 35.95
N GLU G 201 -15.20 6.14 35.93
CA GLU G 201 -15.67 7.43 35.44
C GLU G 201 -15.09 8.63 36.16
N GLN G 202 -14.95 8.57 37.48
CA GLN G 202 -14.43 9.74 38.22
C GLN G 202 -12.96 9.97 37.92
N LEU G 203 -12.24 8.91 37.60
CA LEU G 203 -10.82 9.01 37.29
C LEU G 203 -10.53 9.73 36.00
N ARG G 204 -11.50 9.68 35.07
CA ARG G 204 -11.30 10.15 33.70
C ARG G 204 -11.00 11.64 33.63
N ARG G 205 -11.67 12.38 34.53
CA ARG G 205 -11.58 13.83 34.59
C ARG G 205 -10.28 14.24 35.24
N LEU G 206 -9.48 15.01 34.51
CA LEU G 206 -8.23 15.52 35.06
C LEU G 206 -8.49 16.89 35.67
N ASP G 207 -8.10 17.03 36.95
CA ASP G 207 -8.19 18.31 37.65
C ASP G 207 -6.88 19.08 37.51
N LEU G 208 -6.89 20.09 36.65
CA LEU G 208 -5.68 20.91 36.39
C LEU G 208 -5.07 21.59 37.61
N ASN G 209 -5.91 21.94 38.60
CA ASN G 209 -5.48 22.55 39.87
C ASN G 209 -4.88 21.57 40.89
N GLU G 210 -5.18 20.29 40.75
CA GLU G 210 -4.69 19.26 41.69
C GLU G 210 -3.18 19.22 41.77
N ARG G 211 -2.69 19.23 43.01
CA ARG G 211 -1.26 19.15 43.30
C ARG G 211 -0.81 17.70 43.44
N GLY G 212 0.37 17.39 42.94
CA GLY G 212 0.89 16.04 43.04
C GLY G 212 2.30 15.99 42.50
N THR G 213 2.87 14.80 42.52
CA THR G 213 4.23 14.61 42.06
C THR G 213 4.16 14.24 40.59
N PHE G 214 5.32 14.31 39.94
CA PHE G 214 5.49 13.87 38.56
C PHE G 214 5.10 12.42 38.31
N GLY G 215 5.67 11.50 39.11
CA GLY G 215 5.35 10.08 39.02
C GLY G 215 3.85 9.87 39.14
N HIS G 216 3.22 10.61 40.05
CA HIS G 216 1.80 10.47 40.33
C HIS G 216 0.93 10.85 39.13
N PHE G 217 1.26 11.99 38.52
CA PHE G 217 0.55 12.41 37.33
C PHE G 217 0.81 11.47 36.15
N LEU G 218 2.04 11.00 36.01
CA LEU G 218 2.43 10.04 34.95
C LEU G 218 1.65 8.73 35.14
N ASN G 219 1.53 8.25 36.37
CA ASN G 219 0.70 7.07 36.69
C ASN G 219 -0.78 7.24 36.25
N ARG G 220 -1.38 8.38 36.60
CA ARG G 220 -2.74 8.71 36.18
C ARG G 220 -2.93 8.69 34.67
N LEU G 221 -2.06 9.35 33.91
CA LEU G 221 -2.28 9.45 32.48
C LEU G 221 -2.07 8.11 31.79
N ARG G 222 -1.05 7.36 32.20
CA ARG G 222 -0.80 6.04 31.60
C ARG G 222 -1.90 5.03 31.96
N ALA G 223 -2.43 5.12 33.17
CA ALA G 223 -3.52 4.25 33.61
C ALA G 223 -4.74 4.55 32.74
N LEU G 224 -4.83 5.79 32.26
CA LEU G 224 -5.98 6.17 31.46
C LEU G 224 -5.72 6.03 29.97
N THR G 225 -4.57 5.47 29.60
CA THR G 225 -4.19 5.29 28.20
C THR G 225 -4.41 3.85 27.79
N HIS G 226 -5.26 3.66 26.79
CA HIS G 226 -5.62 2.32 26.37
C HIS G 226 -5.84 2.39 24.89
N ASP G 227 -4.83 1.98 24.13
CA ASP G 227 -4.82 2.12 22.69
C ASP G 227 -5.25 3.54 22.37
N ASP G 228 -6.28 3.72 21.56
CA ASP G 228 -6.74 5.06 21.23
C ASP G 228 -8.02 5.52 21.94
N PHE G 229 -8.43 4.80 22.99
CA PHE G 229 -9.60 5.20 23.76
C PHE G 229 -9.44 6.63 24.31
N ARG G 230 -10.52 7.38 24.32
CA ARG G 230 -10.47 8.73 24.82
C ARG G 230 -10.98 8.72 26.23
N ASN G 231 -10.13 8.22 27.12
CA ASN G 231 -10.49 8.05 28.51
C ASN G 231 -10.29 9.34 29.32
N ALA G 232 -9.06 9.85 29.33
CA ALA G 232 -8.68 11.07 30.05
C ALA G 232 -9.14 12.32 29.35
N TRP G 233 -9.55 13.29 30.15
CA TRP G 233 -9.99 14.56 29.65
C TRP G 233 -9.82 15.64 30.70
N PHE G 234 -9.64 16.86 30.19
CA PHE G 234 -9.75 18.06 31.00
C PHE G 234 -10.56 19.10 30.21
N VAL G 235 -11.13 20.06 30.93
CA VAL G 235 -11.76 21.23 30.35
C VAL G 235 -10.77 22.37 30.56
N ASP G 236 -10.46 23.09 29.48
CA ASP G 236 -9.62 24.29 29.59
C ASP G 236 -10.46 25.47 30.06
N ALA G 237 -9.82 26.63 30.16
CA ALA G 237 -10.42 27.88 30.64
C ALA G 237 -11.64 28.30 29.80
N SER G 238 -11.56 27.99 28.51
CA SER G 238 -12.48 28.48 27.50
C SER G 238 -13.52 27.43 27.10
N GLY G 239 -13.86 26.54 28.07
CA GLY G 239 -14.97 25.60 27.90
C GLY G 239 -14.75 24.43 26.97
N ARG G 240 -13.54 24.30 26.41
CA ARG G 240 -13.26 23.22 25.48
C ARG G 240 -12.86 21.95 26.24
N LYS G 241 -13.49 20.81 25.91
CA LYS G 241 -13.04 19.49 26.42
C LYS G 241 -11.84 19.04 25.60
N VAL G 242 -10.78 18.57 26.25
CA VAL G 242 -9.64 17.99 25.51
C VAL G 242 -9.27 16.63 26.08
N PHE G 243 -9.15 15.68 25.17
CA PHE G 243 -8.81 14.32 25.52
C PHE G 243 -7.28 14.15 25.50
N VAL G 244 -6.77 13.40 26.47
CA VAL G 244 -5.35 13.18 26.60
C VAL G 244 -5.07 11.70 26.63
N ARG G 245 -3.98 11.30 25.98
CA ARG G 245 -3.32 10.02 26.29
C ARG G 245 -1.81 10.21 26.17
N VAL G 246 -1.05 9.34 26.83
CA VAL G 246 0.42 9.43 26.85
C VAL G 246 1.05 8.30 26.02
N VAL G 247 2.23 8.57 25.44
CA VAL G 247 3.01 7.54 24.78
C VAL G 247 4.33 7.40 25.55
N LEU G 248 4.56 6.20 26.10
CA LEU G 248 5.78 5.91 26.83
C LEU G 248 6.62 4.88 26.09
N GLU G 249 7.88 5.19 25.88
CA GLU G 249 8.80 4.31 25.18
C GLU G 249 10.07 4.14 26.00
N PRO G 250 10.29 2.93 26.53
CA PRO G 250 11.50 2.74 27.32
C PRO G 250 12.75 2.76 26.40
N GLU G 251 13.88 3.29 26.86
CA GLU G 251 15.13 3.19 26.08
C GLU G 251 15.47 1.73 25.81
N LYS G 252 15.87 1.46 24.57
CA LYS G 252 16.30 0.11 24.16
C LYS G 252 17.54 -0.22 24.96
N PRO G 253 17.62 -1.46 25.50
CA PRO G 253 18.61 -1.80 26.53
C PRO G 253 20.08 -1.85 26.08
N MET H 22 17.45 45.00 -8.63
CA MET H 22 18.88 45.43 -8.53
C MET H 22 19.48 45.34 -7.11
N VAL H 23 18.66 45.01 -6.10
CA VAL H 23 19.11 44.77 -4.72
C VAL H 23 19.57 43.32 -4.64
N THR H 24 20.82 43.08 -4.25
CA THR H 24 21.32 41.71 -4.16
C THR H 24 21.25 41.18 -2.72
N ILE H 25 20.65 40.00 -2.56
CA ILE H 25 20.40 39.46 -1.24
C ILE H 25 21.11 38.13 -0.98
N LEU H 26 21.68 38.05 0.21
CA LEU H 26 22.14 36.79 0.78
C LEU H 26 21.14 36.30 1.82
N ILE H 27 20.57 35.13 1.62
CA ILE H 27 19.80 34.48 2.67
C ILE H 27 20.68 33.47 3.36
N LEU H 28 20.59 33.43 4.69
CA LEU H 28 21.30 32.43 5.49
C LEU H 28 20.35 31.72 6.40
N THR H 29 20.27 30.40 6.29
CA THR H 29 19.47 29.63 7.25
C THR H 29 19.85 28.16 7.30
N ASP H 30 19.72 27.56 8.48
CA ASP H 30 19.94 26.12 8.63
C ASP H 30 18.64 25.37 8.73
N ASN H 31 17.55 26.11 8.81
CA ASN H 31 16.24 25.52 9.01
C ASN H 31 15.58 25.06 7.70
N VAL H 32 15.04 23.85 7.71
CA VAL H 32 14.46 23.23 6.52
C VAL H 32 13.23 24.01 5.94
N HIS H 33 12.34 24.49 6.80
CA HIS H 33 11.15 25.25 6.31
C HIS H 33 11.51 26.65 5.79
N ALA H 34 12.34 27.36 6.55
CA ALA H 34 12.80 28.67 6.11
C ALA H 34 13.59 28.53 4.80
N HIS H 35 14.28 27.41 4.65
CA HIS H 35 15.02 27.20 3.41
C HIS H 35 14.07 27.06 2.21
N ALA H 36 12.99 26.32 2.35
CA ALA H 36 12.01 26.19 1.27
C ALA H 36 11.42 27.54 0.90
N LEU H 37 11.15 28.37 1.92
CA LEU H 37 10.66 29.71 1.70
C LEU H 37 11.68 30.54 0.94
N ALA H 38 12.95 30.49 1.37
CA ALA H 38 14.03 31.22 0.70
C ALA H 38 14.13 30.87 -0.80
N VAL H 39 13.96 29.58 -1.10
CA VAL H 39 14.03 29.11 -2.47
C VAL H 39 12.92 29.78 -3.31
N ASP H 40 11.74 29.92 -2.71
CA ASP H 40 10.64 30.56 -3.41
C ASP H 40 10.88 32.05 -3.59
N LEU H 41 11.43 32.69 -2.57
CA LEU H 41 11.77 34.10 -2.67
C LEU H 41 12.77 34.28 -3.80
N GLN H 42 13.74 33.38 -3.87
CA GLN H 42 14.77 33.43 -4.90
C GLN H 42 14.18 33.29 -6.31
N ALA H 43 13.24 32.37 -6.45
CA ALA H 43 12.47 32.20 -7.69
C ALA H 43 11.78 33.52 -8.11
N ARG H 44 11.33 34.30 -7.13
CA ARG H 44 10.64 35.56 -7.40
C ARG H 44 11.61 36.75 -7.48
N HIS H 45 12.61 36.81 -6.62
CA HIS H 45 13.49 37.97 -6.62
C HIS H 45 14.61 37.87 -7.62
N GLY H 46 15.11 36.67 -7.88
CA GLY H 46 16.20 36.48 -8.84
C GLY H 46 17.60 36.71 -8.31
N ASP H 47 17.95 37.96 -8.03
CA ASP H 47 19.32 38.32 -7.62
C ASP H 47 19.50 38.09 -6.13
N MET H 48 19.63 36.80 -5.77
CA MET H 48 19.61 36.37 -4.40
C MET H 48 20.31 35.02 -4.28
N ASP H 49 21.16 34.88 -3.27
CA ASP H 49 21.75 33.58 -2.97
C ASP H 49 21.20 32.99 -1.67
N VAL H 50 21.18 31.65 -1.60
CA VAL H 50 20.65 30.94 -0.45
C VAL H 50 21.70 29.96 0.07
N TYR H 51 22.20 30.24 1.28
CA TYR H 51 23.23 29.48 1.96
C TYR H 51 22.80 28.98 3.32
N GLN H 52 23.54 27.98 3.82
CA GLN H 52 23.42 27.51 5.20
C GLN H 52 24.77 27.69 5.89
N SER H 53 24.82 27.46 7.21
CA SER H 53 26.09 27.61 7.95
C SER H 53 26.95 26.34 7.82
N PRO H 54 28.21 26.37 8.33
CA PRO H 54 28.99 25.14 8.20
C PRO H 54 28.44 23.96 9.01
N ILE H 55 27.56 24.24 9.96
CA ILE H 55 26.97 23.15 10.74
C ILE H 55 25.54 22.84 10.31
N GLY H 56 25.10 23.51 9.25
CA GLY H 56 23.76 23.28 8.73
C GLY H 56 23.62 21.84 8.26
N GLN H 57 22.42 21.29 8.27
CA GLN H 57 22.30 19.95 7.80
C GLN H 57 21.34 19.83 6.63
N LEU H 58 21.28 20.84 5.78
CA LEU H 58 20.38 20.79 4.63
C LEU H 58 21.19 20.21 3.45
N PRO H 59 20.79 19.04 2.94
CA PRO H 59 21.65 18.46 1.87
C PRO H 59 21.61 19.30 0.58
N GLY H 60 22.76 19.48 -0.05
CA GLY H 60 22.83 20.19 -1.32
C GLY H 60 22.72 21.71 -1.25
N VAL H 61 22.64 22.24 -0.03
CA VAL H 61 22.64 23.69 0.21
C VAL H 61 24.09 24.21 0.47
N PRO H 62 24.58 25.14 -0.37
CA PRO H 62 25.95 25.63 -0.22
C PRO H 62 26.20 26.31 1.15
N ARG H 63 27.45 26.23 1.60
CA ARG H 63 27.79 26.52 2.98
C ARG H 63 28.53 27.84 3.07
N CYS H 64 28.16 28.65 4.06
CA CYS H 64 28.84 29.93 4.28
C CYS H 64 29.32 30.02 5.73
N ASP H 65 30.61 30.26 5.89
CA ASP H 65 31.19 30.46 7.22
C ASP H 65 31.26 31.97 7.44
N VAL H 66 30.20 32.53 8.05
CA VAL H 66 30.01 33.98 8.08
C VAL H 66 31.19 34.72 8.70
N ALA H 67 31.69 34.20 9.81
CA ALA H 67 32.85 34.77 10.50
C ALA H 67 34.06 34.97 9.57
N GLU H 68 34.27 34.03 8.66
CA GLU H 68 35.43 34.08 7.74
C GLU H 68 35.17 34.80 6.43
N ARG H 69 33.97 35.33 6.26
CA ARG H 69 33.49 35.79 4.95
C ARG H 69 32.92 37.23 4.97
N VAL H 70 33.22 37.97 6.04
CA VAL H 70 32.66 39.32 6.22
C VAL H 70 32.97 40.26 5.06
N ALA H 71 34.23 40.41 4.70
CA ALA H 71 34.61 41.27 3.57
C ALA H 71 33.87 40.92 2.27
N GLU H 72 33.73 39.62 2.00
CA GLU H 72 33.13 39.14 0.75
C GLU H 72 31.63 39.43 0.72
N ILE H 73 30.97 39.15 1.85
CA ILE H 73 29.55 39.38 1.99
C ILE H 73 29.25 40.87 1.81
N VAL H 74 30.01 41.72 2.50
CA VAL H 74 29.78 43.16 2.45
C VAL H 74 29.95 43.70 1.04
N GLU H 75 30.96 43.20 0.33
CA GLU H 75 31.24 43.65 -1.01
C GLU H 75 30.14 43.19 -1.99
N ARG H 76 29.66 41.96 -1.86
CA ARG H 76 28.74 41.39 -2.87
C ARG H 76 27.22 41.64 -2.68
N TYR H 77 26.77 41.84 -1.44
CA TYR H 77 25.33 41.89 -1.09
C TYR H 77 24.88 43.26 -0.54
N ASP H 78 23.62 43.62 -0.80
CA ASP H 78 23.03 44.84 -0.27
C ASP H 78 22.20 44.53 0.96
N LEU H 79 21.88 43.25 1.16
CA LEU H 79 21.02 42.83 2.26
C LEU H 79 21.35 41.40 2.64
N VAL H 80 21.57 41.17 3.92
CA VAL H 80 21.73 39.83 4.45
C VAL H 80 20.46 39.50 5.23
N LEU H 81 19.80 38.41 4.86
CA LEU H 81 18.54 38.07 5.48
C LEU H 81 18.62 36.65 6.03
N SER H 82 18.61 36.54 7.36
CA SER H 82 18.79 35.27 8.01
C SER H 82 17.48 34.82 8.58
N PHE H 83 17.35 33.51 8.76
CA PHE H 83 16.15 32.93 9.33
C PHE H 83 16.58 31.98 10.44
N HIS H 84 16.01 32.19 11.63
CA HIS H 84 16.23 31.32 12.80
C HIS H 84 17.69 31.27 13.21
N CYS H 85 18.41 32.36 12.94
CA CYS H 85 19.82 32.46 13.28
C CYS H 85 20.10 32.27 14.78
N LYS H 86 21.16 31.53 15.09
CA LYS H 86 21.48 31.19 16.47
C LYS H 86 22.88 31.60 16.94
N GLN H 87 23.59 32.34 16.12
CA GLN H 87 24.89 32.82 16.54
C GLN H 87 25.05 34.26 16.15
N ARG H 88 25.67 35.03 17.04
CA ARG H 88 25.89 36.45 16.84
C ARG H 88 26.71 36.66 15.59
N PHE H 89 26.33 37.68 14.84
CA PHE H 89 27.05 38.12 13.67
C PHE H 89 28.29 38.91 14.12
N PRO H 90 29.34 38.93 13.27
CA PRO H 90 30.49 39.77 13.59
C PRO H 90 30.03 41.22 13.53
N ALA H 91 30.60 42.04 14.42
CA ALA H 91 30.38 43.48 14.43
C ALA H 91 30.56 44.15 13.07
N ALA H 92 31.67 43.80 12.39
CA ALA H 92 31.96 44.35 11.08
C ALA H 92 30.88 44.01 10.03
N LEU H 93 30.21 42.88 10.20
CA LEU H 93 29.17 42.51 9.23
C LEU H 93 27.93 43.43 9.37
N ILE H 94 27.46 43.58 10.61
CA ILE H 94 26.30 44.43 10.94
C ILE H 94 26.52 45.86 10.42
N ASP H 95 27.74 46.34 10.62
CA ASP H 95 28.23 47.61 10.13
C ASP H 95 28.29 47.82 8.62
N GLY H 96 28.74 46.78 7.90
CA GLY H 96 29.07 46.91 6.48
C GLY H 96 27.88 46.79 5.54
N VAL H 97 26.83 46.12 6.01
CA VAL H 97 25.69 45.77 5.18
C VAL H 97 24.43 45.60 6.08
N ARG H 98 23.26 45.93 5.53
CA ARG H 98 22.00 45.84 6.24
C ARG H 98 21.68 44.37 6.52
N CYS H 99 21.54 44.03 7.80
CA CYS H 99 21.34 42.65 8.21
C CYS H 99 20.02 42.57 8.94
N VAL H 100 19.19 41.63 8.51
CA VAL H 100 17.87 41.42 9.08
C VAL H 100 17.67 39.94 9.37
N ASN H 101 17.03 39.63 10.50
CA ASN H 101 16.73 38.23 10.87
C ASN H 101 15.24 38.02 10.95
N VAL H 102 14.81 36.79 10.62
CA VAL H 102 13.44 36.36 10.81
C VAL H 102 13.45 35.31 11.93
N HIS H 103 12.77 35.62 13.03
CA HIS H 103 12.83 34.77 14.22
C HIS H 103 11.47 34.20 14.55
N PRO H 104 11.37 32.85 14.68
CA PRO H 104 10.09 32.26 15.01
C PRO H 104 9.75 32.38 16.49
N GLY H 105 9.94 33.58 17.06
CA GLY H 105 9.51 33.87 18.43
C GLY H 105 8.88 35.25 18.43
N PHE H 106 8.17 35.59 19.49
CA PHE H 106 7.65 36.96 19.60
C PHE H 106 8.61 37.83 20.44
N ASN H 107 9.55 38.54 19.82
CA ASN H 107 10.51 39.37 20.59
C ASN H 107 9.71 40.39 21.42
N PRO H 108 10.15 40.70 22.66
CA PRO H 108 11.38 40.18 23.31
C PRO H 108 11.20 38.90 24.18
N TYR H 109 10.03 38.25 24.09
CA TYR H 109 9.74 37.08 24.94
C TYR H 109 10.34 35.76 24.40
N ASN H 110 11.04 35.03 25.27
CA ASN H 110 11.64 33.75 24.92
C ASN H 110 12.42 33.80 23.62
N ARG H 111 13.26 34.83 23.51
CA ARG H 111 14.24 34.93 22.46
C ARG H 111 15.12 33.69 22.49
N GLY H 112 15.76 33.40 21.35
CA GLY H 112 16.65 32.25 21.26
C GLY H 112 15.91 30.99 20.87
N TRP H 113 16.31 29.89 21.51
CA TRP H 113 15.95 28.53 21.09
C TRP H 113 14.51 28.14 21.41
N PHE H 114 13.86 27.51 20.43
CA PHE H 114 12.55 26.85 20.62
C PHE H 114 11.55 27.69 21.41
N PRO H 115 11.24 28.93 20.94
CA PRO H 115 10.38 29.85 21.68
C PRO H 115 9.05 29.22 22.09
N GLN H 116 8.41 28.46 21.19
CA GLN H 116 7.08 27.87 21.50
C GLN H 116 7.10 26.92 22.70
N VAL H 117 8.22 26.20 22.87
CA VAL H 117 8.43 25.34 24.03
C VAL H 117 8.32 26.12 25.35
N PHE H 118 9.15 27.17 25.51
CA PHE H 118 9.17 27.98 26.73
C PHE H 118 7.91 28.79 26.93
N SER H 119 7.29 29.24 25.83
CA SER H 119 6.01 29.96 25.89
C SER H 119 4.84 29.05 26.30
N ILE H 120 4.84 27.80 25.85
CA ILE H 120 3.90 26.81 26.40
C ILE H 120 4.09 26.71 27.92
N ILE H 121 5.33 26.69 28.40
CA ILE H 121 5.55 26.55 29.84
C ILE H 121 5.25 27.83 30.60
N ASP H 122 5.62 28.99 30.07
CA ASP H 122 5.48 30.24 30.81
C ASP H 122 4.30 31.15 30.40
N GLY H 123 3.57 30.80 29.34
CA GLY H 123 2.42 31.62 28.89
C GLY H 123 2.74 32.97 28.25
N GLN H 124 4.02 33.27 28.03
CA GLN H 124 4.41 34.48 27.31
C GLN H 124 4.00 34.34 25.84
N LYS H 125 3.84 35.46 25.15
CA LYS H 125 3.43 35.40 23.74
C LYS H 125 4.42 34.60 22.81
N VAL H 126 3.88 34.01 21.75
CA VAL H 126 4.72 33.39 20.71
C VAL H 126 4.20 33.92 19.37
N GLY H 127 4.98 33.75 18.32
CA GLY H 127 4.69 34.36 17.03
C GLY H 127 5.98 34.41 16.24
N VAL H 128 6.01 35.19 15.17
CA VAL H 128 7.18 35.38 14.32
C VAL H 128 7.64 36.84 14.38
N THR H 129 8.95 37.11 14.42
CA THR H 129 9.46 38.50 14.45
C THR H 129 10.50 38.71 13.36
N ILE H 130 10.28 39.74 12.54
CA ILE H 130 11.30 40.20 11.59
C ILE H 130 11.97 41.44 12.14
N HIS H 131 13.28 41.37 12.35
CA HIS H 131 14.00 42.46 13.02
C HIS H 131 15.38 42.76 12.45
N GLU H 132 15.87 43.97 12.68
CA GLU H 132 17.25 44.27 12.39
C GLU H 132 18.18 43.54 13.37
N ILE H 133 19.32 43.07 12.86
CA ILE H 133 20.32 42.36 13.67
C ILE H 133 21.22 43.36 14.39
N ASP H 134 21.38 43.20 15.70
CA ASP H 134 22.37 43.96 16.49
C ASP H 134 23.36 42.98 17.14
N ASP H 135 24.14 43.43 18.11
CA ASP H 135 25.21 42.62 18.72
C ASP H 135 24.74 41.47 19.64
N GLN H 136 23.44 41.39 19.91
CA GLN H 136 22.90 40.31 20.74
C GLN H 136 21.89 39.44 19.98
N LEU H 137 21.65 38.24 20.50
CA LEU H 137 20.82 37.25 19.83
C LEU H 137 19.33 37.62 19.92
N ASP H 138 18.66 37.75 18.77
CA ASP H 138 17.21 37.99 18.75
C ASP H 138 16.85 39.23 19.58
N HIS H 139 17.55 40.33 19.26
CA HIS H 139 17.51 41.61 19.95
C HIS H 139 17.66 42.61 18.78
N GLY H 140 17.16 43.83 18.95
CA GLY H 140 17.30 44.82 17.87
C GLY H 140 15.97 45.26 17.29
N PRO H 141 15.94 46.43 16.64
CA PRO H 141 14.70 47.05 16.18
C PRO H 141 13.80 46.12 15.37
N ILE H 142 12.54 46.05 15.77
CA ILE H 142 11.57 45.15 15.14
C ILE H 142 10.96 45.77 13.87
N ILE H 143 11.03 45.06 12.74
CA ILE H 143 10.45 45.53 11.48
C ILE H 143 8.97 45.16 11.43
N ALA H 144 8.66 43.92 11.80
CA ALA H 144 7.29 43.47 11.91
C ALA H 144 7.22 42.19 12.73
N GLN H 145 6.09 41.98 13.38
CA GLN H 145 5.87 40.71 14.05
C GLN H 145 4.39 40.39 14.00
N ARG H 146 4.04 39.14 14.23
CA ARG H 146 2.66 38.70 14.26
C ARG H 146 2.57 37.60 15.28
N GLU H 147 1.50 37.62 16.05
CA GLU H 147 1.31 36.67 17.11
C GLU H 147 0.76 35.37 16.57
N CYS H 148 1.09 34.29 17.28
CA CYS H 148 0.46 33.00 17.04
C CYS H 148 -0.22 32.56 18.32
N ALA H 149 -1.54 32.43 18.27
CA ALA H 149 -2.30 31.93 19.40
C ALA H 149 -1.85 30.50 19.81
N ILE H 150 -1.81 30.24 21.12
CA ILE H 150 -1.47 28.91 21.66
C ILE H 150 -2.68 28.29 22.38
N GLU H 151 -3.21 27.24 21.80
CA GLU H 151 -4.39 26.54 22.36
C GLU H 151 -4.01 25.57 23.45
N SER H 152 -4.94 25.31 24.37
CA SER H 152 -4.80 24.31 25.40
C SER H 152 -4.44 22.91 24.90
N TRP H 153 -4.79 22.58 23.66
CA TRP H 153 -4.49 21.25 23.07
C TRP H 153 -3.25 21.19 22.19
N ASP H 154 -2.59 22.34 22.04
CA ASP H 154 -1.40 22.41 21.19
C ASP H 154 -0.24 21.72 21.85
N SER H 155 0.64 21.19 21.01
CA SER H 155 1.98 20.79 21.44
C SER H 155 2.99 21.75 20.80
N SER H 156 4.26 21.60 21.16
CA SER H 156 5.30 22.33 20.48
C SER H 156 5.24 22.11 18.98
N GLY H 157 4.99 20.86 18.58
CA GLY H 157 4.97 20.50 17.18
C GLY H 157 3.84 21.18 16.44
N SER H 158 2.65 21.19 17.05
CA SER H 158 1.50 21.75 16.36
C SER H 158 1.60 23.29 16.30
N VAL H 159 2.08 23.93 17.37
CA VAL H 159 2.36 25.40 17.34
C VAL H 159 3.42 25.74 16.28
N TYR H 160 4.52 25.02 16.31
CA TYR H 160 5.57 25.17 15.33
C TYR H 160 5.07 25.11 13.86
N ALA H 161 4.22 24.14 13.53
CA ALA H 161 3.71 24.04 12.16
C ALA H 161 2.98 25.33 11.73
N ARG H 162 2.16 25.87 12.64
CA ARG H 162 1.45 27.11 12.32
C ARG H 162 2.42 28.32 12.24
N LEU H 163 3.46 28.33 13.09
CA LEU H 163 4.47 29.39 13.06
C LEU H 163 5.16 29.48 11.73
N MET H 164 5.42 28.32 11.10
CA MET H 164 6.07 28.30 9.79
C MET H 164 5.15 28.88 8.72
N ASP H 165 3.84 28.58 8.80
CA ASP H 165 2.89 29.22 7.87
C ASP H 165 2.85 30.72 8.07
N ILE H 166 2.89 31.14 9.34
CA ILE H 166 2.85 32.54 9.70
C ILE H 166 4.12 33.23 9.22
N GLU H 167 5.28 32.62 9.47
CA GLU H 167 6.52 33.10 8.90
C GLU H 167 6.41 33.32 7.39
N ARG H 168 5.83 32.37 6.64
CA ARG H 168 5.70 32.53 5.18
C ARG H 168 4.82 33.73 4.84
N GLU H 169 3.66 33.80 5.48
CA GLU H 169 2.72 34.90 5.24
C GLU H 169 3.35 36.26 5.57
N LEU H 170 3.99 36.36 6.74
CA LEU H 170 4.55 37.65 7.20
C LEU H 170 5.73 38.11 6.32
N VAL H 171 6.61 37.18 5.99
CA VAL H 171 7.77 37.49 5.16
C VAL H 171 7.34 37.91 3.77
N LEU H 172 6.42 37.17 3.18
CA LEU H 172 5.97 37.51 1.84
C LEU H 172 5.26 38.86 1.83
N GLU H 173 4.45 39.14 2.87
CA GLU H 173 3.76 40.43 2.97
C GLU H 173 4.79 41.57 2.98
N HIS H 174 5.88 41.35 3.69
CA HIS H 174 6.81 42.42 3.95
C HIS H 174 8.04 42.38 3.05
N PHE H 175 8.08 41.42 2.13
CA PHE H 175 9.29 41.23 1.34
C PHE H 175 9.77 42.50 0.63
N ASP H 176 8.86 43.22 -0.01
CA ASP H 176 9.25 44.37 -0.80
C ASP H 176 9.87 45.44 0.07
N ALA H 177 9.30 45.63 1.26
CA ALA H 177 9.77 46.63 2.21
C ALA H 177 11.15 46.26 2.76
N ILE H 178 11.29 45.01 3.17
CA ILE H 178 12.59 44.46 3.60
C ILE H 178 13.63 44.64 2.49
N ARG H 179 13.23 44.34 1.25
CA ARG H 179 14.11 44.43 0.11
C ARG H 179 14.54 45.89 -0.10
N ASP H 180 13.55 46.78 -0.07
CA ASP H 180 13.75 48.21 -0.31
C ASP H 180 14.28 48.97 0.89
N GLY H 181 14.21 48.38 2.08
CA GLY H 181 14.57 49.08 3.30
C GLY H 181 13.60 50.21 3.62
N SER H 182 12.40 50.14 3.04
CA SER H 182 11.38 51.20 3.19
C SER H 182 10.47 50.95 4.38
N TYR H 183 11.08 50.78 5.55
CA TYR H 183 10.37 50.55 6.80
C TYR H 183 10.96 51.47 7.87
N THR H 184 10.26 51.61 8.99
CA THR H 184 10.83 52.21 10.21
C THR H 184 10.73 51.19 11.34
N ALA H 185 11.88 50.62 11.71
CA ALA H 185 11.97 49.68 12.83
C ALA H 185 11.89 50.40 14.18
N LYS H 186 11.34 49.70 15.19
CA LYS H 186 11.29 50.18 16.57
C LYS H 186 11.80 49.09 17.51
N SER H 187 12.76 49.44 18.37
CA SER H 187 13.31 48.51 19.36
C SER H 187 12.28 48.05 20.40
N PRO H 188 12.40 46.78 20.87
CA PRO H 188 11.52 46.24 21.92
C PRO H 188 11.50 47.12 23.18
N ALA H 189 10.34 47.15 23.85
CA ALA H 189 10.06 47.99 25.02
C ALA H 189 10.85 47.58 26.25
N THR H 190 11.15 46.28 26.36
CA THR H 190 12.00 45.73 27.43
C THR H 190 12.99 44.72 26.85
N GLU H 191 13.98 44.29 27.62
CA GLU H 191 14.95 43.27 27.18
C GLU H 191 14.34 41.84 27.05
N GLY H 192 13.24 41.58 27.75
CA GLY H 192 12.60 40.26 27.76
C GLY H 192 13.52 39.20 28.32
N ASN H 193 13.58 38.02 27.70
CA ASN H 193 14.40 36.94 28.24
C ASN H 193 14.94 36.04 27.14
N LEU H 194 16.01 35.31 27.46
CA LEU H 194 16.73 34.53 26.46
C LEU H 194 17.07 33.10 26.93
N ASN H 195 16.77 32.15 26.05
CA ASN H 195 17.04 30.74 26.28
C ASN H 195 18.02 30.21 25.27
N LEU H 196 19.00 29.46 25.77
CA LEU H 196 19.96 28.75 24.93
C LEU H 196 19.67 27.26 24.92
N LYS H 197 20.36 26.53 24.04
CA LYS H 197 20.16 25.09 23.91
C LYS H 197 20.19 24.35 25.25
N LYS H 198 21.22 24.59 26.08
CA LYS H 198 21.32 23.84 27.33
C LYS H 198 20.11 24.08 28.27
N ASP H 199 19.43 25.23 28.13
CA ASP H 199 18.20 25.49 28.88
C ASP H 199 17.09 24.55 28.46
N PHE H 200 16.94 24.31 27.16
CA PHE H 200 16.00 23.32 26.66
C PHE H 200 16.38 21.93 27.19
N GLU H 201 17.67 21.61 27.12
CA GLU H 201 18.20 20.34 27.58
C GLU H 201 17.82 20.08 29.04
N GLN H 202 17.90 21.11 29.86
CA GLN H 202 17.56 20.98 31.27
C GLN H 202 16.07 20.69 31.49
N LEU H 203 15.19 21.17 30.61
CA LEU H 203 13.75 20.86 30.74
C LEU H 203 13.44 19.39 30.49
N ARG H 204 14.27 18.74 29.65
CA ARG H 204 13.97 17.41 29.13
C ARG H 204 13.84 16.32 30.20
N ARG H 205 14.63 16.43 31.28
CA ARG H 205 14.60 15.41 32.32
C ARG H 205 13.41 15.59 33.25
N LEU H 206 12.60 14.53 33.36
CA LEU H 206 11.46 14.52 34.27
C LEU H 206 11.84 13.90 35.61
N ASP H 207 11.92 14.75 36.64
CA ASP H 207 12.13 14.27 37.99
C ASP H 207 10.85 13.65 38.52
N LEU H 208 10.89 12.36 38.85
CA LEU H 208 9.67 11.71 39.34
C LEU H 208 9.21 12.22 40.73
N ASN H 209 10.14 12.78 41.49
CA ASN H 209 9.82 13.26 42.84
C ASN H 209 9.41 14.73 42.88
N GLU H 210 9.55 15.43 41.75
CA GLU H 210 9.16 16.82 41.68
C GLU H 210 7.63 17.00 41.73
N ARG H 211 7.18 18.14 42.27
CA ARG H 211 5.78 18.36 42.58
C ARG H 211 5.23 19.63 41.95
N GLY H 212 3.89 19.71 41.71
CA GLY H 212 3.25 20.89 41.10
C GLY H 212 1.81 20.57 40.73
N THR H 213 1.15 21.44 39.99
CA THR H 213 -0.20 21.07 39.52
C THR H 213 -0.14 20.21 38.24
N PHE H 214 -1.21 19.45 38.03
CA PHE H 214 -1.40 18.72 36.80
C PHE H 214 -1.33 19.64 35.60
N GLY H 215 -1.95 20.83 35.72
CA GLY H 215 -2.10 21.74 34.59
C GLY H 215 -0.76 22.20 34.07
N HIS H 216 0.10 22.60 35.01
CA HIS H 216 1.47 22.95 34.72
C HIS H 216 2.14 21.76 34.04
N PHE H 217 1.77 20.55 34.47
CA PHE H 217 2.45 19.34 34.04
C PHE H 217 2.13 18.99 32.58
N LEU H 218 0.86 19.05 32.24
CA LEU H 218 0.44 18.94 30.85
C LEU H 218 1.17 19.95 29.94
N ASN H 219 1.33 21.19 30.39
CA ASN H 219 2.12 22.19 29.65
C ASN H 219 3.52 21.70 29.43
N ARG H 220 4.13 21.23 30.51
CA ARG H 220 5.44 20.67 30.44
C ARG H 220 5.54 19.50 29.44
N LEU H 221 4.57 18.58 29.46
CA LEU H 221 4.57 17.46 28.53
C LEU H 221 4.29 17.90 27.10
N ARG H 222 3.28 18.74 26.93
CA ARG H 222 2.98 19.17 25.58
C ARG H 222 4.07 20.11 25.01
N ALA H 223 4.77 20.82 25.90
CA ALA H 223 5.89 21.69 25.50
C ALA H 223 7.02 20.84 24.90
N LEU H 224 7.12 19.61 25.40
CA LEU H 224 8.18 18.68 25.03
C LEU H 224 7.74 17.67 23.97
N THR H 225 6.54 17.86 23.45
CA THR H 225 6.01 17.00 22.42
C THR H 225 6.12 17.74 21.09
N HIS H 226 6.83 17.13 20.16
CA HIS H 226 7.02 17.71 18.86
C HIS H 226 7.23 16.55 17.87
N ASP H 227 6.17 16.25 17.11
CA ASP H 227 6.16 15.10 16.19
C ASP H 227 6.64 13.88 16.95
N ASP H 228 7.63 13.17 16.38
CA ASP H 228 8.18 11.97 17.03
C ASP H 228 9.45 12.23 17.84
N PHE H 229 9.84 13.48 18.05
CA PHE H 229 11.07 13.74 18.82
C PHE H 229 10.96 13.12 20.21
N ARG H 230 12.05 12.52 20.65
CA ARG H 230 12.16 11.94 21.97
C ARG H 230 12.76 13.00 22.93
N ASN H 231 11.95 14.02 23.25
CA ASN H 231 12.41 15.12 24.12
C ASN H 231 12.31 14.82 25.61
N ALA H 232 11.11 14.51 26.11
CA ALA H 232 10.93 14.27 27.57
C ALA H 232 11.33 12.87 27.98
N TRP H 233 11.97 12.73 29.13
CA TRP H 233 12.30 11.40 29.63
C TRP H 233 12.32 11.43 31.14
N PHE H 234 12.15 10.25 31.74
CA PHE H 234 12.42 10.05 33.15
C PHE H 234 13.20 8.75 33.29
N VAL H 235 13.80 8.58 34.46
CA VAL H 235 14.54 7.39 34.83
C VAL H 235 13.67 6.73 35.91
N ASP H 236 13.45 5.43 35.80
CA ASP H 236 12.57 4.79 36.79
C ASP H 236 13.45 4.33 37.95
N ALA H 237 12.89 3.63 38.93
CA ALA H 237 13.69 3.24 40.09
C ALA H 237 14.81 2.25 39.76
N SER H 238 14.69 1.54 38.64
CA SER H 238 15.74 0.59 38.24
C SER H 238 16.87 1.26 37.45
N GLY H 239 16.74 2.56 37.19
CA GLY H 239 17.71 3.26 36.35
C GLY H 239 17.34 3.21 34.87
N ARG H 240 16.18 2.66 34.57
CA ARG H 240 15.72 2.56 33.20
C ARG H 240 15.16 3.91 32.72
N LYS H 241 15.75 4.43 31.66
CA LYS H 241 15.27 5.62 30.97
C LYS H 241 13.97 5.38 30.14
N VAL H 242 13.01 6.29 30.25
CA VAL H 242 11.73 6.18 29.53
C VAL H 242 11.32 7.51 28.92
N PHE H 243 11.02 7.48 27.63
CA PHE H 243 10.62 8.68 26.90
C PHE H 243 9.12 8.86 26.90
N VAL H 244 8.70 10.13 26.88
CA VAL H 244 7.31 10.48 27.06
C VAL H 244 6.93 11.56 26.09
N ARG H 245 5.77 11.42 25.49
CA ARG H 245 5.09 12.56 24.88
C ARG H 245 3.59 12.38 25.04
N VAL H 246 2.84 13.41 24.69
CA VAL H 246 1.38 13.41 24.89
C VAL H 246 0.64 13.64 23.61
N VAL H 247 -0.54 13.05 23.52
CA VAL H 247 -1.47 13.28 22.44
C VAL H 247 -2.64 14.02 23.06
N LEU H 248 -2.91 15.20 22.52
CA LEU H 248 -4.01 16.02 23.00
C LEU H 248 -5.02 16.16 21.89
N GLU H 249 -6.29 15.95 22.21
CA GLU H 249 -7.33 15.95 21.20
C GLU H 249 -8.55 16.78 21.65
N PRO H 250 -8.73 18.00 21.09
CA PRO H 250 -9.95 18.74 21.40
C PRO H 250 -11.17 18.01 20.83
N GLU H 251 -12.26 17.96 21.60
CA GLU H 251 -13.53 17.40 21.13
C GLU H 251 -14.09 18.17 19.94
N LYS H 252 -14.81 17.47 19.06
CA LYS H 252 -15.68 18.09 18.04
C LYS H 252 -15.08 19.30 17.33
C1 EDO I . 31.94 -18.65 0.50
O1 EDO I . 32.09 -19.98 1.01
C2 EDO I . 30.46 -18.26 0.55
O2 EDO I . 29.69 -19.39 0.12
C1 EDO J . 13.74 -43.07 26.22
O1 EDO J . 13.17 -42.61 24.99
C2 EDO J . 13.66 -41.96 27.23
O2 EDO J . 12.43 -41.99 27.96
C1 EDO K . 1.66 -29.46 33.11
O1 EDO K . 2.65 -29.03 34.08
C2 EDO K . 1.93 -30.89 32.68
O2 EDO K . 1.39 -31.78 33.68
C1 EDO L . 34.96 -2.22 8.13
O1 EDO L . 34.94 -0.81 8.36
C2 EDO L . 36.34 -2.79 8.41
O2 EDO L . 37.35 -1.81 8.14
C1 EDO M . 41.04 24.29 -20.70
O1 EDO M . 39.99 24.49 -21.67
C2 EDO M . 41.14 25.50 -19.77
O2 EDO M . 40.13 25.39 -18.76
C1 EDO N . 25.17 20.54 -29.17
O1 EDO N . 25.73 19.67 -30.15
C2 EDO N . 26.08 21.72 -29.02
O2 EDO N . 26.19 22.29 -30.33
C1 EDO O . -9.20 -17.48 -30.47
O1 EDO O . -10.29 -18.10 -29.77
C2 EDO O . -9.21 -18.05 -31.88
O2 EDO O . -9.67 -19.40 -31.84
C1 EDO P . -6.71 -51.23 -9.10
O1 EDO P . -6.17 -51.03 -7.79
C2 EDO P . -8.19 -50.90 -9.24
O2 EDO P . -8.48 -49.66 -8.60
C1 EDO Q . 4.36 -43.70 3.80
O1 EDO Q . 5.24 -44.24 2.82
C2 EDO Q . 3.08 -44.51 3.85
O2 EDO Q . 3.41 -45.85 4.25
C1 EDO R . 7.94 -11.58 -34.71
O1 EDO R . 8.13 -10.71 -35.86
C2 EDO R . 7.76 -10.73 -33.44
O2 EDO R . 8.90 -9.87 -33.30
C1 EDO S . 6.40 26.33 -44.03
O1 EDO S . 7.17 26.67 -42.84
C2 EDO S . 5.43 27.46 -44.41
O2 EDO S . 5.04 28.32 -43.32
C1 EDO T . 4.24 -4.93 -23.89
O1 EDO T . 4.76 -6.28 -23.84
C2 EDO T . 5.27 -3.98 -24.52
O2 EDO T . 6.33 -4.72 -25.17
C1 EDO U . 0.07 19.61 -40.44
O1 EDO U . -0.34 19.35 -41.79
C2 EDO U . 1.27 18.71 -40.08
O2 EDO U . 1.58 17.75 -41.11
C1 EDO V . -34.85 8.14 5.04
O1 EDO V . -34.37 7.60 6.28
C2 EDO V . -36.20 8.83 5.27
O2 EDO V . -37.20 7.81 5.24
C1 EDO W . -41.42 -30.28 7.18
O1 EDO W . -40.11 -30.11 7.74
C2 EDO W . -41.27 -30.69 5.73
O2 EDO W . -40.40 -31.81 5.48
C1 EDO X . -26.91 -35.17 -2.66
O1 EDO X . -26.91 -36.56 -2.90
C2 EDO X . -26.20 -34.55 -3.85
O2 EDO X . -26.92 -34.90 -5.05
C1 EDO Y . -32.04 13.39 -12.49
O1 EDO Y . -32.36 14.73 -12.84
C2 EDO Y . -30.53 13.35 -12.25
O2 EDO Y . -29.88 13.84 -13.43
C1 EDO Z . -14.10 48.34 -13.69
O1 EDO Z . -12.99 47.67 -14.33
C2 EDO Z . -13.54 49.56 -12.97
O2 EDO Z . -12.61 49.13 -11.98
C1 EDO AA . -12.07 49.46 -21.01
O1 EDO AA . -11.71 48.59 -22.09
C2 EDO AA . -10.92 49.56 -20.00
O2 EDO AA . -9.66 49.24 -20.63
C1 EDO BA . -20.34 -22.20 43.18
O1 EDO BA . -21.31 -22.40 42.11
C2 EDO BA . -19.22 -23.25 43.24
O2 EDO BA . -19.65 -24.59 43.62
C1 EDO CA . -28.75 -21.40 26.87
O1 EDO CA . -29.70 -20.36 27.18
C2 EDO CA . -29.04 -22.59 27.77
O2 EDO CA . -29.09 -23.77 26.96
C1 EDO DA . 21.98 46.17 11.09
O1 EDO DA . 22.87 45.88 10.00
C2 EDO DA . 20.90 47.13 10.61
O2 EDO DA . 20.00 46.48 9.71
#